data_3TV7
#
_entry.id   3TV7
#
_cell.length_a   151.010
_cell.length_b   150.920
_cell.length_c   185.570
_cell.angle_alpha   90.00
_cell.angle_beta   90.00
_cell.angle_gamma   90.00
#
_symmetry.space_group_name_H-M   'C 2 2 21'
#
loop_
_entity.id
_entity.type
_entity.pdbx_description
1 polymer 'Rho-associated protein kinase 1'
2 non-polymer 1-[(1R)-1-(3-methoxyphenyl)ethyl]-3-(4-pyridin-4-yl-1,3-thiazol-2-yl)urea
3 non-polymer 1,2-ETHANEDIOL
4 water water
#
_entity_poly.entity_id   1
_entity_poly.type   'polypeptide(L)'
_entity_poly.pdbx_seq_one_letter_code
;SFETRFEKMDNLLRDPKSEVNSDCLLDGLDALVYDLDFPALRKNKNIDNFLSRYKDTINKIRDLRMKAEDYEVVKVIGRG
AFGEVQLVRHKSTRKVYAMKLLSKFEMIKRSDSAFFWEERDIMAFANSPWVVQLFYAFQDDRYLYMVMEYMPGGDLVNLM
SNYDVPEKWARFYTAEVVLALDAIHSMGFIHRDVKPDNMLLDKSGHLKLADFGTCMKMNKEGMVRCDTAVGTPDYISPEV
LKSQGGDGYYGRECDWWSVGVFLYEMLVGDTPFYADSLVGTYSKIMNHKNSLTFPDDNDISKEAKNLICAFLTDREVRLG
RNGVEEIKRHLFFKNDQWAWETLRDTVAPVVPDLSSDIDTSNFDDLEEDKGEEETFPIPKAFVGNQLPFVGFTYYSNRRY
LSSANPNDNR
;
_entity_poly.pdbx_strand_id   A,B,C,D
#
loop_
_chem_comp.id
_chem_comp.type
_chem_comp.name
_chem_comp.formula
07Q non-polymer 1-[(1R)-1-(3-methoxyphenyl)ethyl]-3-(4-pyridin-4-yl-1,3-thiazol-2-yl)urea 'C18 H18 N4 O2 S'
EDO non-polymer 1,2-ETHANEDIOL 'C2 H6 O2'
#
# COMPACT_ATOMS: atom_id res chain seq x y z
N THR A 4 14.22 -5.72 -15.41
CA THR A 4 14.23 -7.17 -15.30
C THR A 4 13.76 -7.70 -13.93
N ARG A 5 13.40 -6.79 -13.02
CA ARG A 5 13.16 -7.14 -11.60
C ARG A 5 14.49 -7.69 -11.09
N PHE A 6 15.58 -6.96 -11.32
CA PHE A 6 15.92 -5.62 -10.80
C PHE A 6 16.14 -5.51 -9.31
N GLU A 7 15.35 -4.67 -8.65
CA GLU A 7 15.93 -3.70 -7.74
C GLU A 7 17.16 -4.23 -6.97
N LYS A 8 16.99 -5.11 -5.98
CA LYS A 8 18.14 -5.62 -5.27
C LYS A 8 18.81 -4.46 -4.50
N MET A 9 18.41 -3.23 -4.84
CA MET A 9 18.93 -2.01 -4.20
C MET A 9 18.25 -1.85 -2.87
N ASP A 10 17.09 -2.50 -2.78
CA ASP A 10 16.39 -2.68 -1.52
C ASP A 10 17.32 -3.35 -0.52
N ASN A 11 18.01 -4.40 -0.97
CA ASN A 11 18.85 -5.16 -0.08
C ASN A 11 20.17 -4.46 0.17
N LEU A 12 20.68 -3.82 -0.87
CA LEU A 12 21.88 -2.99 -0.81
C LEU A 12 21.69 -1.85 0.17
N LEU A 13 20.48 -1.32 0.21
CA LEU A 13 20.14 -0.24 1.15
C LEU A 13 19.91 -0.75 2.56
N ARG A 14 19.38 -1.98 2.66
CA ARG A 14 19.02 -2.59 3.94
C ARG A 14 20.13 -3.44 4.59
N ASP A 15 21.19 -3.74 3.87
CA ASP A 15 22.24 -4.59 4.44
C ASP A 15 23.19 -3.82 5.35
N PRO A 16 23.22 -4.20 6.64
CA PRO A 16 24.07 -3.51 7.64
C PRO A 16 25.56 -3.57 7.28
N LYS A 17 25.91 -4.54 6.41
CA LYS A 17 27.28 -4.68 5.92
C LYS A 17 27.49 -3.97 4.58
N SER A 18 26.40 -3.46 4.00
CA SER A 18 26.48 -2.75 2.72
C SER A 18 26.93 -1.30 2.91
N GLU A 19 27.77 -0.83 2.00
CA GLU A 19 28.32 0.53 2.06
C GLU A 19 27.41 1.60 1.45
N VAL A 20 26.42 1.15 0.70
CA VAL A 20 25.34 1.99 0.20
C VAL A 20 24.10 1.97 1.08
N ASN A 21 24.18 1.35 2.26
CA ASN A 21 22.99 1.28 3.11
C ASN A 21 22.56 2.68 3.59
N SER A 22 21.32 2.80 4.06
CA SER A 22 20.70 4.08 4.37
C SER A 22 21.60 5.00 5.18
N ASP A 23 22.21 4.44 6.22
CA ASP A 23 23.02 5.22 7.16
C ASP A 23 24.33 5.74 6.53
N CYS A 24 24.97 4.92 5.73
CA CYS A 24 26.12 5.40 4.96
C CYS A 24 25.70 6.51 4.00
N LEU A 25 24.58 6.32 3.30
CA LEU A 25 24.04 7.36 2.42
C LEU A 25 23.84 8.70 3.16
N LEU A 26 23.27 8.63 4.36
CA LEU A 26 23.09 9.82 5.19
C LEU A 26 24.41 10.39 5.69
N ASP A 27 25.38 9.51 5.98
CA ASP A 27 26.71 9.95 6.38
C ASP A 27 27.32 10.74 5.24
N GLY A 28 27.05 10.28 4.02
CA GLY A 28 27.55 10.96 2.83
C GLY A 28 27.09 12.40 2.83
N LEU A 29 25.80 12.60 3.00
CA LEU A 29 25.25 13.92 2.84
C LEU A 29 25.71 14.79 4.00
N ASP A 30 25.77 14.17 5.17
CA ASP A 30 26.22 14.88 6.36
C ASP A 30 27.69 15.34 6.20
N ALA A 31 28.57 14.43 5.80
CA ALA A 31 29.97 14.76 5.56
C ALA A 31 30.11 15.89 4.52
N LEU A 32 29.37 15.75 3.42
CA LEU A 32 29.40 16.72 2.34
C LEU A 32 29.12 18.13 2.87
N VAL A 33 28.05 18.25 3.65
CA VAL A 33 27.66 19.56 4.14
C VAL A 33 28.72 20.14 5.08
N TYR A 34 29.13 19.36 6.08
CA TYR A 34 30.18 19.79 7.03
C TYR A 34 31.37 20.39 6.28
N ASP A 35 31.84 19.64 5.28
CA ASP A 35 33.04 19.95 4.48
C ASP A 35 32.89 21.10 3.46
N LEU A 36 31.65 21.43 3.12
CA LEU A 36 31.40 22.55 2.23
C LEU A 36 31.09 23.84 2.96
N ASP A 37 30.83 23.76 4.25
CA ASP A 37 30.27 24.95 4.88
C ASP A 37 31.36 25.85 5.47
N PHE A 38 31.59 26.96 4.80
CA PHE A 38 32.77 27.80 5.00
C PHE A 38 32.65 29.04 4.13
N PRO A 39 33.18 30.17 4.64
CA PRO A 39 33.07 31.43 3.90
C PRO A 39 33.70 31.33 2.52
N ALA A 40 34.94 30.85 2.48
CA ALA A 40 35.69 30.77 1.23
C ALA A 40 34.96 29.90 0.21
N LEU A 41 34.35 28.83 0.70
CA LEU A 41 33.70 27.86 -0.17
C LEU A 41 32.32 28.32 -0.64
N ARG A 42 31.70 29.24 0.08
CA ARG A 42 30.38 29.71 -0.29
C ARG A 42 30.47 30.79 -1.37
N LYS A 43 31.69 31.14 -1.76
CA LYS A 43 31.90 32.05 -2.89
C LYS A 43 31.65 31.34 -4.21
N ASN A 44 31.80 30.03 -4.19
CA ASN A 44 31.33 29.18 -5.29
C ASN A 44 29.79 29.12 -5.18
N LYS A 45 29.07 29.51 -6.23
CA LYS A 45 27.59 29.56 -6.15
C LYS A 45 27.00 28.16 -6.14
N ASN A 46 27.63 27.25 -6.90
CA ASN A 46 27.20 25.86 -6.88
C ASN A 46 27.04 25.41 -5.45
N ILE A 47 28.04 25.76 -4.64
CA ILE A 47 28.10 25.36 -3.25
C ILE A 47 27.11 26.11 -2.38
N ASP A 48 27.12 27.44 -2.45
CA ASP A 48 26.23 28.28 -1.67
C ASP A 48 24.78 27.84 -1.86
N ASN A 49 24.42 27.59 -3.12
CA ASN A 49 23.06 27.21 -3.49
C ASN A 49 22.65 25.84 -2.95
N PHE A 50 23.60 24.91 -2.96
CA PHE A 50 23.38 23.58 -2.47
C PHE A 50 23.17 23.61 -0.95
N LEU A 51 24.10 24.28 -0.27
CA LEU A 51 24.01 24.49 1.19
C LEU A 51 22.71 25.16 1.64
N SER A 52 22.26 26.19 0.94
CA SER A 52 21.02 26.84 1.34
C SER A 52 19.77 25.97 1.07
N ARG A 53 19.84 25.18 0.01
CA ARG A 53 18.80 24.20 -0.33
C ARG A 53 18.66 23.05 0.69
N TYR A 54 19.78 22.51 1.16
CA TYR A 54 19.76 21.35 2.07
C TYR A 54 19.94 21.67 3.56
N LYS A 55 20.19 22.94 3.87
CA LYS A 55 20.50 23.38 5.24
C LYS A 55 19.44 22.97 6.26
N ASP A 56 18.19 23.33 5.99
CA ASP A 56 17.10 23.02 6.92
C ASP A 56 16.97 21.53 7.13
N THR A 57 16.98 20.79 6.03
CA THR A 57 16.76 19.36 6.10
C THR A 57 17.97 18.66 6.79
N ILE A 58 19.17 19.22 6.62
CA ILE A 58 20.36 18.72 7.28
C ILE A 58 20.34 18.94 8.80
N ASN A 59 19.99 20.14 9.23
CA ASN A 59 19.82 20.41 10.66
C ASN A 59 18.83 19.46 11.34
N LYS A 60 17.73 19.22 10.63
CA LYS A 60 16.74 18.25 11.05
C LYS A 60 17.30 16.80 11.14
N ILE A 61 17.90 16.28 10.07
CA ILE A 61 18.47 14.94 10.15
C ILE A 61 19.40 14.81 11.37
N ARG A 62 20.29 15.78 11.55
CA ARG A 62 21.28 15.71 12.62
C ARG A 62 20.62 15.49 13.95
N ASP A 63 19.47 16.12 14.15
CA ASP A 63 18.71 15.94 15.36
C ASP A 63 17.94 14.61 15.43
N LEU A 64 17.46 14.14 14.30
CA LEU A 64 16.67 12.91 14.32
C LEU A 64 17.54 11.70 14.60
N ARG A 65 18.69 11.63 13.92
CA ARG A 65 19.62 10.50 14.07
C ARG A 65 20.32 10.50 15.43
N MET A 66 20.87 9.35 15.79
CA MET A 66 21.54 9.24 17.08
C MET A 66 22.69 10.24 17.22
N LYS A 67 22.72 10.93 18.36
CA LYS A 67 23.70 11.98 18.63
C LYS A 67 24.29 11.90 20.05
N ALA A 68 25.38 12.63 20.30
CA ALA A 68 25.99 12.62 21.63
C ALA A 68 25.01 13.12 22.73
N GLU A 69 24.23 14.16 22.44
CA GLU A 69 23.27 14.73 23.40
C GLU A 69 22.28 13.69 23.95
N ASP A 70 22.14 12.56 23.26
CA ASP A 70 21.21 11.51 23.69
C ASP A 70 21.70 10.72 24.93
N TYR A 71 22.92 11.01 25.36
CA TYR A 71 23.57 10.27 26.45
C TYR A 71 24.05 11.17 27.57
N GLU A 72 23.83 10.71 28.80
CA GLU A 72 24.38 11.34 30.00
C GLU A 72 25.77 10.74 30.21
N VAL A 73 26.79 11.57 30.43
CA VAL A 73 28.11 11.03 30.78
C VAL A 73 28.21 10.84 32.29
N VAL A 74 28.44 9.60 32.73
CA VAL A 74 28.49 9.27 34.16
C VAL A 74 29.89 9.45 34.72
N LYS A 75 30.83 8.66 34.21
CA LYS A 75 32.23 8.86 34.55
C LYS A 75 33.09 8.70 33.32
N VAL A 76 34.29 9.26 33.38
CA VAL A 76 35.28 9.00 32.36
C VAL A 76 36.19 7.87 32.85
N ILE A 77 36.07 6.72 32.22
CA ILE A 77 36.78 5.53 32.66
C ILE A 77 38.07 5.20 31.89
N GLY A 78 38.44 6.00 30.89
CA GLY A 78 39.68 5.75 30.16
C GLY A 78 40.13 6.84 29.20
N ARG A 79 41.43 6.91 28.92
CA ARG A 79 41.97 7.85 27.93
C ARG A 79 43.03 7.24 27.01
N GLY A 80 42.75 7.19 25.72
CA GLY A 80 43.69 6.62 24.77
C GLY A 80 44.43 7.62 23.91
N ALA A 81 44.32 8.91 24.25
CA ALA A 81 45.02 9.94 23.49
C ALA A 81 44.54 10.04 22.03
N PHE A 82 43.72 9.08 21.61
CA PHE A 82 42.86 9.30 20.45
C PHE A 82 41.47 9.66 20.95
N GLY A 83 41.33 9.68 22.27
CA GLY A 83 40.09 10.06 22.90
C GLY A 83 39.94 9.45 24.27
N GLU A 84 38.70 9.34 24.74
CA GLU A 84 38.44 8.72 26.03
C GLU A 84 37.38 7.63 25.90
N VAL A 85 37.12 6.97 27.01
CA VAL A 85 36.06 6.00 27.10
C VAL A 85 35.22 6.44 28.28
N GLN A 86 33.92 6.47 28.08
CA GLN A 86 33.03 6.99 29.10
C GLN A 86 31.98 5.96 29.47
N LEU A 87 31.60 5.93 30.74
CA LEU A 87 30.39 5.23 31.08
C LEU A 87 29.25 6.24 30.90
N VAL A 88 28.27 5.87 30.09
CA VAL A 88 27.21 6.78 29.68
C VAL A 88 25.87 6.11 29.99
N ARG A 89 24.84 6.91 30.23
CA ARG A 89 23.49 6.36 30.32
C ARG A 89 22.58 7.06 29.37
N HIS A 90 21.84 6.28 28.59
CA HIS A 90 20.86 6.86 27.69
C HIS A 90 19.77 7.59 28.48
N LYS A 91 19.51 8.84 28.12
CA LYS A 91 18.59 9.69 28.89
C LYS A 91 17.13 9.25 28.81
N SER A 92 16.77 8.53 27.76
CA SER A 92 15.40 8.02 27.65
C SER A 92 15.26 6.57 28.13
N THR A 93 15.93 5.63 27.45
CA THR A 93 15.87 4.22 27.81
C THR A 93 16.40 3.96 29.21
N ARG A 94 17.40 4.74 29.63
CA ARG A 94 17.99 4.59 30.98
C ARG A 94 19.03 3.46 31.06
N LYS A 95 19.22 2.76 29.95
CA LYS A 95 20.29 1.77 29.77
C LYS A 95 21.69 2.38 29.85
N VAL A 96 22.60 1.62 30.48
CA VAL A 96 24.01 2.05 30.66
C VAL A 96 24.97 1.39 29.67
N TYR A 97 25.84 2.19 29.08
CA TYR A 97 26.68 1.70 27.99
C TYR A 97 28.09 2.24 28.13
N ALA A 98 29.04 1.56 27.50
CA ALA A 98 30.36 2.14 27.39
C ALA A 98 30.45 2.85 26.04
N MET A 99 31.03 4.04 26.05
CA MET A 99 31.22 4.77 24.82
C MET A 99 32.67 5.19 24.64
N LYS A 100 33.24 4.75 23.52
CA LYS A 100 34.57 5.15 23.08
C LYS A 100 34.45 6.39 22.19
N LEU A 101 35.14 7.45 22.57
CA LEU A 101 35.22 8.64 21.73
C LEU A 101 36.50 8.62 20.91
N LEU A 102 36.37 8.59 19.60
CA LEU A 102 37.53 8.79 18.72
C LEU A 102 37.53 10.22 18.14
N SER A 103 38.60 10.97 18.45
CA SER A 103 38.81 12.30 17.88
C SER A 103 39.15 12.26 16.39
N LYS A 104 38.38 13.00 15.59
CA LYS A 104 38.66 13.09 14.16
C LYS A 104 39.90 13.95 13.92
N PHE A 105 40.04 15.00 14.71
CA PHE A 105 41.20 15.89 14.61
C PHE A 105 42.53 15.14 14.69
N GLU A 106 42.63 14.27 15.69
CA GLU A 106 43.87 13.55 15.95
C GLU A 106 44.13 12.44 14.93
N MET A 107 43.11 11.67 14.58
CA MET A 107 43.29 10.63 13.57
C MET A 107 43.60 11.22 12.20
N ILE A 108 43.50 12.55 12.10
CA ILE A 108 43.98 13.26 10.91
C ILE A 108 45.46 13.64 11.07
N LYS A 109 45.73 14.45 12.08
CA LYS A 109 47.07 14.94 12.43
C LYS A 109 48.09 13.79 12.48
N ARG A 110 47.69 12.67 13.04
CA ARG A 110 48.58 11.53 13.14
C ARG A 110 48.36 10.59 11.95
N SER A 111 47.55 11.01 10.98
CA SER A 111 47.06 10.09 9.94
C SER A 111 46.35 8.93 10.65
N ASP A 112 46.62 7.70 10.23
CA ASP A 112 46.05 6.54 10.93
C ASP A 112 44.52 6.73 11.01
N SER A 113 43.91 6.97 9.85
CA SER A 113 42.46 7.15 9.73
C SER A 113 41.67 5.85 9.46
N ALA A 114 42.35 4.75 9.14
CA ALA A 114 41.66 3.51 8.71
C ALA A 114 41.37 2.41 9.76
N PHE A 115 41.93 2.52 10.96
CA PHE A 115 42.03 1.39 11.93
C PHE A 115 40.69 0.91 12.57
N PHE A 116 39.76 1.85 12.71
CA PHE A 116 38.48 1.63 13.40
C PHE A 116 37.51 0.77 12.59
N TRP A 117 37.71 0.70 11.27
CA TRP A 117 36.85 -0.13 10.44
C TRP A 117 36.78 -1.57 10.92
N GLU A 118 37.93 -2.18 11.22
CA GLU A 118 37.96 -3.58 11.63
C GLU A 118 37.41 -3.74 13.05
N GLU A 119 37.74 -2.76 13.89
CA GLU A 119 37.14 -2.69 15.21
C GLU A 119 35.60 -2.61 15.15
N ARG A 120 35.08 -1.72 14.31
CA ARG A 120 33.63 -1.61 14.13
C ARG A 120 33.10 -2.96 13.65
N ASP A 121 33.67 -3.46 12.56
CA ASP A 121 33.25 -4.73 11.97
C ASP A 121 33.15 -5.82 13.05
N ILE A 122 34.22 -5.97 13.83
CA ILE A 122 34.27 -7.06 14.79
C ILE A 122 33.23 -6.94 15.91
N MET A 123 33.23 -5.79 16.58
CA MET A 123 32.33 -5.58 17.71
C MET A 123 30.86 -5.71 17.28
N ALA A 124 30.57 -5.30 16.05
CA ALA A 124 29.22 -5.35 15.53
C ALA A 124 28.83 -6.77 15.22
N PHE A 125 29.55 -7.41 14.30
CA PHE A 125 29.11 -8.71 13.75
C PHE A 125 29.72 -10.01 14.31
N ALA A 126 30.66 -9.87 15.23
CA ALA A 126 31.30 -11.06 15.82
C ALA A 126 30.28 -12.05 16.37
N ASN A 127 29.29 -11.53 17.09
CA ASN A 127 28.31 -12.39 17.74
C ASN A 127 28.96 -13.47 18.60
N SER A 128 29.85 -13.03 19.50
CA SER A 128 30.57 -13.95 20.36
C SER A 128 30.49 -13.52 21.81
N PRO A 129 30.39 -14.51 22.70
CA PRO A 129 30.49 -14.24 24.14
C PRO A 129 31.91 -13.82 24.52
N TRP A 130 32.87 -14.09 23.63
CA TRP A 130 34.26 -13.67 23.86
C TRP A 130 34.54 -12.22 23.46
N VAL A 131 33.63 -11.63 22.70
CA VAL A 131 33.84 -10.28 22.19
C VAL A 131 32.73 -9.29 22.61
N VAL A 132 33.16 -8.19 23.20
CA VAL A 132 32.29 -7.07 23.53
C VAL A 132 31.47 -6.67 22.30
N GLN A 133 30.19 -6.37 22.54
CA GLN A 133 29.27 -6.08 21.45
C GLN A 133 29.04 -4.58 21.25
N LEU A 134 29.13 -4.16 19.99
CA LEU A 134 28.82 -2.81 19.58
C LEU A 134 27.32 -2.70 19.29
N PHE A 135 26.65 -1.78 19.99
CA PHE A 135 25.21 -1.55 19.82
C PHE A 135 24.89 -0.52 18.75
N TYR A 136 25.47 0.68 18.93
CA TYR A 136 25.37 1.73 17.92
C TYR A 136 26.73 2.34 17.68
N ALA A 137 26.89 2.95 16.52
CA ALA A 137 28.04 3.81 16.24
C ALA A 137 27.45 5.01 15.55
N PHE A 138 27.97 6.18 15.91
CA PHE A 138 27.59 7.40 15.21
C PHE A 138 28.77 8.37 15.16
N GLN A 139 28.53 9.58 14.67
CA GLN A 139 29.58 10.58 14.60
C GLN A 139 28.99 11.98 14.47
N ASP A 140 29.80 12.97 14.83
CA ASP A 140 29.55 14.37 14.48
C ASP A 140 30.81 14.89 13.78
N ASP A 141 30.90 16.20 13.58
CA ASP A 141 32.10 16.78 12.96
C ASP A 141 33.40 16.44 13.72
N ARG A 142 33.35 16.55 15.05
CA ARG A 142 34.51 16.29 15.91
C ARG A 142 34.87 14.81 16.16
N TYR A 143 33.88 13.96 16.38
CA TYR A 143 34.15 12.61 16.87
C TYR A 143 33.43 11.48 16.19
N LEU A 144 33.98 10.29 16.40
CA LEU A 144 33.28 9.02 16.24
C LEU A 144 32.86 8.52 17.60
N TYR A 145 31.70 7.86 17.65
CA TYR A 145 31.23 7.34 18.91
C TYR A 145 30.85 5.89 18.75
N MET A 146 31.51 5.02 19.51
CA MET A 146 31.13 3.62 19.55
C MET A 146 30.45 3.34 20.90
N VAL A 147 29.25 2.75 20.84
CA VAL A 147 28.49 2.45 22.04
C VAL A 147 28.47 0.94 22.25
N MET A 148 29.10 0.48 23.34
CA MET A 148 29.27 -0.96 23.56
C MET A 148 28.59 -1.43 24.83
N GLU A 149 28.32 -2.72 24.90
CA GLU A 149 27.86 -3.30 26.16
C GLU A 149 28.83 -2.91 27.28
N TYR A 150 28.26 -2.52 28.41
CA TYR A 150 29.08 -2.10 29.54
C TYR A 150 29.63 -3.31 30.27
N MET A 151 30.82 -3.16 30.84
CA MET A 151 31.52 -4.28 31.48
C MET A 151 31.96 -3.92 32.90
N PRO A 152 31.04 -4.08 33.86
CA PRO A 152 31.16 -3.61 35.25
C PRO A 152 32.26 -4.35 36.01
N GLY A 153 32.65 -5.51 35.50
CA GLY A 153 33.74 -6.30 36.07
C GLY A 153 35.10 -5.63 36.04
N GLY A 154 35.29 -4.67 35.14
CA GLY A 154 36.59 -4.05 35.02
C GLY A 154 37.54 -4.90 34.18
N ASP A 155 38.81 -4.53 34.18
CA ASP A 155 39.81 -5.19 33.34
C ASP A 155 40.79 -5.90 34.24
N LEU A 156 41.47 -6.87 33.66
CA LEU A 156 42.45 -7.66 34.40
C LEU A 156 43.50 -6.83 35.18
N VAL A 157 43.85 -5.63 34.72
CA VAL A 157 44.85 -4.84 35.44
C VAL A 157 44.37 -4.48 36.84
N ASN A 158 43.10 -4.07 36.92
CA ASN A 158 42.48 -3.75 38.20
C ASN A 158 42.44 -4.99 39.10
N LEU A 159 42.02 -6.11 38.52
CA LEU A 159 41.97 -7.36 39.25
C LEU A 159 43.36 -7.69 39.79
N MET A 160 44.37 -7.54 38.92
CA MET A 160 45.75 -7.85 39.26
C MET A 160 46.33 -6.94 40.34
N SER A 161 45.82 -5.72 40.46
CA SER A 161 46.29 -4.83 41.52
C SER A 161 45.56 -5.15 42.82
N ASN A 162 44.31 -5.57 42.73
CA ASN A 162 43.55 -5.85 43.95
C ASN A 162 43.70 -7.26 44.54
N TYR A 163 44.33 -8.16 43.78
CA TYR A 163 44.51 -9.53 44.24
C TYR A 163 45.90 -10.11 43.95
N ASP A 164 46.23 -11.17 44.68
CA ASP A 164 47.37 -12.00 44.33
C ASP A 164 46.83 -13.23 43.61
N VAL A 165 47.03 -13.26 42.31
CA VAL A 165 46.36 -14.26 41.47
C VAL A 165 46.95 -15.64 41.66
N PRO A 166 46.14 -16.55 42.19
CA PRO A 166 46.61 -17.93 42.37
C PRO A 166 46.65 -18.61 41.03
N GLU A 167 47.45 -19.66 40.94
CA GLU A 167 47.53 -20.45 39.73
C GLU A 167 46.16 -20.84 39.28
N LYS A 168 45.27 -21.12 40.24
CA LYS A 168 43.91 -21.55 39.90
C LYS A 168 43.16 -20.53 39.04
N TRP A 169 43.38 -19.26 39.37
CA TRP A 169 42.74 -18.17 38.64
C TRP A 169 43.43 -17.98 37.28
N ALA A 170 44.75 -17.90 37.30
CA ALA A 170 45.52 -17.73 36.08
C ALA A 170 45.17 -18.81 35.01
N ARG A 171 44.98 -20.04 35.45
CA ARG A 171 44.53 -21.10 34.56
C ARG A 171 43.21 -20.68 33.92
N PHE A 172 42.27 -20.25 34.75
CA PHE A 172 41.00 -19.74 34.26
C PHE A 172 41.11 -18.58 33.23
N TYR A 173 41.74 -17.48 33.63
CA TYR A 173 41.77 -16.30 32.76
C TYR A 173 42.54 -16.55 31.49
N THR A 174 43.72 -17.16 31.61
CA THR A 174 44.47 -17.55 30.43
C THR A 174 43.61 -18.40 29.51
N ALA A 175 42.95 -19.42 30.06
CA ALA A 175 42.09 -20.27 29.23
C ALA A 175 41.06 -19.43 28.47
N GLU A 176 40.49 -18.43 29.13
CA GLU A 176 39.46 -17.65 28.49
C GLU A 176 40.07 -16.77 27.40
N VAL A 177 41.19 -16.14 27.71
CA VAL A 177 41.89 -15.37 26.69
C VAL A 177 42.13 -16.24 25.47
N VAL A 178 42.64 -17.44 25.70
CA VAL A 178 42.86 -18.40 24.63
C VAL A 178 41.61 -18.65 23.75
N LEU A 179 40.47 -18.99 24.35
CA LEU A 179 39.23 -19.22 23.58
C LEU A 179 38.81 -17.98 22.79
N ALA A 180 38.85 -16.81 23.44
CA ALA A 180 38.56 -15.52 22.81
C ALA A 180 39.46 -15.24 21.60
N LEU A 181 40.78 -15.32 21.80
CA LEU A 181 41.71 -15.14 20.68
C LEU A 181 41.39 -16.09 19.52
N ASP A 182 41.18 -17.36 19.86
CA ASP A 182 40.82 -18.33 18.83
C ASP A 182 39.64 -17.83 17.97
N ALA A 183 38.56 -17.45 18.64
CA ALA A 183 37.40 -16.90 17.95
C ALA A 183 37.80 -15.78 16.97
N ILE A 184 38.57 -14.80 17.45
CA ILE A 184 39.10 -13.72 16.59
C ILE A 184 39.93 -14.24 15.39
N HIS A 185 40.86 -15.15 15.68
CA HIS A 185 41.60 -15.82 14.62
C HIS A 185 40.64 -16.47 13.62
N SER A 186 39.60 -17.13 14.11
CA SER A 186 38.64 -17.82 13.24
C SER A 186 37.78 -16.86 12.42
N MET A 187 37.71 -15.59 12.83
CA MET A 187 37.08 -14.55 12.02
C MET A 187 38.05 -13.96 10.98
N GLY A 188 39.30 -14.41 11.01
CA GLY A 188 40.30 -13.96 10.06
C GLY A 188 41.21 -12.84 10.52
N PHE A 189 41.16 -12.49 11.79
CA PHE A 189 41.97 -11.38 12.27
C PHE A 189 43.10 -11.75 13.20
N ILE A 190 44.18 -10.95 13.15
CA ILE A 190 45.19 -10.97 14.21
C ILE A 190 45.02 -9.75 15.09
N HIS A 191 44.84 -10.00 16.39
CA HIS A 191 44.64 -8.91 17.33
C HIS A 191 45.84 -7.97 17.52
N ARG A 192 47.04 -8.56 17.50
CA ARG A 192 48.20 -7.94 18.16
C ARG A 192 47.74 -7.58 19.56
N ASP A 193 48.19 -6.44 20.09
CA ASP A 193 47.58 -5.76 21.27
C ASP A 193 46.88 -6.54 22.39
N VAL A 194 47.30 -7.76 22.68
CA VAL A 194 46.68 -8.50 23.75
C VAL A 194 47.41 -8.11 25.02
N LYS A 195 46.66 -7.46 25.90
CA LYS A 195 47.19 -6.99 27.17
C LYS A 195 46.03 -6.99 28.16
N PRO A 196 46.33 -7.07 29.48
CA PRO A 196 45.25 -7.11 30.49
C PRO A 196 44.25 -5.96 30.30
N ASP A 197 44.74 -4.76 29.99
CA ASP A 197 43.90 -3.58 29.82
C ASP A 197 42.73 -3.80 28.82
N ASN A 198 42.93 -4.70 27.85
CA ASN A 198 41.85 -5.05 26.91
C ASN A 198 41.04 -6.30 27.28
N MET A 199 41.28 -6.87 28.45
CA MET A 199 40.48 -8.01 28.86
C MET A 199 39.49 -7.58 29.95
N LEU A 200 38.21 -7.67 29.66
CA LEU A 200 37.21 -7.16 30.60
C LEU A 200 36.36 -8.26 31.20
N LEU A 201 35.86 -8.01 32.39
CA LEU A 201 34.95 -8.95 33.05
C LEU A 201 33.50 -8.45 33.04
N ASP A 202 32.60 -9.31 32.59
CA ASP A 202 31.17 -9.01 32.63
C ASP A 202 30.60 -9.13 34.07
N LYS A 203 29.29 -8.97 34.22
CA LYS A 203 28.69 -8.93 35.55
C LYS A 203 28.88 -10.25 36.30
N SER A 204 28.96 -11.35 35.55
CA SER A 204 29.12 -12.68 36.10
C SER A 204 30.59 -13.07 36.28
N GLY A 205 31.50 -12.18 35.86
CA GLY A 205 32.93 -12.41 36.01
C GLY A 205 33.65 -13.16 34.88
N HIS A 206 32.95 -13.47 33.79
CA HIS A 206 33.61 -14.05 32.62
C HIS A 206 34.28 -12.98 31.74
N LEU A 207 35.27 -13.41 30.98
CA LEU A 207 36.14 -12.50 30.22
C LEU A 207 35.68 -12.18 28.77
N LYS A 208 35.84 -10.92 28.39
CA LYS A 208 35.57 -10.45 27.04
C LYS A 208 36.78 -9.67 26.52
N LEU A 209 37.07 -9.80 25.24
CA LEU A 209 38.04 -8.92 24.57
C LEU A 209 37.41 -7.61 24.09
N ALA A 210 38.11 -6.51 24.32
CA ALA A 210 37.74 -5.20 23.75
C ALA A 210 38.90 -4.52 22.98
N ASP A 211 38.70 -3.25 22.60
CA ASP A 211 39.73 -2.46 21.88
C ASP A 211 40.44 -3.18 20.73
N PHE A 212 39.69 -3.42 19.66
CA PHE A 212 40.20 -4.12 18.48
C PHE A 212 40.82 -3.16 17.47
N GLY A 213 40.99 -1.90 17.88
CA GLY A 213 41.49 -0.86 17.00
C GLY A 213 42.82 -1.22 16.35
N THR A 214 43.52 -2.18 16.95
CA THR A 214 44.80 -2.59 16.42
C THR A 214 44.71 -3.86 15.54
N CYS A 215 43.52 -4.42 15.36
CA CYS A 215 43.37 -5.66 14.58
C CYS A 215 43.69 -5.53 13.10
N MET A 216 44.06 -6.66 12.50
CA MET A 216 44.39 -6.71 11.09
C MET A 216 43.95 -8.03 10.47
N LYS A 217 43.61 -8.00 9.19
CA LYS A 217 43.08 -9.17 8.52
C LYS A 217 44.15 -9.98 7.76
N MET A 218 44.15 -11.29 8.01
CA MET A 218 45.12 -12.24 7.41
C MET A 218 44.79 -12.46 5.94
N ASN A 219 45.55 -13.29 5.25
CA ASN A 219 45.25 -13.48 3.84
C ASN A 219 44.82 -14.89 3.39
N LYS A 220 45.79 -15.76 3.17
CA LYS A 220 45.54 -17.10 2.65
C LYS A 220 46.32 -18.04 3.53
N GLU A 221 47.64 -17.85 3.53
CA GLU A 221 48.52 -18.49 4.48
C GLU A 221 48.23 -17.99 5.89
N GLY A 222 47.40 -16.96 6.01
CA GLY A 222 47.01 -16.44 7.30
C GLY A 222 48.12 -15.59 7.89
N MET A 223 48.73 -14.77 7.05
CA MET A 223 49.75 -13.86 7.53
C MET A 223 49.33 -12.43 7.26
N VAL A 224 50.13 -11.48 7.76
CA VAL A 224 49.94 -10.10 7.39
C VAL A 224 51.31 -9.51 7.09
N ARG A 225 51.33 -8.48 6.25
CA ARG A 225 52.55 -7.77 5.91
C ARG A 225 52.44 -6.40 6.53
N CYS A 226 53.26 -6.14 7.55
CA CYS A 226 53.20 -4.87 8.26
C CYS A 226 54.62 -4.43 8.58
N ASP A 227 54.98 -3.23 8.17
CA ASP A 227 56.29 -2.69 8.51
C ASP A 227 56.30 -1.72 9.69
N THR A 228 55.17 -1.59 10.37
CA THR A 228 55.15 -0.79 11.61
C THR A 228 54.79 -1.61 12.87
N ALA A 229 55.45 -1.28 13.98
CA ALA A 229 55.35 -2.02 15.25
C ALA A 229 54.15 -1.56 16.09
N VAL A 230 53.34 -2.50 16.62
CA VAL A 230 52.07 -2.13 17.30
C VAL A 230 51.98 -2.49 18.81
N GLY A 231 51.09 -1.78 19.49
CA GLY A 231 51.34 -1.20 20.81
C GLY A 231 51.64 -1.99 22.06
N THR A 232 51.80 -1.24 23.15
CA THR A 232 52.17 -1.74 24.48
C THR A 232 53.50 -2.48 24.56
N PRO A 233 54.57 -1.69 24.73
CA PRO A 233 55.97 -2.12 24.75
C PRO A 233 56.17 -3.39 25.57
N ASP A 234 55.53 -3.48 26.72
CA ASP A 234 55.66 -4.66 27.57
C ASP A 234 55.18 -5.95 26.91
N TYR A 235 54.12 -5.85 26.09
CA TYR A 235 53.48 -7.05 25.52
C TYR A 235 53.84 -7.41 24.07
N ILE A 236 54.63 -6.55 23.41
CA ILE A 236 54.89 -6.68 21.97
C ILE A 236 55.83 -7.83 21.63
N SER A 237 55.52 -8.56 20.56
CA SER A 237 56.33 -9.72 20.21
C SER A 237 57.58 -9.32 19.43
N PRO A 238 58.63 -10.16 19.51
CA PRO A 238 59.90 -9.92 18.79
C PRO A 238 59.67 -9.66 17.29
N GLU A 239 58.80 -10.46 16.65
CA GLU A 239 58.49 -10.31 15.23
C GLU A 239 57.96 -8.93 14.92
N VAL A 240 56.97 -8.51 15.69
CA VAL A 240 56.34 -7.21 15.50
C VAL A 240 57.32 -6.06 15.79
N LEU A 241 58.10 -6.21 16.86
CA LEU A 241 59.17 -5.28 17.15
C LEU A 241 60.14 -5.15 15.98
N LYS A 242 60.53 -6.30 15.44
CA LYS A 242 61.51 -6.36 14.37
C LYS A 242 60.91 -5.89 13.06
N SER A 243 59.59 -6.01 12.92
CA SER A 243 58.94 -5.67 11.67
C SER A 243 59.01 -4.17 11.37
N GLN A 244 59.20 -3.36 12.41
CA GLN A 244 59.53 -1.96 12.22
C GLN A 244 60.83 -1.93 11.44
N GLY A 245 60.94 -1.05 10.45
CA GLY A 245 62.09 -1.14 9.56
C GLY A 245 61.97 -2.20 8.47
N GLY A 246 60.78 -2.29 7.89
CA GLY A 246 60.56 -2.96 6.61
C GLY A 246 60.59 -4.46 6.63
N ASP A 247 61.02 -5.02 7.75
CA ASP A 247 61.46 -6.42 7.78
C ASP A 247 60.54 -7.41 7.04
N GLY A 248 59.35 -7.63 7.58
CA GLY A 248 58.73 -8.93 7.50
C GLY A 248 57.23 -8.97 7.59
N TYR A 249 56.75 -10.21 7.70
CA TYR A 249 55.36 -10.48 7.61
C TYR A 249 55.13 -11.77 8.43
N TYR A 250 54.02 -11.84 9.17
CA TYR A 250 53.89 -12.80 10.27
C TYR A 250 52.44 -13.24 10.49
N GLY A 251 52.27 -14.32 11.27
CA GLY A 251 50.97 -14.92 11.48
C GLY A 251 50.38 -14.62 12.84
N ARG A 252 49.48 -15.48 13.29
CA ARG A 252 48.68 -15.20 14.49
C ARG A 252 49.35 -15.58 15.81
N GLU A 253 50.58 -16.10 15.77
CA GLU A 253 51.25 -16.53 17.00
C GLU A 253 51.88 -15.40 17.80
N CYS A 254 51.88 -14.16 17.28
CA CYS A 254 52.27 -13.00 18.10
C CYS A 254 51.29 -12.75 19.27
N ASP A 255 50.02 -13.13 19.05
CA ASP A 255 49.02 -13.02 20.09
C ASP A 255 49.38 -14.00 21.20
N TRP A 256 49.64 -15.25 20.81
CA TRP A 256 50.09 -16.26 21.76
C TRP A 256 51.28 -15.81 22.60
N TRP A 257 52.17 -15.02 22.00
CA TRP A 257 53.32 -14.48 22.72
C TRP A 257 52.84 -13.62 23.90
N SER A 258 51.81 -12.82 23.66
CA SER A 258 51.28 -11.91 24.66
C SER A 258 50.54 -12.64 25.77
N VAL A 259 49.85 -13.71 25.40
CA VAL A 259 49.26 -14.58 26.41
C VAL A 259 50.37 -15.03 27.36
N GLY A 260 51.53 -15.36 26.80
CA GLY A 260 52.70 -15.67 27.60
C GLY A 260 53.03 -14.55 28.59
N VAL A 261 53.16 -13.32 28.09
CA VAL A 261 53.50 -12.19 28.95
C VAL A 261 52.44 -12.00 30.04
N PHE A 262 51.18 -12.17 29.63
CA PHE A 262 50.06 -12.08 30.53
C PHE A 262 50.20 -13.04 31.73
N LEU A 263 50.50 -14.30 31.42
CA LEU A 263 50.63 -15.34 32.43
C LEU A 263 51.79 -15.05 33.38
N TYR A 264 52.89 -14.56 32.82
CA TYR A 264 54.01 -14.16 33.64
C TYR A 264 53.57 -13.11 34.62
N GLU A 265 52.90 -12.09 34.10
CA GLU A 265 52.50 -10.95 34.92
C GLU A 265 51.63 -11.39 36.09
N MET A 266 50.63 -12.23 35.82
CA MET A 266 49.75 -12.70 36.87
C MET A 266 50.49 -13.47 37.96
N LEU A 267 51.30 -14.44 37.57
CA LEU A 267 52.01 -15.28 38.55
C LEU A 267 53.24 -14.62 39.22
N VAL A 268 54.05 -13.92 38.43
CA VAL A 268 55.21 -13.20 38.98
C VAL A 268 54.88 -11.80 39.58
N GLY A 269 53.83 -11.16 39.06
CA GLY A 269 53.43 -9.84 39.52
C GLY A 269 54.23 -8.70 38.93
N ASP A 270 55.22 -9.05 38.09
CA ASP A 270 55.95 -8.08 37.27
C ASP A 270 55.86 -8.54 35.82
N THR A 271 56.17 -7.64 34.88
CA THR A 271 56.36 -8.03 33.49
C THR A 271 57.77 -8.64 33.26
N PRO A 272 57.85 -9.59 32.31
CA PRO A 272 59.13 -10.29 32.08
C PRO A 272 60.19 -9.36 31.48
N PHE A 273 59.77 -8.44 30.63
CA PHE A 273 60.70 -7.49 30.00
C PHE A 273 60.75 -6.08 30.58
N TYR A 274 60.15 -5.93 31.76
CA TYR A 274 60.14 -4.63 32.43
C TYR A 274 61.52 -3.99 32.52
N ALA A 275 61.56 -2.70 32.16
CA ALA A 275 62.67 -1.83 32.49
C ALA A 275 62.11 -0.41 32.68
N ASP A 276 62.98 0.54 33.04
CA ASP A 276 62.51 1.89 33.36
C ASP A 276 62.41 2.80 32.15
N SER A 277 62.84 2.30 30.99
CA SER A 277 62.67 2.96 29.71
C SER A 277 62.05 1.92 28.79
N LEU A 278 61.29 2.34 27.79
CA LEU A 278 60.79 1.36 26.81
C LEU A 278 61.96 0.86 25.98
N VAL A 279 62.85 1.79 25.70
CA VAL A 279 64.09 1.48 25.02
C VAL A 279 64.68 0.23 25.67
N GLY A 280 64.76 0.23 27.00
CA GLY A 280 65.25 -0.94 27.70
C GLY A 280 64.43 -2.21 27.48
N THR A 281 63.11 -2.04 27.41
CA THR A 281 62.19 -3.16 27.26
C THR A 281 62.25 -3.79 25.86
N TYR A 282 62.35 -2.91 24.84
CA TYR A 282 62.49 -3.36 23.46
C TYR A 282 63.71 -4.27 23.40
N SER A 283 64.80 -3.78 23.98
CA SER A 283 66.07 -4.48 24.02
C SER A 283 65.98 -5.86 24.69
N LYS A 284 65.47 -5.90 25.92
CA LYS A 284 65.29 -7.18 26.60
C LYS A 284 64.41 -8.14 25.78
N ILE A 285 63.41 -7.61 25.09
CA ILE A 285 62.56 -8.46 24.26
C ILE A 285 63.33 -9.11 23.11
N MET A 286 64.16 -8.32 22.43
CA MET A 286 65.02 -8.84 21.37
C MET A 286 65.93 -9.91 21.93
N ASN A 287 66.35 -9.70 23.17
CA ASN A 287 67.22 -10.64 23.87
C ASN A 287 66.46 -11.65 24.76
N HIS A 288 65.16 -11.80 24.54
CA HIS A 288 64.37 -12.60 25.47
C HIS A 288 65.05 -13.93 25.84
N LYS A 289 65.66 -14.60 24.87
CA LYS A 289 66.30 -15.90 25.13
C LYS A 289 67.23 -15.83 26.35
N ASN A 290 67.89 -14.70 26.52
CA ASN A 290 68.70 -14.49 27.72
C ASN A 290 67.90 -13.81 28.83
N SER A 291 67.41 -12.60 28.58
CA SER A 291 66.73 -11.74 29.56
C SER A 291 65.52 -12.36 30.33
N LEU A 292 64.91 -13.39 29.79
CA LEU A 292 63.79 -14.00 30.50
C LEU A 292 64.29 -14.81 31.69
N THR A 293 63.86 -14.43 32.90
CA THR A 293 64.15 -15.21 34.11
C THR A 293 63.04 -15.11 35.15
N PHE A 294 62.80 -16.21 35.84
CA PHE A 294 61.95 -16.18 37.02
C PHE A 294 62.79 -15.86 38.25
N PRO A 295 62.14 -15.38 39.32
CA PRO A 295 62.75 -15.02 40.61
C PRO A 295 63.30 -16.23 41.36
N ASP A 296 64.32 -15.98 42.16
CA ASP A 296 65.11 -17.03 42.80
C ASP A 296 64.32 -17.76 43.90
N ASP A 297 63.57 -17.00 44.69
CA ASP A 297 62.70 -17.61 45.70
C ASP A 297 61.82 -18.72 45.11
N ASN A 298 61.44 -18.54 43.86
CA ASN A 298 60.06 -18.79 43.45
C ASN A 298 59.39 -20.13 43.77
N ASP A 299 58.16 -20.04 44.28
CA ASP A 299 57.25 -21.18 44.32
C ASP A 299 56.27 -21.00 43.15
N ILE A 300 56.50 -21.72 42.06
CA ILE A 300 55.61 -21.66 40.92
C ILE A 300 55.71 -23.02 40.26
N SER A 301 54.56 -23.59 39.87
CA SER A 301 54.59 -24.91 39.30
C SER A 301 55.51 -24.91 38.07
N LYS A 302 56.12 -26.06 37.82
CA LYS A 302 57.02 -26.17 36.70
C LYS A 302 56.18 -25.99 35.43
N GLU A 303 55.00 -26.61 35.36
CA GLU A 303 54.22 -26.54 34.12
C GLU A 303 53.69 -25.11 33.83
N ALA A 304 53.47 -24.32 34.88
CA ALA A 304 53.24 -22.89 34.71
C ALA A 304 54.41 -22.23 33.96
N LYS A 305 55.61 -22.36 34.51
CA LYS A 305 56.80 -21.81 33.88
C LYS A 305 57.00 -22.38 32.47
N ASN A 306 56.69 -23.66 32.30
CA ASN A 306 56.80 -24.29 30.99
C ASN A 306 55.92 -23.62 29.95
N LEU A 307 54.64 -23.46 30.28
CA LEU A 307 53.70 -22.79 29.38
C LEU A 307 54.16 -21.37 29.05
N ILE A 308 54.51 -20.62 30.09
CA ILE A 308 55.09 -19.30 29.87
C ILE A 308 56.24 -19.38 28.89
N CYS A 309 57.15 -20.33 29.14
CA CYS A 309 58.30 -20.51 28.26
C CYS A 309 57.93 -20.99 26.86
N ALA A 310 56.88 -21.80 26.75
CA ALA A 310 56.41 -22.23 25.42
C ALA A 310 55.87 -21.05 24.58
N PHE A 311 55.37 -20.02 25.27
CA PHE A 311 54.90 -18.78 24.61
C PHE A 311 56.01 -17.77 24.32
N LEU A 312 56.93 -17.63 25.26
CA LEU A 312 57.90 -16.55 25.18
C LEU A 312 59.14 -16.95 24.36
N THR A 313 59.06 -18.10 23.71
CA THR A 313 60.08 -18.47 22.73
C THR A 313 59.89 -17.73 21.40
N ASP A 314 60.68 -18.07 20.38
CA ASP A 314 60.51 -17.48 19.05
C ASP A 314 59.33 -18.07 18.31
N ARG A 315 58.85 -17.35 17.31
CA ARG A 315 57.56 -17.65 16.70
C ARG A 315 57.42 -19.06 16.10
N GLU A 316 58.47 -19.54 15.46
CA GLU A 316 58.40 -20.75 14.65
C GLU A 316 58.41 -22.01 15.49
N VAL A 317 58.98 -21.93 16.68
CA VAL A 317 58.86 -22.99 17.70
C VAL A 317 57.76 -22.69 18.74
N ARG A 318 57.02 -21.59 18.55
CA ARG A 318 56.06 -21.12 19.56
C ARG A 318 54.82 -21.98 19.68
N LEU A 319 54.47 -22.31 20.92
CA LEU A 319 53.28 -23.12 21.19
C LEU A 319 52.07 -22.37 20.62
N GLY A 320 51.26 -23.08 19.84
CA GLY A 320 50.15 -22.46 19.14
C GLY A 320 50.42 -22.31 17.67
N ARG A 321 51.69 -22.47 17.28
CA ARG A 321 52.06 -22.38 15.88
C ARG A 321 51.37 -23.50 15.09
N ASN A 322 51.18 -24.65 15.73
CA ASN A 322 50.52 -25.78 15.07
C ASN A 322 49.00 -25.70 15.05
N GLY A 323 48.42 -25.16 16.11
CA GLY A 323 46.99 -25.00 16.18
C GLY A 323 46.69 -24.66 17.62
N VAL A 324 45.49 -24.17 17.88
CA VAL A 324 45.12 -23.87 19.26
C VAL A 324 45.20 -25.12 20.15
N GLU A 325 44.96 -26.28 19.53
CA GLU A 325 44.89 -27.55 20.25
C GLU A 325 46.10 -27.89 21.11
N GLU A 326 47.29 -27.64 20.57
CA GLU A 326 48.50 -27.90 21.35
C GLU A 326 48.58 -27.02 22.61
N ILE A 327 47.89 -25.87 22.59
CA ILE A 327 47.82 -25.02 23.77
C ILE A 327 46.86 -25.65 24.78
N LYS A 328 45.71 -26.10 24.30
CA LYS A 328 44.67 -26.62 25.18
C LYS A 328 45.15 -27.87 25.92
N ARG A 329 45.92 -28.68 25.21
CA ARG A 329 46.43 -29.94 25.77
C ARG A 329 47.57 -29.73 26.78
N HIS A 330 48.10 -28.51 26.86
CA HIS A 330 49.18 -28.28 27.81
C HIS A 330 48.80 -28.67 29.24
N LEU A 331 49.77 -29.26 29.94
CA LEU A 331 49.52 -29.79 31.29
C LEU A 331 49.17 -28.72 32.32
N PHE A 332 49.60 -27.48 32.09
CA PHE A 332 49.23 -26.43 33.02
C PHE A 332 47.69 -26.23 33.16
N PHE A 333 46.94 -26.56 32.10
CA PHE A 333 45.47 -26.41 32.09
C PHE A 333 44.73 -27.61 32.64
N LYS A 334 45.48 -28.66 32.95
CA LYS A 334 44.90 -29.88 33.50
C LYS A 334 44.28 -29.56 34.87
N ASN A 335 43.04 -30.01 35.08
CA ASN A 335 42.26 -29.74 36.28
C ASN A 335 40.87 -30.39 36.27
N ASP A 336 40.27 -30.53 37.46
CA ASP A 336 38.98 -31.21 37.66
C ASP A 336 37.75 -30.30 37.60
N GLN A 337 37.97 -29.00 37.66
CA GLN A 337 36.86 -28.05 37.74
C GLN A 337 36.13 -27.89 36.41
N TRP A 338 36.87 -27.66 35.33
CA TRP A 338 36.24 -27.25 34.08
C TRP A 338 36.74 -27.95 32.82
N ALA A 339 35.93 -27.89 31.76
CA ALA A 339 36.31 -28.44 30.47
C ALA A 339 36.33 -27.33 29.42
N TRP A 340 37.07 -27.52 28.35
CA TRP A 340 37.28 -26.45 27.39
C TRP A 340 36.00 -25.93 26.73
N GLU A 341 35.05 -26.82 26.46
CA GLU A 341 33.82 -26.43 25.77
C GLU A 341 32.78 -25.79 26.70
N THR A 342 32.82 -26.14 27.98
CA THR A 342 31.85 -25.65 28.97
C THR A 342 32.39 -24.47 29.79
N LEU A 343 33.66 -24.13 29.59
CA LEU A 343 34.38 -23.21 30.50
C LEU A 343 33.64 -21.91 30.84
N ARG A 344 33.02 -21.29 29.84
CA ARG A 344 32.28 -20.07 30.12
C ARG A 344 30.99 -20.29 30.94
N ASP A 345 30.50 -21.53 31.04
CA ASP A 345 29.33 -21.77 31.91
C ASP A 345 29.67 -22.02 33.38
N THR A 346 30.97 -22.07 33.68
CA THR A 346 31.44 -22.35 35.04
C THR A 346 31.40 -21.09 35.92
N VAL A 347 31.77 -21.20 37.19
CA VAL A 347 31.67 -20.04 38.07
C VAL A 347 33.01 -19.31 38.17
N ALA A 348 33.04 -18.10 37.61
CA ALA A 348 34.26 -17.31 37.57
C ALA A 348 34.81 -17.22 38.98
N PRO A 349 36.13 -17.07 39.09
CA PRO A 349 36.85 -16.91 40.36
C PRO A 349 36.44 -15.63 41.08
N VAL A 350 36.13 -14.59 40.32
CA VAL A 350 35.68 -13.33 40.92
C VAL A 350 34.37 -12.86 40.29
N VAL A 351 33.32 -12.86 41.10
CA VAL A 351 32.05 -12.32 40.64
C VAL A 351 31.82 -10.97 41.30
N PRO A 352 31.89 -9.89 40.49
CA PRO A 352 31.99 -8.56 41.11
C PRO A 352 30.73 -8.24 41.91
N ASP A 353 30.93 -7.61 43.06
CA ASP A 353 29.81 -7.16 43.87
C ASP A 353 29.47 -5.73 43.48
N LEU A 354 28.22 -5.48 43.12
CA LEU A 354 27.88 -4.19 42.52
C LEU A 354 26.74 -3.45 43.23
N SER A 355 26.92 -2.13 43.41
CA SER A 355 25.90 -1.28 44.04
C SER A 355 24.73 -1.11 43.09
N SER A 356 24.95 -0.34 42.03
CA SER A 356 23.92 -0.10 41.03
C SER A 356 24.36 -0.63 39.66
N ASP A 357 23.47 -0.50 38.67
CA ASP A 357 23.83 -0.76 37.27
C ASP A 357 24.88 0.28 36.79
N ILE A 358 25.06 1.30 37.62
CA ILE A 358 25.95 2.42 37.33
C ILE A 358 27.31 2.28 38.02
N ASP A 359 27.53 1.14 38.68
CA ASP A 359 28.68 1.04 39.59
C ASP A 359 30.04 1.08 38.87
N THR A 360 30.84 2.07 39.23
CA THR A 360 32.14 2.37 38.63
C THR A 360 33.36 1.87 39.44
N SER A 361 33.09 1.16 40.53
CA SER A 361 34.11 0.84 41.54
C SER A 361 35.37 0.16 41.00
N ASN A 362 35.24 -0.60 39.92
CA ASN A 362 36.38 -1.35 39.37
C ASN A 362 37.21 -0.59 38.33
N PHE A 363 36.90 0.70 38.16
CA PHE A 363 37.65 1.53 37.23
C PHE A 363 38.28 2.69 37.98
N ASP A 364 39.50 3.02 37.56
CA ASP A 364 40.23 4.10 38.18
C ASP A 364 39.52 5.45 37.99
N ASP A 365 39.85 6.39 38.87
CA ASP A 365 39.27 7.73 38.85
C ASP A 365 39.88 8.57 37.73
N LEU A 366 39.02 9.04 36.81
CA LEU A 366 39.38 10.02 35.79
C LEU A 366 38.25 11.06 35.72
N GLU A 367 38.57 12.23 35.21
CA GLU A 367 37.73 13.41 35.41
C GLU A 367 37.10 13.99 34.14
N GLU A 368 37.92 14.71 33.37
CA GLU A 368 37.45 15.49 32.23
C GLU A 368 38.65 16.12 31.51
N ASP A 369 38.40 16.59 30.28
CA ASP A 369 39.43 17.25 29.49
C ASP A 369 39.89 18.52 30.20
N LYS A 370 38.92 19.40 30.47
CA LYS A 370 39.19 20.72 31.03
C LYS A 370 39.96 21.59 30.01
N GLY A 371 40.35 20.97 28.91
CA GLY A 371 41.00 21.67 27.82
C GLY A 371 40.04 22.14 26.76
N GLU A 372 40.43 23.19 26.05
CA GLU A 372 39.67 23.69 24.92
C GLU A 372 39.72 22.66 23.81
N GLU A 373 38.63 22.50 23.07
CA GLU A 373 38.63 21.59 21.94
C GLU A 373 39.63 22.10 20.89
N GLU A 374 40.60 21.26 20.51
CA GLU A 374 41.56 21.69 19.50
C GLU A 374 41.01 21.30 18.15
N THR A 375 40.58 22.31 17.40
CA THR A 375 39.70 22.08 16.27
C THR A 375 40.33 22.52 14.94
N PHE A 376 39.61 22.26 13.86
CA PHE A 376 40.18 22.35 12.51
C PHE A 376 40.32 23.76 11.99
N PRO A 377 41.36 23.97 11.17
CA PRO A 377 41.49 25.26 10.48
C PRO A 377 40.45 25.36 9.37
N ILE A 378 39.86 26.54 9.22
CA ILE A 378 38.92 26.83 8.14
C ILE A 378 39.63 26.66 6.80
N PRO A 379 39.08 25.78 5.94
CA PRO A 379 39.63 25.60 4.57
C PRO A 379 39.25 26.72 3.61
N LYS A 380 40.15 27.04 2.68
CA LYS A 380 39.84 27.93 1.56
C LYS A 380 39.51 27.10 0.32
N ALA A 381 39.58 25.78 0.48
CA ALA A 381 39.23 24.84 -0.58
C ALA A 381 38.73 23.53 0.04
N PHE A 382 38.02 22.77 -0.77
CA PHE A 382 37.51 21.49 -0.30
C PHE A 382 38.69 20.62 0.13
N VAL A 383 38.72 20.24 1.42
CA VAL A 383 39.71 19.30 1.93
C VAL A 383 39.18 17.87 2.00
N GLY A 384 37.85 17.71 1.92
CA GLY A 384 37.21 16.42 2.09
C GLY A 384 37.53 15.77 3.43
N ASN A 385 37.67 16.61 4.45
CA ASN A 385 38.16 16.13 5.74
C ASN A 385 37.29 15.08 6.46
N GLN A 386 36.00 15.05 6.15
CA GLN A 386 35.08 14.06 6.73
C GLN A 386 34.99 12.75 5.94
N LEU A 387 35.55 12.73 4.73
CA LEU A 387 35.34 11.61 3.79
C LEU A 387 35.79 10.22 4.28
N PRO A 388 36.88 10.17 5.05
CA PRO A 388 37.29 8.83 5.51
C PRO A 388 36.28 8.22 6.51
N PHE A 389 35.40 9.06 7.06
CA PHE A 389 34.44 8.62 8.07
C PHE A 389 33.06 8.23 7.54
N VAL A 390 32.85 8.38 6.23
CA VAL A 390 31.56 8.05 5.62
C VAL A 390 31.30 6.54 5.66
N GLY A 391 30.19 6.14 6.27
CA GLY A 391 29.80 4.74 6.35
C GLY A 391 30.05 4.13 7.72
N PHE A 392 30.49 4.98 8.64
CA PHE A 392 30.87 4.49 9.97
C PHE A 392 29.67 4.19 10.85
N THR A 393 28.65 5.04 10.72
CA THR A 393 27.43 4.94 11.52
C THR A 393 26.82 3.55 11.47
N TYR A 394 26.47 3.01 12.64
CA TYR A 394 25.82 1.70 12.72
C TYR A 394 24.66 1.68 13.71
N TYR A 395 23.57 1.01 13.33
CA TYR A 395 22.44 0.77 14.23
C TYR A 395 22.13 -0.74 14.33
N SER A 396 22.06 -1.26 15.55
CA SER A 396 21.70 -2.67 15.73
C SER A 396 20.18 -2.81 15.92
N ASN A 397 19.62 -3.91 15.38
CA ASN A 397 18.19 -4.19 15.48
C ASN A 397 17.85 -5.68 15.54
N SER B 1 -0.79 10.92 17.69
CA SER B 1 0.11 11.83 16.93
C SER B 1 1.61 11.54 17.08
N PHE B 2 2.02 11.09 18.26
CA PHE B 2 3.45 10.94 18.56
C PHE B 2 4.20 9.82 17.84
N GLU B 3 5.33 10.23 17.26
CA GLU B 3 6.31 9.35 16.63
C GLU B 3 7.70 9.58 17.24
N THR B 4 8.49 8.52 17.36
CA THR B 4 9.88 8.65 17.83
C THR B 4 10.81 9.20 16.73
N ARG B 5 11.95 9.73 17.16
CA ARG B 5 12.89 10.34 16.21
C ARG B 5 13.39 9.33 15.19
N PHE B 6 13.42 8.08 15.60
CA PHE B 6 13.77 7.02 14.69
C PHE B 6 12.65 6.80 13.65
N GLU B 7 11.39 6.73 14.09
CA GLU B 7 10.25 6.58 13.16
C GLU B 7 10.22 7.71 12.13
N LYS B 8 10.34 8.94 12.64
CA LYS B 8 10.33 10.16 11.84
C LYS B 8 11.39 10.14 10.74
N MET B 9 12.57 9.61 11.07
CA MET B 9 13.67 9.56 10.13
C MET B 9 13.35 8.52 9.08
N ASP B 10 12.74 7.42 9.48
CA ASP B 10 12.35 6.39 8.54
C ASP B 10 11.33 6.89 7.53
N ASN B 11 10.46 7.79 8.00
CA ASN B 11 9.47 8.36 7.11
C ASN B 11 10.14 9.27 6.10
N LEU B 12 11.12 10.04 6.56
CA LEU B 12 11.93 10.84 5.66
C LEU B 12 12.56 10.00 4.55
N LEU B 13 13.00 8.79 4.86
CA LEU B 13 13.69 7.99 3.85
C LEU B 13 12.75 7.50 2.75
N ARG B 14 11.54 7.16 3.17
CA ARG B 14 10.54 6.52 2.30
C ARG B 14 9.61 7.49 1.57
N ASP B 15 9.57 8.74 2.02
CA ASP B 15 8.61 9.68 1.48
C ASP B 15 9.10 10.32 0.15
N PRO B 16 8.36 10.06 -0.94
CA PRO B 16 8.72 10.54 -2.28
C PRO B 16 8.89 12.06 -2.29
N LYS B 17 8.13 12.74 -1.44
CA LYS B 17 8.18 14.20 -1.30
C LYS B 17 9.39 14.70 -0.46
N SER B 18 10.09 13.80 0.21
CA SER B 18 11.25 14.19 1.02
C SER B 18 12.52 14.34 0.18
N GLU B 19 13.34 15.35 0.50
CA GLU B 19 14.57 15.59 -0.26
C GLU B 19 15.70 14.70 0.26
N VAL B 20 15.49 14.13 1.45
CA VAL B 20 16.38 13.11 2.01
C VAL B 20 15.94 11.65 1.77
N ASN B 21 14.91 11.43 0.95
CA ASN B 21 14.49 10.06 0.68
C ASN B 21 15.60 9.27 0.00
N SER B 22 15.55 7.95 0.06
CA SER B 22 16.71 7.15 -0.33
C SER B 22 17.29 7.50 -1.70
N ASP B 23 16.44 7.60 -2.71
CA ASP B 23 16.87 7.94 -4.06
C ASP B 23 17.67 9.25 -4.16
N CYS B 24 17.22 10.29 -3.45
CA CYS B 24 17.96 11.53 -3.40
C CYS B 24 19.32 11.38 -2.74
N LEU B 25 19.45 10.42 -1.83
CA LEU B 25 20.73 10.22 -1.13
C LEU B 25 21.78 9.55 -2.03
N LEU B 26 21.32 8.67 -2.91
CA LEU B 26 22.20 8.11 -3.93
C LEU B 26 22.68 9.22 -4.85
N ASP B 27 21.77 10.11 -5.23
CA ASP B 27 22.11 11.23 -6.11
C ASP B 27 23.36 11.93 -5.60
N GLY B 28 23.32 12.32 -4.32
CA GLY B 28 24.44 12.99 -3.68
C GLY B 28 25.71 12.20 -3.84
N LEU B 29 25.66 10.93 -3.48
CA LEU B 29 26.85 10.10 -3.53
C LEU B 29 27.38 10.06 -4.94
N ASP B 30 26.46 9.87 -5.89
CA ASP B 30 26.81 9.87 -7.30
C ASP B 30 27.53 11.15 -7.69
N ALA B 31 26.86 12.28 -7.47
CA ALA B 31 27.37 13.58 -7.85
C ALA B 31 28.75 13.81 -7.28
N LEU B 32 28.89 13.49 -6.01
CA LEU B 32 30.13 13.70 -5.29
C LEU B 32 31.27 12.93 -5.97
N VAL B 33 30.98 11.67 -6.32
CA VAL B 33 31.94 10.90 -7.06
C VAL B 33 32.29 11.55 -8.41
N TYR B 34 31.26 11.89 -9.19
CA TYR B 34 31.46 12.62 -10.44
C TYR B 34 32.40 13.82 -10.28
N ASP B 35 32.12 14.65 -9.29
CA ASP B 35 32.86 15.89 -9.10
C ASP B 35 34.24 15.69 -8.45
N LEU B 36 34.43 14.63 -7.67
CA LEU B 36 35.75 14.38 -7.08
C LEU B 36 36.73 13.64 -7.99
N ASP B 37 36.20 12.87 -8.94
CA ASP B 37 37.05 11.84 -9.52
C ASP B 37 37.80 12.45 -10.68
N PHE B 38 39.07 12.72 -10.45
CA PHE B 38 39.95 13.45 -11.37
C PHE B 38 41.31 13.40 -10.77
N PRO B 39 42.31 13.19 -11.64
CA PRO B 39 43.70 13.01 -11.20
C PRO B 39 44.12 14.16 -10.29
N ALA B 40 43.83 15.39 -10.69
CA ALA B 40 44.22 16.56 -9.89
C ALA B 40 43.75 16.47 -8.43
N LEU B 41 42.47 16.09 -8.25
CA LEU B 41 41.84 16.05 -6.95
C LEU B 41 42.26 14.80 -6.18
N ARG B 42 42.46 13.71 -6.93
CA ARG B 42 42.93 12.44 -6.37
C ARG B 42 44.29 12.57 -5.67
N LYS B 43 44.99 13.69 -5.88
CA LYS B 43 46.23 13.94 -5.14
C LYS B 43 45.92 14.20 -3.67
N ASN B 44 44.69 14.60 -3.38
CA ASN B 44 44.23 14.70 -2.00
C ASN B 44 43.93 13.28 -1.50
N LYS B 45 44.57 12.89 -0.38
CA LYS B 45 44.43 11.52 0.17
C LYS B 45 42.98 11.16 0.57
N ASN B 46 42.34 12.04 1.34
CA ASN B 46 40.95 11.83 1.73
C ASN B 46 40.14 11.46 0.51
N ILE B 47 40.34 12.21 -0.56
CA ILE B 47 39.56 12.05 -1.78
C ILE B 47 39.90 10.75 -2.50
N ASP B 48 41.20 10.43 -2.54
CA ASP B 48 41.69 9.25 -3.24
C ASP B 48 41.25 7.97 -2.55
N ASN B 49 41.37 7.96 -1.23
CA ASN B 49 40.96 6.79 -0.47
C ASN B 49 39.46 6.59 -0.56
N PHE B 50 38.71 7.69 -0.36
CA PHE B 50 37.27 7.67 -0.47
C PHE B 50 36.80 7.09 -1.82
N LEU B 51 37.36 7.59 -2.92
CA LEU B 51 36.97 7.15 -4.26
C LEU B 51 37.38 5.71 -4.55
N SER B 52 38.42 5.23 -3.86
CA SER B 52 38.83 3.84 -4.00
C SER B 52 37.80 2.92 -3.38
N ARG B 53 37.47 3.15 -2.10
CA ARG B 53 36.40 2.39 -1.46
C ARG B 53 35.13 2.35 -2.32
N TYR B 54 34.56 3.52 -2.57
CA TYR B 54 33.18 3.59 -3.09
C TYR B 54 33.00 3.34 -4.59
N LYS B 55 34.08 3.44 -5.36
CA LYS B 55 33.95 3.48 -6.82
C LYS B 55 33.43 2.16 -7.41
N ASP B 56 33.98 1.05 -6.94
CA ASP B 56 33.53 -0.27 -7.37
C ASP B 56 32.04 -0.43 -7.10
N THR B 57 31.61 0.11 -5.96
CA THR B 57 30.22 0.04 -5.54
C THR B 57 29.38 1.00 -6.37
N ILE B 58 29.98 2.13 -6.72
CA ILE B 58 29.31 3.17 -7.49
C ILE B 58 29.02 2.70 -8.91
N ASN B 59 29.83 1.77 -9.38
CA ASN B 59 29.63 1.19 -10.71
C ASN B 59 28.51 0.15 -10.70
N LYS B 60 28.42 -0.62 -9.62
CA LYS B 60 27.30 -1.53 -9.42
C LYS B 60 26.02 -0.70 -9.50
N ILE B 61 25.96 0.32 -8.65
CA ILE B 61 24.82 1.23 -8.54
C ILE B 61 24.45 1.91 -9.87
N ARG B 62 25.43 2.49 -10.55
CA ARG B 62 25.13 3.16 -11.81
C ARG B 62 24.62 2.15 -12.82
N ASP B 63 25.03 0.90 -12.63
CA ASP B 63 24.59 -0.17 -13.51
C ASP B 63 23.15 -0.56 -13.20
N LEU B 64 22.81 -0.59 -11.91
CA LEU B 64 21.50 -1.04 -11.46
C LEU B 64 20.38 -0.02 -11.69
N ARG B 65 20.67 1.24 -11.34
CA ARG B 65 19.65 2.28 -11.38
C ARG B 65 19.22 2.59 -12.80
N MET B 66 17.99 3.09 -12.94
CA MET B 66 17.46 3.48 -14.24
C MET B 66 18.43 4.42 -14.97
N LYS B 67 18.46 4.29 -16.30
CA LYS B 67 19.40 5.06 -17.11
C LYS B 67 18.90 5.20 -18.56
N ALA B 68 19.44 6.20 -19.25
CA ALA B 68 19.01 6.49 -20.61
C ALA B 68 19.04 5.24 -21.50
N GLU B 69 19.93 4.30 -21.19
CA GLU B 69 20.06 3.09 -22.00
C GLU B 69 19.04 2.02 -21.66
N ASP B 70 18.19 2.30 -20.67
CA ASP B 70 17.05 1.44 -20.36
C ASP B 70 15.93 1.73 -21.34
N TYR B 71 16.10 2.81 -22.12
CA TYR B 71 15.12 3.23 -23.12
C TYR B 71 15.76 3.36 -24.50
N GLU B 72 15.00 3.10 -25.55
CA GLU B 72 15.46 3.44 -26.89
C GLU B 72 14.56 4.50 -27.51
N VAL B 73 15.18 5.48 -28.15
CA VAL B 73 14.46 6.60 -28.73
C VAL B 73 13.75 6.14 -29.99
N VAL B 74 12.44 6.29 -29.99
CA VAL B 74 11.63 5.99 -31.17
C VAL B 74 11.59 7.17 -32.15
N LYS B 75 11.72 8.40 -31.63
CA LYS B 75 11.51 9.60 -32.42
C LYS B 75 11.81 10.84 -31.57
N VAL B 76 11.87 12.00 -32.22
CA VAL B 76 12.03 13.25 -31.51
C VAL B 76 10.79 14.10 -31.76
N ILE B 77 10.02 14.33 -30.71
CA ILE B 77 8.76 15.06 -30.84
C ILE B 77 8.79 16.55 -30.46
N GLY B 78 9.93 17.03 -29.97
CA GLY B 78 10.03 18.45 -29.63
C GLY B 78 11.40 18.94 -29.22
N ARG B 79 11.65 20.24 -29.37
CA ARG B 79 12.93 20.83 -28.98
C ARG B 79 12.78 22.09 -28.14
N GLY B 80 13.44 22.11 -26.97
CA GLY B 80 13.40 23.25 -26.06
C GLY B 80 14.65 24.10 -25.94
N ALA B 81 15.69 23.75 -26.70
CA ALA B 81 16.97 24.47 -26.64
C ALA B 81 17.79 24.24 -25.36
N PHE B 82 17.15 23.70 -24.33
CA PHE B 82 17.89 23.07 -23.23
C PHE B 82 17.92 21.58 -23.43
N GLY B 83 17.25 21.12 -24.48
CA GLY B 83 17.15 19.70 -24.74
C GLY B 83 15.90 19.37 -25.51
N GLU B 84 15.67 18.09 -25.73
CA GLU B 84 14.56 17.65 -26.54
C GLU B 84 13.58 16.81 -25.73
N VAL B 85 12.33 16.77 -26.20
CA VAL B 85 11.37 15.76 -25.78
C VAL B 85 11.33 14.67 -26.86
N GLN B 86 11.41 13.41 -26.47
CA GLN B 86 11.49 12.35 -27.47
C GLN B 86 10.71 11.08 -27.10
N LEU B 87 9.97 10.51 -28.06
CA LEU B 87 9.18 9.31 -27.79
C LEU B 87 10.09 8.11 -27.55
N VAL B 88 9.83 7.37 -26.47
CA VAL B 88 10.72 6.27 -26.10
C VAL B 88 9.95 5.00 -25.73
N ARG B 89 10.62 3.85 -25.87
CA ARG B 89 10.05 2.62 -25.36
C ARG B 89 11.01 2.06 -24.34
N HIS B 90 10.45 1.57 -23.23
CA HIS B 90 11.28 0.89 -22.25
C HIS B 90 11.56 -0.55 -22.70
N LYS B 91 12.83 -0.93 -22.69
CA LYS B 91 13.32 -2.18 -23.26
C LYS B 91 12.80 -3.46 -22.57
N SER B 92 12.80 -3.48 -21.24
CA SER B 92 12.30 -4.63 -20.47
C SER B 92 10.77 -4.71 -20.43
N THR B 93 10.13 -3.56 -20.21
CA THR B 93 8.69 -3.49 -19.98
C THR B 93 7.86 -3.17 -21.23
N ARG B 94 8.55 -2.88 -22.34
CA ARG B 94 7.92 -2.59 -23.62
C ARG B 94 7.08 -1.30 -23.65
N LYS B 95 6.88 -0.72 -22.45
CA LYS B 95 5.98 0.43 -22.28
C LYS B 95 6.50 1.70 -22.95
N VAL B 96 5.57 2.56 -23.34
CA VAL B 96 5.85 3.74 -24.18
C VAL B 96 5.61 5.08 -23.45
N TYR B 97 6.67 5.90 -23.39
CA TYR B 97 6.64 7.16 -22.67
C TYR B 97 7.21 8.33 -23.47
N ALA B 98 6.91 9.55 -23.03
CA ALA B 98 7.56 10.75 -23.55
C ALA B 98 8.68 11.18 -22.60
N MET B 99 9.79 11.63 -23.15
CA MET B 99 10.93 11.87 -22.30
C MET B 99 11.60 13.19 -22.60
N LYS B 100 11.71 14.01 -21.56
CA LYS B 100 12.30 15.32 -21.69
C LYS B 100 13.75 15.23 -21.26
N LEU B 101 14.64 15.77 -22.09
CA LEU B 101 16.05 15.90 -21.72
C LEU B 101 16.41 17.32 -21.32
N LEU B 102 17.23 17.44 -20.29
CA LEU B 102 17.81 18.73 -19.92
C LEU B 102 19.33 18.68 -19.81
N SER B 103 20.00 19.54 -20.58
CA SER B 103 21.47 19.54 -20.64
C SER B 103 22.07 20.20 -19.40
N LYS B 104 22.84 19.42 -18.64
CA LYS B 104 23.47 19.98 -17.47
C LYS B 104 24.52 21.01 -17.89
N PHE B 105 25.23 20.71 -18.98
CA PHE B 105 26.28 21.60 -19.42
C PHE B 105 25.69 22.96 -19.77
N GLU B 106 24.54 22.93 -20.45
CA GLU B 106 23.91 24.15 -20.92
C GLU B 106 23.41 24.96 -19.75
N MET B 107 22.93 24.25 -18.73
CA MET B 107 22.37 24.92 -17.57
C MET B 107 23.44 25.62 -16.71
N ILE B 108 24.60 24.99 -16.55
CA ILE B 108 25.67 25.66 -15.84
C ILE B 108 26.14 26.87 -16.66
N LYS B 109 26.23 26.69 -17.98
CA LYS B 109 26.71 27.73 -18.88
C LYS B 109 25.84 29.00 -18.85
N ARG B 110 24.53 28.80 -18.90
CA ARG B 110 23.61 29.93 -19.03
C ARG B 110 23.03 30.38 -17.70
N SER B 111 23.57 29.81 -16.61
CA SER B 111 22.79 29.71 -15.37
C SER B 111 21.47 28.99 -15.70
N ASP B 112 20.35 29.44 -15.15
CA ASP B 112 19.16 28.62 -15.26
C ASP B 112 19.52 27.20 -14.75
N SER B 113 20.00 27.12 -13.51
CA SER B 113 20.20 25.82 -12.85
C SER B 113 19.08 25.36 -11.90
N ALA B 114 18.18 26.27 -11.53
CA ALA B 114 17.17 26.01 -10.49
C ALA B 114 15.73 25.84 -10.98
N PHE B 115 15.50 25.96 -12.28
CA PHE B 115 14.16 26.24 -12.81
C PHE B 115 13.20 25.03 -12.93
N PHE B 116 13.75 23.82 -12.91
CA PHE B 116 13.01 22.59 -13.15
C PHE B 116 12.40 21.96 -11.89
N TRP B 117 12.65 22.54 -10.72
CA TRP B 117 12.11 21.95 -9.50
C TRP B 117 10.56 21.91 -9.46
N GLU B 118 9.92 23.03 -9.86
CA GLU B 118 8.44 23.12 -9.87
C GLU B 118 7.82 22.15 -10.87
N GLU B 119 8.29 22.16 -12.10
CA GLU B 119 7.89 21.14 -13.07
C GLU B 119 7.99 19.74 -12.42
N ARG B 120 9.12 19.43 -11.79
CA ARG B 120 9.27 18.13 -11.12
C ARG B 120 8.15 17.89 -10.08
N ASP B 121 8.01 18.80 -9.12
CA ASP B 121 7.00 18.65 -8.09
C ASP B 121 5.59 18.47 -8.69
N ILE B 122 5.26 19.29 -9.67
CA ILE B 122 3.94 19.26 -10.26
C ILE B 122 3.60 17.95 -10.99
N MET B 123 4.47 17.53 -11.90
CA MET B 123 4.17 16.35 -12.68
C MET B 123 4.23 15.11 -11.80
N ALA B 124 5.01 15.18 -10.73
CA ALA B 124 5.16 14.03 -9.86
C ALA B 124 3.97 13.87 -8.97
N PHE B 125 3.61 14.95 -8.28
CA PHE B 125 2.59 14.90 -7.22
C PHE B 125 1.18 15.46 -7.48
N ALA B 126 0.93 16.03 -8.65
CA ALA B 126 -0.37 16.65 -8.87
C ALA B 126 -1.50 15.60 -8.80
N ASN B 127 -1.28 14.44 -9.40
CA ASN B 127 -2.25 13.37 -9.31
C ASN B 127 -3.57 13.94 -9.79
N SER B 128 -3.54 14.49 -11.00
CA SER B 128 -4.72 15.01 -11.66
C SER B 128 -4.88 14.47 -13.07
N PRO B 129 -6.14 14.27 -13.48
CA PRO B 129 -6.43 13.90 -14.86
C PRO B 129 -6.11 15.08 -15.77
N TRP B 130 -5.97 16.26 -15.18
CA TRP B 130 -5.72 17.49 -15.95
C TRP B 130 -4.24 17.80 -16.11
N VAL B 131 -3.39 16.91 -15.59
CA VAL B 131 -1.95 17.17 -15.59
C VAL B 131 -1.09 15.97 -15.97
N VAL B 132 -0.21 16.19 -16.94
CA VAL B 132 0.70 15.14 -17.40
C VAL B 132 1.52 14.59 -16.22
N GLN B 133 1.49 13.28 -16.03
CA GLN B 133 2.27 12.69 -14.95
C GLN B 133 3.71 12.32 -15.35
N LEU B 134 4.64 12.62 -14.44
CA LEU B 134 6.00 12.14 -14.53
C LEU B 134 6.14 10.80 -13.78
N PHE B 135 6.49 9.73 -14.48
CA PHE B 135 6.70 8.43 -13.84
C PHE B 135 8.10 8.27 -13.22
N TYR B 136 9.13 8.70 -13.95
CA TYR B 136 10.50 8.63 -13.48
C TYR B 136 11.29 9.90 -13.82
N ALA B 137 12.12 10.32 -12.87
CA ALA B 137 13.10 11.37 -13.12
C ALA B 137 14.44 10.83 -12.68
N PHE B 138 15.41 10.80 -13.59
CA PHE B 138 16.74 10.31 -13.25
C PHE B 138 17.77 11.08 -14.05
N GLN B 139 19.03 10.77 -13.82
CA GLN B 139 20.04 11.63 -14.41
C GLN B 139 21.35 10.89 -14.51
N ASP B 140 22.25 11.43 -15.36
CA ASP B 140 23.66 11.09 -15.36
C ASP B 140 24.47 12.37 -15.37
N ASP B 141 25.78 12.26 -15.56
CA ASP B 141 26.61 13.46 -15.55
C ASP B 141 26.22 14.49 -16.63
N ARG B 142 25.72 14.02 -17.78
CA ARG B 142 25.34 14.89 -18.90
C ARG B 142 23.94 15.53 -18.87
N TYR B 143 22.96 14.75 -18.41
CA TYR B 143 21.55 15.09 -18.61
C TYR B 143 20.61 14.78 -17.44
N LEU B 144 19.52 15.52 -17.42
CA LEU B 144 18.36 15.16 -16.62
C LEU B 144 17.38 14.48 -17.56
N TYR B 145 16.67 13.49 -17.05
CA TYR B 145 15.63 12.85 -17.84
C TYR B 145 14.31 12.85 -17.06
N MET B 146 13.24 13.28 -17.72
CA MET B 146 11.92 13.24 -17.13
C MET B 146 11.09 12.33 -18.00
N VAL B 147 10.67 11.21 -17.45
CA VAL B 147 9.89 10.24 -18.22
C VAL B 147 8.39 10.38 -17.93
N MET B 148 7.64 10.79 -18.95
CA MET B 148 6.26 11.24 -18.79
C MET B 148 5.26 10.42 -19.61
N GLU B 149 4.01 10.36 -19.13
CA GLU B 149 2.96 9.79 -19.96
C GLU B 149 2.95 10.47 -21.33
N TYR B 150 2.94 9.63 -22.36
CA TYR B 150 2.92 10.12 -23.72
C TYR B 150 1.49 10.56 -24.05
N MET B 151 1.39 11.67 -24.78
CA MET B 151 0.10 12.26 -25.13
C MET B 151 -0.07 12.38 -26.65
N PRO B 152 -0.51 11.29 -27.30
CA PRO B 152 -0.49 11.14 -28.76
C PRO B 152 -1.46 12.08 -29.52
N GLY B 153 -2.43 12.67 -28.82
CA GLY B 153 -3.31 13.64 -29.43
C GLY B 153 -2.62 14.90 -29.99
N GLY B 154 -1.43 15.22 -29.47
CA GLY B 154 -0.74 16.44 -29.88
C GLY B 154 -1.29 17.67 -29.18
N ASP B 155 -0.75 18.85 -29.47
CA ASP B 155 -1.20 20.04 -28.75
C ASP B 155 -2.36 20.76 -29.42
N LEU B 156 -2.82 21.84 -28.81
CA LEU B 156 -3.93 22.61 -29.35
C LEU B 156 -3.51 23.53 -30.50
N VAL B 157 -2.20 23.75 -30.63
CA VAL B 157 -1.69 24.48 -31.78
C VAL B 157 -1.96 23.66 -33.05
N ASN B 158 -1.69 22.35 -32.97
CA ASN B 158 -1.91 21.43 -34.08
C ASN B 158 -3.39 21.38 -34.43
N LEU B 159 -4.23 21.36 -33.39
CA LEU B 159 -5.66 21.26 -33.60
C LEU B 159 -6.20 22.47 -34.34
N MET B 160 -5.80 23.66 -33.92
CA MET B 160 -6.30 24.88 -34.56
C MET B 160 -5.83 24.92 -36.02
N SER B 161 -4.74 24.21 -36.32
CA SER B 161 -4.24 24.09 -37.68
C SER B 161 -5.17 23.28 -38.56
N ASN B 162 -5.51 22.08 -38.08
CA ASN B 162 -6.24 21.11 -38.89
C ASN B 162 -7.78 21.23 -38.87
N TYR B 163 -8.33 22.07 -37.98
CA TYR B 163 -9.77 22.26 -37.88
C TYR B 163 -10.15 23.72 -37.72
N ASP B 164 -11.26 24.11 -38.32
CA ASP B 164 -11.91 25.33 -37.90
C ASP B 164 -12.66 24.95 -36.62
N VAL B 165 -12.71 25.85 -35.64
CA VAL B 165 -13.26 25.45 -34.35
C VAL B 165 -14.57 26.16 -34.00
N PRO B 166 -15.68 25.39 -33.87
CA PRO B 166 -17.01 25.95 -33.57
C PRO B 166 -17.10 26.28 -32.08
N GLU B 167 -18.02 27.16 -31.70
CA GLU B 167 -18.18 27.47 -30.28
C GLU B 167 -18.33 26.24 -29.39
N LYS B 168 -18.76 25.13 -29.97
CA LYS B 168 -19.03 23.93 -29.18
C LYS B 168 -17.73 23.23 -28.79
N TRP B 169 -16.74 23.27 -29.68
CA TRP B 169 -15.42 22.74 -29.36
C TRP B 169 -14.69 23.68 -28.40
N ALA B 170 -14.70 24.97 -28.75
CA ALA B 170 -14.05 25.98 -27.94
C ALA B 170 -14.49 25.85 -26.49
N ARG B 171 -15.80 25.94 -26.26
CA ARG B 171 -16.36 25.83 -24.92
C ARG B 171 -15.74 24.66 -24.17
N PHE B 172 -15.64 23.53 -24.84
CA PHE B 172 -15.12 22.33 -24.22
C PHE B 172 -13.61 22.35 -23.83
N TYR B 173 -12.73 22.72 -24.77
CA TYR B 173 -11.31 22.85 -24.43
C TYR B 173 -11.15 23.92 -23.37
N THR B 174 -11.80 25.06 -23.58
CA THR B 174 -11.81 26.13 -22.59
C THR B 174 -12.16 25.63 -21.17
N ALA B 175 -13.25 24.89 -21.05
CA ALA B 175 -13.66 24.38 -19.74
C ALA B 175 -12.58 23.48 -19.13
N GLU B 176 -12.06 22.53 -19.90
CA GLU B 176 -10.98 21.66 -19.42
C GLU B 176 -9.76 22.49 -18.96
N VAL B 177 -9.39 23.49 -19.75
CA VAL B 177 -8.28 24.38 -19.37
C VAL B 177 -8.55 25.05 -18.03
N VAL B 178 -9.76 25.60 -17.87
CA VAL B 178 -10.22 26.15 -16.58
C VAL B 178 -9.93 25.19 -15.44
N LEU B 179 -10.27 23.92 -15.63
CA LEU B 179 -10.09 22.91 -14.60
C LEU B 179 -8.62 22.57 -14.32
N ALA B 180 -7.84 22.37 -15.38
CA ALA B 180 -6.44 22.05 -15.16
C ALA B 180 -5.78 23.25 -14.44
N LEU B 181 -6.03 24.46 -14.93
CA LEU B 181 -5.52 25.65 -14.29
C LEU B 181 -5.86 25.65 -12.81
N ASP B 182 -7.15 25.43 -12.51
CA ASP B 182 -7.62 25.46 -11.13
C ASP B 182 -6.89 24.40 -10.29
N ALA B 183 -6.75 23.21 -10.85
CA ALA B 183 -6.02 22.14 -10.19
C ALA B 183 -4.64 22.66 -9.77
N ILE B 184 -3.90 23.20 -10.73
CA ILE B 184 -2.58 23.80 -10.50
C ILE B 184 -2.59 24.98 -9.49
N HIS B 185 -3.65 25.79 -9.52
CA HIS B 185 -3.74 26.90 -8.57
C HIS B 185 -3.95 26.37 -7.15
N SER B 186 -4.61 25.23 -7.05
CA SER B 186 -4.89 24.66 -5.74
C SER B 186 -3.68 23.95 -5.13
N MET B 187 -2.66 23.67 -5.94
CA MET B 187 -1.41 23.15 -5.40
C MET B 187 -0.51 24.30 -4.98
N GLY B 188 -0.97 25.52 -5.23
CA GLY B 188 -0.23 26.71 -4.83
C GLY B 188 0.76 27.21 -5.87
N PHE B 189 0.54 26.87 -7.14
CA PHE B 189 1.40 27.39 -8.20
C PHE B 189 0.65 28.33 -9.11
N ILE B 190 1.37 29.28 -9.66
CA ILE B 190 0.85 30.09 -10.76
C ILE B 190 1.56 29.62 -12.04
N HIS B 191 0.80 29.23 -13.07
CA HIS B 191 1.40 28.66 -14.29
C HIS B 191 2.21 29.70 -15.07
N ARG B 192 1.58 30.86 -15.27
CA ARG B 192 2.26 32.08 -15.71
C ARG B 192 2.59 32.12 -17.20
N ASP B 193 2.71 30.96 -17.83
CA ASP B 193 2.79 30.93 -19.28
C ASP B 193 1.81 29.86 -19.77
N VAL B 194 0.62 30.29 -20.20
CA VAL B 194 -0.44 29.34 -20.54
C VAL B 194 -0.75 29.47 -22.02
N LYS B 195 -0.44 28.43 -22.78
CA LYS B 195 -0.55 28.50 -24.23
C LYS B 195 -1.05 27.17 -24.77
N PRO B 196 -1.58 27.18 -26.01
CA PRO B 196 -2.02 25.98 -26.72
C PRO B 196 -0.92 24.93 -26.79
N ASP B 197 0.34 25.38 -26.85
CA ASP B 197 1.49 24.48 -26.84
C ASP B 197 1.55 23.67 -25.54
N ASN B 198 1.14 24.28 -24.43
CA ASN B 198 1.15 23.61 -23.14
C ASN B 198 -0.07 22.75 -22.90
N MET B 199 -1.00 22.75 -23.86
CA MET B 199 -2.19 21.90 -23.80
C MET B 199 -2.06 20.74 -24.77
N LEU B 200 -1.96 19.52 -24.23
CA LEU B 200 -1.91 18.32 -25.07
C LEU B 200 -3.17 17.43 -24.90
N LEU B 201 -3.24 16.37 -25.70
CA LEU B 201 -4.41 15.50 -25.71
C LEU B 201 -4.00 14.03 -25.53
N ASP B 202 -4.77 13.30 -24.72
CA ASP B 202 -4.52 11.86 -24.56
C ASP B 202 -5.22 11.10 -25.69
N LYS B 203 -5.11 9.77 -25.72
CA LYS B 203 -5.76 8.98 -26.76
C LYS B 203 -7.30 9.24 -26.80
N SER B 204 -7.87 9.72 -25.70
CA SER B 204 -9.31 10.04 -25.64
C SER B 204 -9.69 11.35 -26.31
N GLY B 205 -8.70 12.20 -26.62
CA GLY B 205 -8.97 13.55 -27.08
C GLY B 205 -9.15 14.55 -25.94
N HIS B 206 -8.81 14.12 -24.73
CA HIS B 206 -8.93 14.98 -23.55
C HIS B 206 -7.63 15.73 -23.26
N LEU B 207 -7.79 16.91 -22.69
CA LEU B 207 -6.70 17.85 -22.52
C LEU B 207 -5.95 17.67 -21.20
N LYS B 208 -4.62 17.73 -21.24
CA LYS B 208 -3.78 17.85 -20.04
C LYS B 208 -2.85 19.06 -20.21
N LEU B 209 -2.41 19.68 -19.12
CA LEU B 209 -1.31 20.66 -19.23
C LEU B 209 0.05 19.94 -19.14
N ALA B 210 1.02 20.38 -19.95
CA ALA B 210 2.43 19.97 -19.81
C ALA B 210 3.33 21.22 -19.72
N ASP B 211 4.65 21.04 -19.74
CA ASP B 211 5.56 22.20 -19.69
C ASP B 211 5.23 23.21 -18.58
N PHE B 212 5.56 22.84 -17.34
CA PHE B 212 5.40 23.70 -16.17
C PHE B 212 6.63 24.56 -15.83
N GLY B 213 7.60 24.58 -16.74
CA GLY B 213 8.87 25.25 -16.50
C GLY B 213 8.78 26.68 -15.99
N THR B 214 7.66 27.34 -16.25
CA THR B 214 7.47 28.72 -15.80
C THR B 214 6.83 28.86 -14.43
N CYS B 215 6.40 27.72 -13.86
CA CYS B 215 5.53 27.75 -12.68
C CYS B 215 6.24 28.18 -11.41
N MET B 216 5.59 29.06 -10.67
CA MET B 216 6.13 29.58 -9.42
C MET B 216 5.14 29.29 -8.30
N LYS B 217 5.68 28.99 -7.12
CA LYS B 217 4.86 28.82 -5.94
C LYS B 217 4.35 30.19 -5.46
N MET B 218 3.04 30.35 -5.32
CA MET B 218 2.46 31.55 -4.67
C MET B 218 2.70 31.51 -3.16
N ASN B 219 2.59 32.66 -2.49
CA ASN B 219 2.97 32.71 -1.07
C ASN B 219 1.83 32.66 -0.02
N LYS B 220 1.21 33.81 0.23
CA LYS B 220 0.21 33.97 1.29
C LYS B 220 -0.98 34.70 0.69
N GLU B 221 -0.68 35.92 0.24
CA GLU B 221 -1.57 36.69 -0.61
C GLU B 221 -1.77 36.06 -2.01
N GLY B 222 -1.03 34.99 -2.29
CA GLY B 222 -1.14 34.30 -3.55
C GLY B 222 -0.51 35.06 -4.71
N MET B 223 0.72 35.55 -4.49
CA MET B 223 1.41 36.36 -5.47
C MET B 223 2.81 35.85 -5.72
N VAL B 224 3.44 36.35 -6.78
CA VAL B 224 4.77 35.91 -7.18
C VAL B 224 5.43 36.97 -8.05
N ARG B 225 6.74 36.88 -8.20
CA ARG B 225 7.44 37.41 -9.38
C ARG B 225 8.70 36.62 -9.67
N CYS B 226 8.96 36.40 -10.96
CA CYS B 226 10.23 35.82 -11.37
C CYS B 226 10.84 36.65 -12.48
N ASP B 227 12.15 36.46 -12.66
CA ASP B 227 13.00 37.27 -13.53
C ASP B 227 12.93 36.79 -14.99
N THR B 228 12.06 35.81 -15.23
CA THR B 228 12.16 34.94 -16.41
C THR B 228 11.70 35.50 -17.75
N ALA B 229 12.61 35.40 -18.71
CA ALA B 229 12.35 35.69 -20.11
C ALA B 229 11.12 34.90 -20.58
N VAL B 230 10.32 35.51 -21.45
CA VAL B 230 9.15 34.84 -21.96
C VAL B 230 9.06 34.89 -23.50
N GLY B 231 9.12 33.70 -24.12
CA GLY B 231 8.95 33.60 -25.57
C GLY B 231 7.55 34.09 -25.91
N THR B 232 7.55 35.18 -26.70
CA THR B 232 6.35 35.87 -27.17
C THR B 232 5.55 36.40 -25.98
N PRO B 233 5.03 37.63 -26.11
CA PRO B 233 4.03 37.99 -25.11
C PRO B 233 2.61 37.79 -25.60
N ASP B 234 2.33 36.73 -26.34
CA ASP B 234 1.05 36.68 -27.00
C ASP B 234 -0.06 36.44 -25.97
N TYR B 235 0.15 35.45 -25.10
CA TYR B 235 -0.83 35.09 -24.07
C TYR B 235 -0.54 35.72 -22.71
N ILE B 236 0.50 36.54 -22.65
CA ILE B 236 0.95 37.13 -21.40
C ILE B 236 0.11 38.37 -21.02
N SER B 237 -0.27 38.48 -19.75
CA SER B 237 -1.10 39.60 -19.27
C SER B 237 -0.29 40.89 -19.13
N PRO B 238 -0.99 42.04 -19.17
CA PRO B 238 -0.32 43.35 -19.07
C PRO B 238 0.49 43.48 -17.80
N GLU B 239 -0.13 43.11 -16.66
CA GLU B 239 0.53 43.25 -15.36
C GLU B 239 1.77 42.34 -15.18
N VAL B 240 1.88 41.29 -16.00
CA VAL B 240 3.10 40.48 -16.00
C VAL B 240 4.21 41.19 -16.79
N LEU B 241 3.81 41.86 -17.87
CA LEU B 241 4.74 42.61 -18.69
C LEU B 241 5.34 43.75 -17.88
N LYS B 242 4.48 44.51 -17.21
CA LYS B 242 4.92 45.57 -16.29
C LYS B 242 5.86 45.04 -15.22
N SER B 243 5.53 43.89 -14.65
CA SER B 243 6.32 43.34 -13.57
C SER B 243 7.77 43.08 -13.98
N GLN B 244 7.97 42.62 -15.22
CA GLN B 244 9.32 42.32 -15.68
C GLN B 244 10.23 43.57 -15.66
N GLY B 245 9.60 44.76 -15.65
CA GLY B 245 10.32 46.02 -15.57
C GLY B 245 10.56 46.48 -14.13
N GLY B 246 10.55 45.53 -13.21
CA GLY B 246 10.78 45.81 -11.79
C GLY B 246 9.56 46.26 -10.99
N ASP B 247 8.53 46.73 -11.69
CA ASP B 247 7.39 47.43 -11.07
C ASP B 247 6.74 46.74 -9.85
N GLY B 248 6.59 45.42 -9.91
CA GLY B 248 5.97 44.72 -8.80
C GLY B 248 5.53 43.29 -9.04
N TYR B 249 4.55 42.87 -8.25
CA TYR B 249 4.14 41.48 -8.18
C TYR B 249 2.75 41.30 -8.77
N TYR B 250 2.23 40.08 -8.66
CA TYR B 250 0.94 39.73 -9.24
C TYR B 250 0.49 38.33 -8.88
N GLY B 251 -0.82 38.10 -9.00
CA GLY B 251 -1.46 36.86 -8.62
C GLY B 251 -1.94 35.99 -9.78
N ARG B 252 -2.65 34.92 -9.44
CA ARG B 252 -3.06 33.90 -10.40
C ARG B 252 -4.04 34.37 -11.48
N GLU B 253 -4.57 35.58 -11.29
CA GLU B 253 -5.47 36.16 -12.30
C GLU B 253 -4.75 36.35 -13.63
N CYS B 254 -3.43 36.30 -13.60
CA CYS B 254 -2.64 36.47 -14.80
C CYS B 254 -2.91 35.29 -15.73
N ASP B 255 -3.13 34.12 -15.14
CA ASP B 255 -3.43 32.91 -15.91
C ASP B 255 -4.81 32.98 -16.60
N TRP B 256 -5.77 33.61 -15.94
CA TRP B 256 -7.10 33.76 -16.53
C TRP B 256 -7.06 34.68 -17.77
N TRP B 257 -6.16 35.65 -17.77
CA TRP B 257 -5.89 36.43 -18.97
C TRP B 257 -5.57 35.49 -20.14
N SER B 258 -4.57 34.62 -19.97
CA SER B 258 -4.16 33.72 -21.04
C SER B 258 -5.36 32.98 -21.61
N VAL B 259 -6.22 32.51 -20.72
CA VAL B 259 -7.43 31.78 -21.13
C VAL B 259 -8.36 32.68 -21.96
N GLY B 260 -8.58 33.90 -21.50
CA GLY B 260 -9.26 34.89 -22.30
C GLY B 260 -8.66 34.93 -23.70
N VAL B 261 -7.32 34.94 -23.79
CA VAL B 261 -6.65 35.00 -25.09
C VAL B 261 -6.83 33.70 -25.89
N PHE B 262 -6.61 32.58 -25.23
CA PHE B 262 -6.82 31.25 -25.83
C PHE B 262 -8.20 31.12 -26.50
N LEU B 263 -9.26 31.55 -25.81
CA LEU B 263 -10.60 31.53 -26.38
C LEU B 263 -10.68 32.31 -27.69
N TYR B 264 -10.22 33.56 -27.63
CA TYR B 264 -10.25 34.45 -28.78
C TYR B 264 -9.54 33.82 -29.97
N GLU B 265 -8.42 33.18 -29.71
CA GLU B 265 -7.68 32.60 -30.81
C GLU B 265 -8.44 31.42 -31.41
N MET B 266 -9.18 30.69 -30.57
CA MET B 266 -9.91 29.53 -31.05
C MET B 266 -11.12 29.89 -31.92
N LEU B 267 -11.91 30.86 -31.46
CA LEU B 267 -13.04 31.34 -32.23
C LEU B 267 -12.59 32.10 -33.48
N VAL B 268 -11.74 33.11 -33.27
CA VAL B 268 -11.42 34.11 -34.29
C VAL B 268 -10.21 33.74 -35.17
N GLY B 269 -9.55 32.63 -34.87
CA GLY B 269 -8.41 32.18 -35.68
C GLY B 269 -7.11 32.95 -35.47
N ASP B 270 -7.19 34.09 -34.77
CA ASP B 270 -6.01 34.93 -34.57
C ASP B 270 -5.81 35.31 -33.10
N THR B 271 -4.56 35.49 -32.70
CA THR B 271 -4.28 36.08 -31.40
C THR B 271 -4.83 37.50 -31.41
N PRO B 272 -5.48 37.91 -30.30
CA PRO B 272 -6.09 39.25 -30.34
C PRO B 272 -5.05 40.34 -30.46
N PHE B 273 -3.87 40.10 -29.90
CA PHE B 273 -2.84 41.10 -29.89
C PHE B 273 -1.77 40.90 -30.94
N TYR B 274 -2.04 39.93 -31.82
CA TYR B 274 -1.12 39.61 -32.91
C TYR B 274 -0.64 40.86 -33.68
N ALA B 275 0.67 40.94 -33.90
CA ALA B 275 1.27 41.96 -34.77
C ALA B 275 2.48 41.33 -35.47
N ASP B 276 2.98 41.98 -36.53
CA ASP B 276 4.16 41.48 -37.25
C ASP B 276 5.37 41.31 -36.32
N SER B 277 5.48 42.20 -35.35
CA SER B 277 6.63 42.26 -34.45
C SER B 277 6.28 42.00 -32.99
N LEU B 278 7.29 41.66 -32.21
CA LEU B 278 7.21 41.57 -30.75
C LEU B 278 6.80 42.92 -30.09
N VAL B 279 7.50 43.99 -30.47
CA VAL B 279 7.26 45.36 -30.00
C VAL B 279 5.83 45.78 -30.23
N GLY B 280 5.31 45.46 -31.42
CA GLY B 280 3.95 45.76 -31.79
C GLY B 280 2.97 44.98 -30.94
N THR B 281 3.20 43.68 -30.81
CA THR B 281 2.35 42.85 -29.98
C THR B 281 2.38 43.43 -28.56
N TYR B 282 3.58 43.79 -28.12
CA TYR B 282 3.80 44.32 -26.77
C TYR B 282 2.96 45.58 -26.55
N SER B 283 3.09 46.55 -27.45
CA SER B 283 2.31 47.78 -27.36
C SER B 283 0.82 47.48 -27.32
N LYS B 284 0.40 46.50 -28.11
CA LYS B 284 -1.03 46.20 -28.21
C LYS B 284 -1.59 45.70 -26.88
N ILE B 285 -0.86 44.79 -26.24
CA ILE B 285 -1.23 44.33 -24.91
C ILE B 285 -1.39 45.50 -23.95
N MET B 286 -0.40 46.38 -23.92
CA MET B 286 -0.44 47.53 -23.03
C MET B 286 -1.58 48.46 -23.45
N ASN B 287 -1.92 48.42 -24.73
CA ASN B 287 -3.02 49.19 -25.31
C ASN B 287 -4.40 48.54 -25.15
N HIS B 288 -4.48 47.40 -24.46
CA HIS B 288 -5.60 46.46 -24.61
C HIS B 288 -6.98 47.09 -24.56
N LYS B 289 -7.14 48.15 -23.77
CA LYS B 289 -8.42 48.83 -23.72
C LYS B 289 -8.88 49.23 -25.12
N ASN B 290 -7.99 49.89 -25.86
CA ASN B 290 -8.29 50.39 -27.19
C ASN B 290 -7.89 49.45 -28.33
N SER B 291 -7.12 48.42 -28.01
CA SER B 291 -6.50 47.56 -29.04
C SER B 291 -7.25 46.27 -29.30
N LEU B 292 -8.29 46.03 -28.52
CA LEU B 292 -9.02 44.77 -28.63
C LEU B 292 -10.31 44.95 -29.41
N THR B 293 -10.39 44.26 -30.54
CA THR B 293 -11.52 44.39 -31.46
C THR B 293 -12.08 43.03 -31.79
N PHE B 294 -13.40 42.93 -31.79
CA PHE B 294 -14.02 41.72 -32.28
C PHE B 294 -14.25 41.77 -33.78
N PRO B 295 -14.19 40.59 -34.42
CA PRO B 295 -13.78 40.50 -35.82
C PRO B 295 -14.63 41.22 -36.86
N ASP B 296 -14.11 41.12 -38.08
CA ASP B 296 -14.84 41.34 -39.32
C ASP B 296 -15.57 40.01 -39.56
N ASP B 297 -14.90 38.94 -39.12
CA ASP B 297 -15.14 37.55 -39.54
C ASP B 297 -16.56 37.01 -39.29
N ASN B 298 -17.36 37.75 -38.53
CA ASN B 298 -18.55 37.18 -37.96
C ASN B 298 -19.41 38.18 -37.19
N ASP B 299 -20.55 37.66 -36.78
CA ASP B 299 -21.02 37.88 -35.44
C ASP B 299 -20.74 36.52 -34.78
N ILE B 300 -20.01 36.49 -33.66
CA ILE B 300 -20.04 35.29 -32.81
C ILE B 300 -20.74 35.61 -31.51
N SER B 301 -20.90 34.59 -30.69
CA SER B 301 -21.84 34.63 -29.58
C SER B 301 -21.66 35.84 -28.65
N LYS B 302 -22.77 36.38 -28.18
CA LYS B 302 -22.78 37.46 -27.21
C LYS B 302 -22.05 36.98 -25.96
N GLU B 303 -22.31 35.73 -25.59
CA GLU B 303 -21.74 35.12 -24.40
C GLU B 303 -20.24 34.85 -24.53
N ALA B 304 -19.83 34.28 -25.66
CA ALA B 304 -18.40 34.09 -25.89
C ALA B 304 -17.69 35.44 -25.79
N LYS B 305 -18.17 36.44 -26.53
CA LYS B 305 -17.56 37.77 -26.50
C LYS B 305 -17.41 38.26 -25.08
N ASN B 306 -18.43 38.01 -24.26
CA ASN B 306 -18.47 38.54 -22.91
C ASN B 306 -17.48 37.86 -21.96
N LEU B 307 -17.29 36.55 -22.15
CA LEU B 307 -16.31 35.84 -21.38
C LEU B 307 -14.92 36.36 -21.75
N ILE B 308 -14.61 36.29 -23.04
CA ILE B 308 -13.33 36.81 -23.52
C ILE B 308 -13.05 38.21 -22.97
N CYS B 309 -14.05 39.10 -23.02
CA CYS B 309 -13.87 40.48 -22.57
C CYS B 309 -13.72 40.56 -21.06
N ALA B 310 -14.30 39.60 -20.35
CA ALA B 310 -14.23 39.61 -18.88
C ALA B 310 -12.84 39.16 -18.42
N PHE B 311 -12.24 38.29 -19.21
CA PHE B 311 -10.89 37.82 -18.97
C PHE B 311 -9.89 38.86 -19.44
N LEU B 312 -10.21 39.56 -20.53
CA LEU B 312 -9.24 40.47 -21.15
C LEU B 312 -9.30 41.87 -20.60
N THR B 313 -9.98 42.06 -19.47
CA THR B 313 -9.92 43.36 -18.80
C THR B 313 -8.71 43.52 -17.89
N ASP B 314 -8.62 44.68 -17.23
CA ASP B 314 -7.60 44.95 -16.22
C ASP B 314 -7.78 44.03 -15.01
N ARG B 315 -6.68 43.70 -14.34
CA ARG B 315 -6.68 42.60 -13.35
C ARG B 315 -7.62 42.74 -12.15
N GLU B 316 -7.85 43.98 -11.70
CA GLU B 316 -8.60 44.21 -10.46
C GLU B 316 -10.11 43.96 -10.64
N VAL B 317 -10.59 44.28 -11.83
CA VAL B 317 -11.97 43.98 -12.21
C VAL B 317 -12.09 42.62 -12.94
N ARG B 318 -10.99 41.88 -13.07
CA ARG B 318 -10.98 40.70 -13.95
C ARG B 318 -11.67 39.42 -13.42
N LEU B 319 -12.27 38.67 -14.33
CA LEU B 319 -12.95 37.43 -13.97
C LEU B 319 -12.00 36.38 -13.37
N GLY B 320 -12.35 35.83 -12.22
CA GLY B 320 -11.54 34.79 -11.62
C GLY B 320 -10.78 35.28 -10.39
N ARG B 321 -10.79 36.58 -10.17
CA ARG B 321 -10.19 37.14 -8.96
C ARG B 321 -11.00 36.74 -7.70
N ASN B 322 -12.30 36.51 -7.88
CA ASN B 322 -13.17 36.01 -6.80
C ASN B 322 -13.23 34.49 -6.78
N GLY B 323 -12.37 33.86 -7.59
CA GLY B 323 -12.22 32.42 -7.59
C GLY B 323 -12.85 31.74 -8.80
N VAL B 324 -12.59 30.43 -8.91
CA VAL B 324 -12.94 29.65 -10.08
C VAL B 324 -14.46 29.60 -10.33
N GLU B 325 -15.25 29.79 -9.29
CA GLU B 325 -16.68 29.58 -9.38
C GLU B 325 -17.41 30.54 -10.30
N GLU B 326 -17.15 31.83 -10.15
CA GLU B 326 -17.77 32.81 -11.04
C GLU B 326 -17.42 32.54 -12.50
N ILE B 327 -16.31 31.85 -12.72
CA ILE B 327 -15.95 31.44 -14.08
C ILE B 327 -16.89 30.34 -14.55
N LYS B 328 -17.03 29.31 -13.72
CA LYS B 328 -17.85 28.14 -14.03
C LYS B 328 -19.33 28.48 -14.27
N ARG B 329 -19.80 29.52 -13.59
CA ARG B 329 -21.19 29.95 -13.66
C ARG B 329 -21.49 30.85 -14.86
N HIS B 330 -20.45 31.22 -15.61
CA HIS B 330 -20.65 32.03 -16.82
C HIS B 330 -21.50 31.34 -17.88
N LEU B 331 -22.49 32.07 -18.39
CA LEU B 331 -23.54 31.51 -19.23
C LEU B 331 -22.98 30.95 -20.53
N PHE B 332 -21.75 31.32 -20.84
CA PHE B 332 -21.05 30.77 -21.99
C PHE B 332 -20.89 29.26 -21.83
N PHE B 333 -20.85 28.79 -20.59
CA PHE B 333 -20.55 27.38 -20.33
C PHE B 333 -21.75 26.43 -20.37
N LYS B 334 -22.96 27.00 -20.36
CA LYS B 334 -24.17 26.17 -20.38
C LYS B 334 -24.27 25.31 -21.64
N ASN B 335 -24.47 24.02 -21.44
CA ASN B 335 -24.76 23.13 -22.56
C ASN B 335 -25.47 21.85 -22.08
N ASP B 336 -25.89 21.02 -23.03
CA ASP B 336 -26.55 19.77 -22.71
C ASP B 336 -25.58 18.61 -22.72
N GLN B 337 -24.40 18.84 -23.29
CA GLN B 337 -23.50 17.74 -23.56
C GLN B 337 -22.77 17.26 -22.31
N TRP B 338 -22.26 18.19 -21.49
CA TRP B 338 -21.50 17.83 -20.29
C TRP B 338 -21.79 18.76 -19.12
N ALA B 339 -21.48 18.28 -17.92
CA ALA B 339 -21.45 19.11 -16.72
C ALA B 339 -20.03 19.12 -16.13
N TRP B 340 -19.69 20.22 -15.45
CA TRP B 340 -18.32 20.43 -14.97
C TRP B 340 -17.73 19.19 -14.27
N GLU B 341 -18.54 18.49 -13.49
CA GLU B 341 -18.10 17.30 -12.80
C GLU B 341 -17.86 16.13 -13.77
N THR B 342 -18.67 16.05 -14.82
CA THR B 342 -18.68 14.89 -15.70
C THR B 342 -17.79 15.11 -16.91
N LEU B 343 -17.25 16.32 -17.00
CA LEU B 343 -16.57 16.74 -18.23
C LEU B 343 -15.60 15.69 -18.83
N ARG B 344 -14.73 15.08 -18.03
CA ARG B 344 -13.75 14.16 -18.62
C ARG B 344 -14.33 12.81 -19.07
N ASP B 345 -15.59 12.56 -18.73
CA ASP B 345 -16.27 11.32 -19.10
C ASP B 345 -17.06 11.48 -20.40
N THR B 346 -17.19 12.73 -20.83
CA THR B 346 -17.80 13.05 -22.11
C THR B 346 -16.89 12.49 -23.21
N VAL B 347 -17.44 12.28 -24.40
CA VAL B 347 -16.65 11.96 -25.57
C VAL B 347 -16.12 13.28 -26.14
N ALA B 348 -14.85 13.29 -26.58
CA ALA B 348 -14.20 14.52 -27.03
C ALA B 348 -14.43 14.87 -28.51
N PRO B 349 -14.48 16.19 -28.84
CA PRO B 349 -14.70 16.72 -30.19
C PRO B 349 -13.82 16.02 -31.23
N VAL B 350 -12.57 15.79 -30.88
CA VAL B 350 -11.64 15.07 -31.73
C VAL B 350 -11.00 13.92 -30.96
N VAL B 351 -11.27 12.70 -31.40
CA VAL B 351 -10.70 11.52 -30.79
C VAL B 351 -9.73 10.90 -31.78
N PRO B 352 -8.43 10.96 -31.44
CA PRO B 352 -7.36 10.58 -32.37
C PRO B 352 -7.50 9.19 -32.97
N ASP B 353 -7.36 9.11 -34.28
CA ASP B 353 -7.17 7.83 -34.97
C ASP B 353 -5.66 7.56 -34.97
N LEU B 354 -5.27 6.44 -34.38
CA LEU B 354 -3.85 6.13 -34.18
C LEU B 354 -3.50 4.77 -34.73
N SER B 355 -2.60 4.76 -35.72
CA SER B 355 -2.10 3.52 -36.32
C SER B 355 -1.50 2.60 -35.25
N SER B 356 -0.62 3.15 -34.42
CA SER B 356 0.06 2.34 -33.42
C SER B 356 0.22 3.06 -32.08
N ASP B 357 0.84 2.36 -31.13
CA ASP B 357 1.32 2.96 -29.90
C ASP B 357 2.47 3.96 -30.13
N ILE B 358 3.07 3.91 -31.32
CA ILE B 358 4.12 4.84 -31.74
C ILE B 358 3.63 6.02 -32.62
N ASP B 359 2.33 6.10 -32.88
CA ASP B 359 1.83 7.08 -33.85
C ASP B 359 2.23 8.53 -33.49
N THR B 360 2.97 9.15 -34.43
CA THR B 360 3.48 10.54 -34.33
C THR B 360 2.69 11.61 -35.14
N SER B 361 1.56 11.19 -35.72
CA SER B 361 0.81 11.99 -36.68
C SER B 361 0.61 13.43 -36.24
N ASN B 362 0.29 13.64 -34.97
CA ASN B 362 -0.07 14.98 -34.48
C ASN B 362 1.14 15.82 -34.10
N PHE B 363 2.33 15.28 -34.34
CA PHE B 363 3.57 16.01 -34.10
C PHE B 363 4.36 16.20 -35.39
N ASP B 364 5.10 17.31 -35.47
CA ASP B 364 6.00 17.52 -36.59
C ASP B 364 7.24 16.65 -36.43
N ASP B 365 7.81 16.24 -37.55
CA ASP B 365 9.08 15.51 -37.53
C ASP B 365 10.16 16.42 -36.97
N LEU B 366 10.94 15.91 -36.03
CA LEU B 366 12.12 16.63 -35.55
C LEU B 366 13.37 15.92 -36.07
N GLU B 367 14.09 16.62 -36.94
CA GLU B 367 15.15 16.03 -37.75
C GLU B 367 16.25 15.35 -36.97
N GLU B 368 17.15 16.19 -36.45
CA GLU B 368 18.34 15.68 -35.78
C GLU B 368 19.11 16.70 -34.96
N ASP B 369 19.87 16.19 -33.99
CA ASP B 369 20.84 17.00 -33.27
C ASP B 369 22.20 16.68 -33.86
N LYS B 370 22.70 15.49 -33.54
CA LYS B 370 23.96 14.99 -34.09
C LYS B 370 25.08 16.01 -33.88
N GLY B 371 24.90 16.84 -32.85
CA GLY B 371 25.91 17.80 -32.46
C GLY B 371 26.84 17.14 -31.48
N GLU B 372 28.07 17.62 -31.42
CA GLU B 372 29.06 17.02 -30.53
C GLU B 372 28.88 17.54 -29.10
N GLU B 373 28.77 16.62 -28.15
CA GLU B 373 28.45 16.98 -26.78
C GLU B 373 29.58 17.76 -26.10
N GLU B 374 29.23 18.96 -25.62
CA GLU B 374 30.17 19.79 -24.90
C GLU B 374 30.46 19.21 -23.52
N THR B 375 31.69 19.42 -23.05
CA THR B 375 32.14 18.92 -21.76
C THR B 375 32.75 20.05 -20.94
N PHE B 376 32.76 19.91 -19.62
CA PHE B 376 33.40 20.89 -18.75
C PHE B 376 34.93 20.81 -18.71
N PRO B 377 35.57 21.96 -18.47
CA PRO B 377 36.98 22.00 -18.07
C PRO B 377 37.24 21.16 -16.82
N ILE B 378 38.25 20.30 -16.89
CA ILE B 378 38.59 19.45 -15.77
C ILE B 378 38.89 20.27 -14.50
N PRO B 379 38.18 19.98 -13.41
CA PRO B 379 38.40 20.72 -12.16
C PRO B 379 39.84 20.55 -11.65
N LYS B 380 40.52 21.65 -11.33
CA LYS B 380 41.79 21.61 -10.59
C LYS B 380 41.54 21.52 -9.09
N ALA B 381 40.43 22.12 -8.64
CA ALA B 381 39.87 21.88 -7.30
C ALA B 381 38.40 21.54 -7.47
N PHE B 382 37.71 21.29 -6.37
CA PHE B 382 36.30 20.90 -6.44
C PHE B 382 35.44 22.10 -6.84
N VAL B 383 34.73 21.99 -7.97
CA VAL B 383 33.76 23.03 -8.38
C VAL B 383 32.28 22.67 -8.16
N GLY B 384 32.03 21.41 -7.82
CA GLY B 384 30.68 20.91 -7.63
C GLY B 384 29.67 21.24 -8.73
N ASN B 385 30.00 20.92 -9.97
CA ASN B 385 29.04 21.19 -11.04
C ASN B 385 27.82 20.27 -11.00
N GLN B 386 27.86 19.25 -10.16
CA GLN B 386 26.75 18.33 -10.07
C GLN B 386 25.77 18.66 -8.92
N LEU B 387 26.17 19.57 -8.04
CA LEU B 387 25.38 19.90 -6.85
C LEU B 387 23.99 20.44 -7.13
N PRO B 388 23.84 21.23 -8.20
CA PRO B 388 22.50 21.80 -8.41
C PRO B 388 21.46 20.74 -8.76
N PHE B 389 21.93 19.58 -9.23
CA PHE B 389 21.04 18.52 -9.69
C PHE B 389 20.78 17.43 -8.66
N VAL B 390 21.34 17.60 -7.47
CA VAL B 390 21.20 16.60 -6.44
C VAL B 390 19.82 16.63 -5.80
N GLY B 391 19.17 15.47 -5.79
CA GLY B 391 17.84 15.30 -5.24
C GLY B 391 16.76 15.31 -6.32
N PHE B 392 17.19 15.29 -7.59
CA PHE B 392 16.26 15.33 -8.71
C PHE B 392 15.65 13.96 -8.96
N THR B 393 16.33 12.91 -8.53
CA THR B 393 15.85 11.58 -8.87
C THR B 393 14.49 11.28 -8.21
N TYR B 394 13.59 10.72 -9.02
CA TYR B 394 12.27 10.29 -8.54
C TYR B 394 11.78 9.04 -9.27
N TYR B 395 11.31 8.06 -8.49
CA TYR B 395 10.68 6.86 -9.05
C TYR B 395 9.26 6.75 -8.51
N SER B 396 8.25 6.74 -9.38
CA SER B 396 6.88 6.51 -8.90
C SER B 396 6.64 5.01 -8.62
N ASN B 397 6.11 4.75 -7.42
CA ASN B 397 5.80 3.37 -6.99
C ASN B 397 4.38 3.21 -6.42
N THR C 4 -40.95 3.18 -7.62
CA THR C 4 -41.74 1.97 -7.78
C THR C 4 -41.18 0.70 -7.05
N ARG C 5 -39.91 0.28 -7.23
CA ARG C 5 -39.02 0.50 -8.40
C ARG C 5 -38.77 -0.65 -9.43
N PHE C 6 -39.23 -1.89 -9.23
CA PHE C 6 -39.72 -2.45 -7.99
C PHE C 6 -39.11 -3.86 -7.76
N GLU C 7 -39.54 -4.80 -8.61
CA GLU C 7 -39.18 -6.21 -8.52
C GLU C 7 -38.02 -6.54 -9.48
N LYS C 8 -37.55 -5.56 -10.22
CA LYS C 8 -36.39 -5.80 -11.08
C LYS C 8 -35.20 -6.11 -10.20
N MET C 9 -35.18 -5.53 -9.01
CA MET C 9 -34.16 -5.86 -8.02
C MET C 9 -34.32 -7.31 -7.55
N ASP C 10 -35.57 -7.68 -7.32
CA ASP C 10 -35.94 -9.02 -6.90
C ASP C 10 -35.42 -10.10 -7.88
N ASN C 11 -35.70 -9.92 -9.16
CA ASN C 11 -35.35 -10.94 -10.15
C ASN C 11 -33.84 -11.04 -10.34
N LEU C 12 -33.18 -9.89 -10.22
CA LEU C 12 -31.74 -9.79 -10.41
C LEU C 12 -30.98 -10.55 -9.34
N LEU C 13 -31.57 -10.62 -8.15
CA LEU C 13 -30.94 -11.31 -7.04
C LEU C 13 -31.13 -12.82 -7.13
N ARG C 14 -32.26 -13.22 -7.72
CA ARG C 14 -32.65 -14.63 -7.88
C ARG C 14 -32.03 -15.35 -9.09
N ASP C 15 -32.02 -14.70 -10.25
CA ASP C 15 -31.62 -15.36 -11.49
C ASP C 15 -30.22 -15.99 -11.44
N PRO C 16 -30.13 -17.33 -11.63
CA PRO C 16 -28.85 -18.07 -11.61
C PRO C 16 -27.88 -17.52 -12.66
N LYS C 17 -28.46 -16.94 -13.71
CA LYS C 17 -27.70 -16.31 -14.77
C LYS C 17 -27.34 -14.86 -14.46
N SER C 18 -27.95 -14.28 -13.43
CA SER C 18 -27.62 -12.90 -13.07
C SER C 18 -26.30 -12.83 -12.29
N GLU C 19 -25.46 -11.86 -12.62
CA GLU C 19 -24.14 -11.74 -11.98
C GLU C 19 -24.16 -10.82 -10.76
N VAL C 20 -25.31 -10.18 -10.54
CA VAL C 20 -25.58 -9.50 -9.29
C VAL C 20 -26.37 -10.39 -8.32
N ASN C 21 -26.53 -11.68 -8.65
CA ASN C 21 -27.36 -12.53 -7.80
C ASN C 21 -26.73 -12.85 -6.43
N SER C 22 -27.47 -13.58 -5.60
CA SER C 22 -27.08 -13.79 -4.20
C SER C 22 -25.67 -14.35 -4.05
N ASP C 23 -25.37 -15.39 -4.82
CA ASP C 23 -24.09 -16.07 -4.67
C ASP C 23 -22.91 -15.25 -5.17
N CYS C 24 -23.11 -14.53 -6.27
CA CYS C 24 -22.12 -13.56 -6.72
C CYS C 24 -21.87 -12.49 -5.64
N LEU C 25 -22.95 -11.92 -5.10
CA LEU C 25 -22.81 -10.94 -4.01
C LEU C 25 -21.98 -11.47 -2.82
N LEU C 26 -22.28 -12.69 -2.36
CA LEU C 26 -21.45 -13.31 -1.34
C LEU C 26 -19.99 -13.50 -1.79
N ASP C 27 -19.81 -13.92 -3.05
CA ASP C 27 -18.47 -14.06 -3.64
C ASP C 27 -17.68 -12.75 -3.57
N GLY C 28 -18.38 -11.64 -3.80
CA GLY C 28 -17.77 -10.34 -3.68
C GLY C 28 -17.23 -10.09 -2.29
N LEU C 29 -18.05 -10.34 -1.28
CA LEU C 29 -17.62 -10.08 0.07
C LEU C 29 -16.49 -11.01 0.40
N ASP C 30 -16.63 -12.25 -0.04
CA ASP C 30 -15.62 -13.24 0.23
C ASP C 30 -14.28 -12.87 -0.42
N ALA C 31 -14.34 -12.44 -1.68
CA ALA C 31 -13.15 -12.00 -2.38
C ALA C 31 -12.52 -10.81 -1.65
N LEU C 32 -13.38 -9.87 -1.24
CA LEU C 32 -12.91 -8.68 -0.56
C LEU C 32 -12.08 -9.07 0.68
N VAL C 33 -12.70 -9.80 1.60
CA VAL C 33 -12.01 -10.17 2.83
C VAL C 33 -10.67 -10.87 2.57
N TYR C 34 -10.66 -11.85 1.67
CA TYR C 34 -9.42 -12.58 1.34
C TYR C 34 -8.32 -11.60 0.91
N ASP C 35 -8.67 -10.72 -0.03
CA ASP C 35 -7.75 -9.77 -0.64
C ASP C 35 -7.30 -8.63 0.30
N LEU C 36 -8.14 -8.31 1.28
CA LEU C 36 -7.81 -7.25 2.22
C LEU C 36 -6.93 -7.73 3.36
N ASP C 37 -7.05 -8.99 3.73
CA ASP C 37 -6.59 -9.37 5.05
C ASP C 37 -5.11 -9.78 5.08
N PHE C 38 -4.28 -8.92 5.66
CA PHE C 38 -2.82 -8.91 5.51
C PHE C 38 -2.25 -7.81 6.39
N PRO C 39 -1.12 -8.09 7.05
CA PRO C 39 -0.50 -7.18 8.02
C PRO C 39 -0.17 -5.86 7.35
N ALA C 40 0.42 -5.95 6.17
CA ALA C 40 0.75 -4.77 5.38
C ALA C 40 -0.48 -3.86 5.27
N LEU C 41 -1.59 -4.44 4.80
CA LEU C 41 -2.80 -3.68 4.50
C LEU C 41 -3.65 -3.30 5.72
N ARG C 42 -3.39 -3.94 6.86
CA ARG C 42 -4.19 -3.66 8.04
C ARG C 42 -3.69 -2.39 8.72
N LYS C 43 -2.63 -1.81 8.17
CA LYS C 43 -2.13 -0.51 8.63
C LYS C 43 -3.08 0.62 8.20
N ASN C 44 -3.77 0.39 7.08
CA ASN C 44 -4.91 1.21 6.68
C ASN C 44 -6.04 1.09 7.74
N LYS C 45 -6.51 2.23 8.23
CA LYS C 45 -7.60 2.29 9.24
C LYS C 45 -8.88 1.72 8.65
N ASN C 46 -9.26 2.26 7.49
CA ASN C 46 -10.45 1.82 6.80
C ASN C 46 -10.51 0.30 6.73
N ILE C 47 -9.37 -0.29 6.42
CA ILE C 47 -9.29 -1.70 6.17
C ILE C 47 -9.35 -2.54 7.44
N ASP C 48 -8.55 -2.16 8.43
CA ASP C 48 -8.50 -2.88 9.70
C ASP C 48 -9.86 -2.86 10.39
N ASN C 49 -10.53 -1.72 10.32
CA ASN C 49 -11.87 -1.59 10.91
C ASN C 49 -12.94 -2.38 10.17
N PHE C 50 -12.85 -2.39 8.84
CA PHE C 50 -13.73 -3.20 8.03
C PHE C 50 -13.57 -4.69 8.33
N LEU C 51 -12.34 -5.18 8.37
CA LEU C 51 -12.08 -6.57 8.77
C LEU C 51 -12.54 -6.92 10.21
N SER C 52 -12.30 -6.03 11.16
CA SER C 52 -12.79 -6.28 12.52
C SER C 52 -14.31 -6.50 12.51
N ARG C 53 -15.00 -5.59 11.85
CA ARG C 53 -16.46 -5.57 11.73
C ARG C 53 -17.10 -6.80 11.08
N TYR C 54 -16.53 -7.26 9.97
CA TYR C 54 -17.10 -8.36 9.20
C TYR C 54 -16.47 -9.73 9.44
N LYS C 55 -15.43 -9.77 10.28
CA LYS C 55 -14.65 -11.00 10.50
C LYS C 55 -15.53 -12.18 10.93
N ASP C 56 -16.29 -12.00 12.02
CA ASP C 56 -17.11 -13.07 12.56
C ASP C 56 -18.16 -13.48 11.55
N THR C 57 -18.75 -12.48 10.92
CA THR C 57 -19.75 -12.72 9.91
C THR C 57 -19.18 -13.60 8.77
N ILE C 58 -18.00 -13.22 8.29
CA ILE C 58 -17.36 -13.92 7.19
C ILE C 58 -17.01 -15.39 7.54
N ASN C 59 -16.41 -15.59 8.72
CA ASN C 59 -16.22 -16.95 9.24
C ASN C 59 -17.49 -17.83 9.20
N LYS C 60 -18.62 -17.28 9.62
CA LYS C 60 -19.90 -17.97 9.48
C LYS C 60 -20.18 -18.32 8.03
N ILE C 61 -20.19 -17.31 7.17
CA ILE C 61 -20.57 -17.52 5.78
C ILE C 61 -19.75 -18.65 5.15
N ARG C 62 -18.43 -18.56 5.29
CA ARG C 62 -17.54 -19.56 4.70
C ARG C 62 -17.94 -20.97 5.10
N ASP C 63 -18.38 -21.12 6.36
CA ASP C 63 -18.83 -22.43 6.82
C ASP C 63 -20.23 -22.85 6.32
N LEU C 64 -21.16 -21.91 6.27
CA LEU C 64 -22.52 -22.28 5.87
C LEU C 64 -22.59 -22.64 4.39
N ARG C 65 -21.81 -21.94 3.58
CA ARG C 65 -21.81 -22.19 2.14
C ARG C 65 -21.08 -23.48 1.78
N MET C 66 -21.35 -23.99 0.57
CA MET C 66 -20.72 -25.22 0.13
C MET C 66 -19.20 -25.04 0.06
N LYS C 67 -18.48 -26.01 0.62
CA LYS C 67 -17.03 -25.91 0.79
C LYS C 67 -16.35 -27.26 0.53
N ALA C 68 -15.03 -27.24 0.32
CA ALA C 68 -14.31 -28.46 0.01
C ALA C 68 -14.55 -29.57 1.06
N GLU C 69 -14.54 -29.21 2.34
CA GLU C 69 -14.62 -30.18 3.42
C GLU C 69 -15.92 -31.01 3.38
N ASP C 70 -16.94 -30.49 2.68
CA ASP C 70 -18.23 -31.20 2.55
C ASP C 70 -18.14 -32.51 1.72
N TYR C 71 -16.98 -32.75 1.12
CA TYR C 71 -16.80 -33.87 0.19
C TYR C 71 -15.65 -34.77 0.58
N GLU C 72 -15.91 -36.07 0.58
CA GLU C 72 -14.85 -37.07 0.74
C GLU C 72 -14.18 -37.33 -0.61
N VAL C 73 -12.86 -37.36 -0.63
CA VAL C 73 -12.14 -37.67 -1.88
C VAL C 73 -11.87 -39.17 -1.96
N VAL C 74 -12.44 -39.82 -2.97
CA VAL C 74 -12.25 -41.26 -3.15
C VAL C 74 -10.95 -41.55 -3.88
N LYS C 75 -10.87 -41.09 -5.12
CA LYS C 75 -9.73 -41.38 -5.98
C LYS C 75 -9.47 -40.13 -6.80
N VAL C 76 -8.21 -39.93 -7.18
CA VAL C 76 -7.90 -38.87 -8.13
C VAL C 76 -7.90 -39.47 -9.54
N ILE C 77 -8.91 -39.11 -10.33
CA ILE C 77 -9.08 -39.73 -11.62
C ILE C 77 -8.48 -38.94 -12.78
N GLY C 78 -7.80 -37.85 -12.49
CA GLY C 78 -7.03 -37.16 -13.52
C GLY C 78 -6.37 -35.88 -13.04
N ARG C 79 -5.30 -35.48 -13.72
CA ARG C 79 -4.56 -34.29 -13.31
C ARG C 79 -4.18 -33.45 -14.53
N GLY C 80 -4.70 -32.24 -14.62
CA GLY C 80 -4.45 -31.38 -15.76
C GLY C 80 -3.47 -30.25 -15.49
N ALA C 81 -2.76 -30.36 -14.37
CA ALA C 81 -1.66 -29.44 -14.05
C ALA C 81 -2.11 -27.97 -13.92
N PHE C 82 -3.36 -27.70 -14.30
CA PHE C 82 -4.07 -26.52 -13.81
C PHE C 82 -4.93 -27.01 -12.64
N GLY C 83 -4.82 -28.31 -12.36
CA GLY C 83 -5.50 -28.92 -11.23
C GLY C 83 -5.68 -30.41 -11.40
N GLU C 84 -6.67 -30.95 -10.69
CA GLU C 84 -6.97 -32.37 -10.74
C GLU C 84 -8.44 -32.56 -11.04
N VAL C 85 -8.81 -33.80 -11.34
CA VAL C 85 -10.20 -34.23 -11.26
C VAL C 85 -10.24 -35.35 -10.23
N GLN C 86 -11.16 -35.22 -9.28
CA GLN C 86 -11.28 -36.22 -8.22
C GLN C 86 -12.65 -36.82 -8.31
N LEU C 87 -12.74 -38.10 -7.98
CA LEU C 87 -14.05 -38.69 -7.74
C LEU C 87 -14.31 -38.52 -6.25
N VAL C 88 -15.45 -37.94 -5.90
CA VAL C 88 -15.70 -37.51 -4.53
C VAL C 88 -17.09 -37.94 -4.10
N ARG C 89 -17.25 -38.21 -2.81
CA ARG C 89 -18.58 -38.50 -2.30
C ARG C 89 -18.96 -37.48 -1.28
N HIS C 90 -20.13 -36.88 -1.46
CA HIS C 90 -20.63 -35.95 -0.46
C HIS C 90 -20.85 -36.69 0.87
N LYS C 91 -20.24 -36.18 1.94
CA LYS C 91 -20.18 -36.85 3.23
C LYS C 91 -21.55 -37.10 3.88
N SER C 92 -22.50 -36.23 3.57
CA SER C 92 -23.85 -36.34 4.13
C SER C 92 -24.85 -37.04 3.18
N THR C 93 -25.14 -36.45 2.02
CA THR C 93 -26.05 -37.05 1.03
C THR C 93 -25.57 -38.42 0.58
N ARG C 94 -24.25 -38.60 0.50
CA ARG C 94 -23.66 -39.90 0.12
C ARG C 94 -23.63 -40.06 -1.40
N LYS C 95 -24.16 -39.05 -2.10
CA LYS C 95 -24.09 -38.98 -3.54
C LYS C 95 -22.65 -38.84 -4.06
N VAL C 96 -22.42 -39.43 -5.23
CA VAL C 96 -21.10 -39.47 -5.88
C VAL C 96 -20.98 -38.51 -7.09
N TYR C 97 -19.88 -37.76 -7.14
CA TYR C 97 -19.73 -36.74 -8.16
C TYR C 97 -18.31 -36.72 -8.66
N ALA C 98 -18.12 -36.16 -9.85
CA ALA C 98 -16.78 -35.83 -10.32
C ALA C 98 -16.53 -34.39 -9.94
N MET C 99 -15.33 -34.13 -9.45
CA MET C 99 -14.97 -32.77 -9.07
C MET C 99 -13.68 -32.32 -9.73
N LYS C 100 -13.80 -31.31 -10.59
CA LYS C 100 -12.64 -30.62 -11.15
C LYS C 100 -12.14 -29.55 -10.17
N LEU C 101 -10.84 -29.56 -9.91
CA LEU C 101 -10.19 -28.52 -9.14
C LEU C 101 -9.37 -27.62 -10.06
N LEU C 102 -9.76 -26.35 -10.17
CA LEU C 102 -8.93 -25.38 -10.89
C LEU C 102 -8.12 -24.51 -9.92
N SER C 103 -6.79 -24.59 -10.03
CA SER C 103 -5.86 -23.76 -9.25
C SER C 103 -5.98 -22.27 -9.55
N LYS C 104 -6.19 -21.46 -8.52
CA LYS C 104 -6.23 -20.01 -8.69
C LYS C 104 -4.81 -19.45 -8.88
N PHE C 105 -3.91 -19.89 -8.00
CA PHE C 105 -2.53 -19.46 -8.05
C PHE C 105 -1.89 -19.67 -9.45
N GLU C 106 -2.13 -20.83 -10.04
CA GLU C 106 -1.59 -21.11 -11.35
C GLU C 106 -2.32 -20.33 -12.42
N MET C 107 -3.64 -20.21 -12.29
CA MET C 107 -4.44 -19.43 -13.23
C MET C 107 -4.00 -17.97 -13.27
N ILE C 108 -3.20 -17.57 -12.29
CA ILE C 108 -2.58 -16.24 -12.29
C ILE C 108 -1.23 -16.30 -13.01
N LYS C 109 -0.32 -17.11 -12.45
CA LYS C 109 1.04 -17.26 -12.96
C LYS C 109 1.07 -17.57 -14.46
N ARG C 110 0.09 -18.31 -14.95
CA ARG C 110 0.00 -18.60 -16.38
C ARG C 110 -0.87 -17.56 -17.09
N SER C 111 -1.27 -16.51 -16.35
CA SER C 111 -2.40 -15.70 -16.81
C SER C 111 -3.54 -16.68 -17.11
N ASP C 112 -4.27 -16.47 -18.20
CA ASP C 112 -5.35 -17.40 -18.55
C ASP C 112 -6.30 -17.58 -17.33
N SER C 113 -6.93 -16.48 -16.91
CA SER C 113 -7.92 -16.51 -15.84
C SER C 113 -9.39 -16.51 -16.34
N ALA C 114 -9.62 -16.42 -17.65
CA ALA C 114 -11.01 -16.28 -18.17
C ALA C 114 -11.77 -17.50 -18.77
N PHE C 115 -11.12 -18.65 -18.90
CA PHE C 115 -11.61 -19.76 -19.76
C PHE C 115 -12.77 -20.59 -19.14
N PHE C 116 -12.79 -20.61 -17.82
CA PHE C 116 -13.73 -21.41 -17.06
C PHE C 116 -15.13 -20.85 -17.11
N TRP C 117 -15.29 -19.60 -17.50
CA TRP C 117 -16.63 -19.01 -17.53
C TRP C 117 -17.57 -19.79 -18.46
N GLU C 118 -17.14 -20.02 -19.70
CA GLU C 118 -17.93 -20.74 -20.71
C GLU C 118 -18.14 -22.22 -20.34
N GLU C 119 -17.10 -22.82 -19.77
CA GLU C 119 -17.21 -24.17 -19.25
C GLU C 119 -18.36 -24.22 -18.21
N ARG C 120 -18.30 -23.34 -17.21
CA ARG C 120 -19.35 -23.25 -16.22
C ARG C 120 -20.69 -23.04 -16.92
N ASP C 121 -20.80 -21.96 -17.67
CA ASP C 121 -22.04 -21.62 -18.36
C ASP C 121 -22.65 -22.82 -19.11
N ILE C 122 -21.80 -23.58 -19.80
CA ILE C 122 -22.30 -24.69 -20.58
C ILE C 122 -22.80 -25.84 -19.70
N MET C 123 -21.94 -26.30 -18.81
CA MET C 123 -22.29 -27.46 -18.00
C MET C 123 -23.53 -27.19 -17.14
N ALA C 124 -23.66 -25.95 -16.68
CA ALA C 124 -24.78 -25.58 -15.83
C ALA C 124 -26.09 -25.55 -16.57
N PHE C 125 -26.12 -24.79 -17.68
CA PHE C 125 -27.38 -24.49 -18.39
C PHE C 125 -27.70 -25.24 -19.70
N ALA C 126 -26.77 -26.05 -20.19
CA ALA C 126 -26.92 -26.70 -21.49
C ALA C 126 -28.15 -27.59 -21.53
N ASN C 127 -28.44 -28.25 -20.43
CA ASN C 127 -29.58 -29.15 -20.37
C ASN C 127 -29.63 -30.08 -21.58
N SER C 128 -28.50 -30.74 -21.83
CA SER C 128 -28.43 -31.70 -22.92
C SER C 128 -27.93 -33.05 -22.42
N PRO C 129 -28.49 -34.12 -22.99
CA PRO C 129 -28.00 -35.46 -22.72
C PRO C 129 -26.59 -35.65 -23.29
N TRP C 130 -26.17 -34.77 -24.20
CA TRP C 130 -24.82 -34.84 -24.78
C TRP C 130 -23.75 -34.20 -23.92
N VAL C 131 -24.18 -33.50 -22.87
CA VAL C 131 -23.27 -32.69 -22.07
C VAL C 131 -23.31 -33.01 -20.58
N VAL C 132 -22.16 -33.36 -20.01
CA VAL C 132 -22.05 -33.54 -18.58
C VAL C 132 -22.62 -32.31 -17.84
N GLN C 133 -23.36 -32.57 -16.78
CA GLN C 133 -24.02 -31.53 -16.01
C GLN C 133 -23.20 -31.07 -14.79
N LEU C 134 -23.29 -29.76 -14.53
CA LEU C 134 -22.63 -29.15 -13.39
C LEU C 134 -23.72 -28.94 -12.33
N PHE C 135 -23.58 -29.63 -11.21
CA PHE C 135 -24.51 -29.49 -10.09
C PHE C 135 -24.19 -28.30 -9.18
N TYR C 136 -22.89 -28.10 -8.92
CA TYR C 136 -22.45 -27.03 -8.05
C TYR C 136 -21.10 -26.54 -8.48
N ALA C 137 -20.84 -25.28 -8.15
CA ALA C 137 -19.55 -24.67 -8.33
C ALA C 137 -19.35 -23.83 -7.09
N PHE C 138 -18.14 -23.87 -6.55
CA PHE C 138 -17.80 -23.02 -5.42
C PHE C 138 -16.31 -22.75 -5.45
N GLN C 139 -15.79 -22.07 -4.43
CA GLN C 139 -14.38 -21.70 -4.40
C GLN C 139 -13.89 -21.40 -2.99
N ASP C 140 -12.58 -21.49 -2.80
CA ASP C 140 -11.93 -20.91 -1.61
C ASP C 140 -10.83 -19.97 -2.10
N ASP C 141 -9.97 -19.49 -1.20
CA ASP C 141 -8.86 -18.64 -1.65
C ASP C 141 -7.96 -19.34 -2.68
N ARG C 142 -7.72 -20.65 -2.48
CA ARG C 142 -6.87 -21.46 -3.37
C ARG C 142 -7.47 -21.87 -4.74
N TYR C 143 -8.71 -22.40 -4.74
CA TYR C 143 -9.25 -23.10 -5.90
C TYR C 143 -10.67 -22.76 -6.27
N LEU C 144 -11.00 -23.08 -7.52
CA LEU C 144 -12.39 -23.26 -7.94
C LEU C 144 -12.75 -24.74 -7.93
N TYR C 145 -13.98 -25.04 -7.57
CA TYR C 145 -14.46 -26.41 -7.53
C TYR C 145 -15.68 -26.52 -8.43
N MET C 146 -15.62 -27.43 -9.40
CA MET C 146 -16.79 -27.74 -10.19
C MET C 146 -17.22 -29.18 -9.87
N VAL C 147 -18.47 -29.34 -9.47
CA VAL C 147 -19.01 -30.63 -9.06
C VAL C 147 -19.96 -31.12 -10.14
N MET C 148 -19.57 -32.20 -10.82
CA MET C 148 -20.33 -32.67 -12.00
C MET C 148 -20.92 -34.05 -11.81
N GLU C 149 -21.98 -34.34 -12.56
CA GLU C 149 -22.45 -35.71 -12.59
C GLU C 149 -21.28 -36.62 -12.93
N TYR C 150 -21.21 -37.75 -12.24
CA TYR C 150 -20.14 -38.71 -12.42
C TYR C 150 -20.38 -39.54 -13.68
N MET C 151 -19.28 -39.99 -14.28
CA MET C 151 -19.37 -40.75 -15.52
C MET C 151 -18.54 -42.02 -15.43
N PRO C 152 -19.13 -43.07 -14.84
CA PRO C 152 -18.45 -44.30 -14.42
C PRO C 152 -17.92 -45.11 -15.59
N GLY C 153 -18.47 -44.86 -16.78
CA GLY C 153 -18.00 -45.49 -18.02
C GLY C 153 -16.54 -45.23 -18.40
N GLY C 154 -15.96 -44.13 -17.92
CA GLY C 154 -14.61 -43.79 -18.32
C GLY C 154 -14.60 -43.05 -19.64
N ASP C 155 -13.42 -42.70 -20.16
CA ASP C 155 -13.39 -41.99 -21.43
C ASP C 155 -13.04 -42.94 -22.57
N LEU C 156 -13.13 -42.42 -23.80
CA LEU C 156 -12.83 -43.20 -24.99
C LEU C 156 -11.35 -43.70 -25.08
N VAL C 157 -10.42 -43.08 -24.35
CA VAL C 157 -9.06 -43.56 -24.36
C VAL C 157 -8.97 -44.89 -23.65
N ASN C 158 -9.71 -45.01 -22.55
CA ASN C 158 -9.72 -46.25 -21.80
C ASN C 158 -10.28 -47.35 -22.68
N LEU C 159 -11.44 -47.05 -23.24
CA LEU C 159 -12.16 -47.99 -24.08
C LEU C 159 -11.25 -48.48 -25.21
N MET C 160 -10.57 -47.52 -25.85
CA MET C 160 -9.68 -47.80 -26.97
C MET C 160 -8.48 -48.63 -26.53
N SER C 161 -8.12 -48.55 -25.26
CA SER C 161 -7.01 -49.33 -24.81
C SER C 161 -7.46 -50.75 -24.59
N ASN C 162 -8.62 -50.92 -23.99
CA ASN C 162 -9.05 -52.27 -23.64
C ASN C 162 -9.73 -53.04 -24.77
N TYR C 163 -9.91 -52.39 -25.91
CA TYR C 163 -10.57 -53.04 -27.04
C TYR C 163 -9.98 -52.71 -28.40
N ASP C 164 -10.22 -53.63 -29.34
CA ASP C 164 -10.10 -53.32 -30.75
C ASP C 164 -11.47 -52.84 -31.21
N VAL C 165 -11.54 -51.58 -31.59
CA VAL C 165 -12.84 -51.01 -31.92
C VAL C 165 -13.25 -51.41 -33.33
N PRO C 166 -14.32 -52.22 -33.44
CA PRO C 166 -14.85 -52.67 -34.73
C PRO C 166 -15.58 -51.49 -35.34
N GLU C 167 -15.89 -51.59 -36.62
CA GLU C 167 -16.49 -50.48 -37.33
C GLU C 167 -17.83 -50.03 -36.78
N LYS C 168 -18.67 -50.95 -36.33
CA LYS C 168 -20.00 -50.51 -35.89
C LYS C 168 -19.98 -49.81 -34.54
N TRP C 169 -18.91 -50.05 -33.78
CA TRP C 169 -18.66 -49.28 -32.57
C TRP C 169 -18.27 -47.86 -32.98
N ALA C 170 -17.27 -47.76 -33.85
CA ALA C 170 -16.80 -46.47 -34.35
C ALA C 170 -17.94 -45.66 -35.02
N ARG C 171 -18.77 -46.32 -35.81
CA ARG C 171 -19.96 -45.66 -36.35
C ARG C 171 -20.77 -45.11 -35.16
N PHE C 172 -20.98 -45.95 -34.16
CA PHE C 172 -21.74 -45.54 -32.99
C PHE C 172 -21.17 -44.28 -32.30
N TYR C 173 -19.89 -44.34 -31.90
CA TYR C 173 -19.31 -43.25 -31.13
C TYR C 173 -19.14 -41.98 -31.94
N THR C 174 -18.64 -42.12 -33.16
CA THR C 174 -18.51 -40.97 -34.03
C THR C 174 -19.87 -40.29 -34.19
N ALA C 175 -20.92 -41.09 -34.37
CA ALA C 175 -22.25 -40.50 -34.52
C ALA C 175 -22.65 -39.70 -33.27
N GLU C 176 -22.36 -40.24 -32.09
CA GLU C 176 -22.75 -39.54 -30.87
C GLU C 176 -21.88 -38.31 -30.68
N VAL C 177 -20.59 -38.43 -30.96
CA VAL C 177 -19.71 -37.26 -30.91
C VAL C 177 -20.29 -36.19 -31.82
N VAL C 178 -20.77 -36.60 -32.98
CA VAL C 178 -21.36 -35.68 -33.94
C VAL C 178 -22.57 -34.94 -33.35
N LEU C 179 -23.56 -35.70 -32.85
CA LEU C 179 -24.75 -35.08 -32.22
C LEU C 179 -24.37 -34.16 -31.05
N ALA C 180 -23.44 -34.60 -30.21
CA ALA C 180 -22.94 -33.76 -29.12
C ALA C 180 -22.37 -32.44 -29.64
N LEU C 181 -21.46 -32.52 -30.62
CA LEU C 181 -20.83 -31.30 -31.13
C LEU C 181 -21.89 -30.35 -31.71
N ASP C 182 -22.76 -30.90 -32.54
CA ASP C 182 -23.82 -30.09 -33.10
C ASP C 182 -24.61 -29.36 -32.00
N ALA C 183 -24.97 -30.09 -30.96
CA ALA C 183 -25.68 -29.50 -29.83
C ALA C 183 -24.96 -28.26 -29.30
N ILE C 184 -23.64 -28.40 -29.08
CA ILE C 184 -22.79 -27.29 -28.64
C ILE C 184 -22.72 -26.12 -29.65
N HIS C 185 -22.49 -26.46 -30.92
CA HIS C 185 -22.53 -25.48 -31.99
C HIS C 185 -23.85 -24.70 -31.95
N SER C 186 -24.95 -25.42 -31.68
CA SER C 186 -26.26 -24.79 -31.62
C SER C 186 -26.41 -23.85 -30.42
N MET C 187 -25.67 -24.10 -29.35
CA MET C 187 -25.65 -23.18 -28.21
C MET C 187 -24.79 -21.94 -28.46
N GLY C 188 -24.10 -21.93 -29.60
CA GLY C 188 -23.29 -20.79 -29.99
C GLY C 188 -21.79 -20.96 -29.84
N PHE C 189 -21.36 -22.14 -29.44
CA PHE C 189 -19.94 -22.37 -29.11
C PHE C 189 -19.17 -23.28 -30.07
N ILE C 190 -17.86 -23.01 -30.20
CA ILE C 190 -16.90 -23.92 -30.82
C ILE C 190 -15.98 -24.52 -29.74
N HIS C 191 -16.00 -25.85 -29.64
CA HIS C 191 -15.22 -26.56 -28.62
C HIS C 191 -13.70 -26.34 -28.69
N ARG C 192 -13.17 -26.32 -29.93
CA ARG C 192 -11.79 -26.75 -30.21
C ARG C 192 -11.63 -28.10 -29.55
N ASP C 193 -10.46 -28.41 -29.02
CA ASP C 193 -10.27 -29.48 -28.00
C ASP C 193 -11.15 -30.77 -27.99
N VAL C 194 -11.50 -31.28 -29.15
CA VAL C 194 -12.23 -32.52 -29.22
C VAL C 194 -11.21 -33.64 -29.32
N LYS C 195 -11.40 -34.64 -28.47
CA LYS C 195 -10.48 -35.76 -28.32
C LYS C 195 -11.10 -36.78 -27.36
N PRO C 196 -10.65 -38.04 -27.43
CA PRO C 196 -11.27 -39.14 -26.67
C PRO C 196 -11.31 -38.83 -25.16
N ASP C 197 -10.22 -38.25 -24.64
CA ASP C 197 -10.13 -37.91 -23.22
C ASP C 197 -11.32 -37.05 -22.72
N ASN C 198 -11.93 -36.27 -23.60
CA ASN C 198 -13.12 -35.46 -23.26
C ASN C 198 -14.45 -36.11 -23.65
N MET C 199 -14.38 -37.32 -24.20
CA MET C 199 -15.60 -38.06 -24.48
C MET C 199 -15.80 -39.12 -23.38
N LEU C 200 -16.85 -38.98 -22.59
CA LEU C 200 -17.06 -39.89 -21.46
C LEU C 200 -18.32 -40.70 -21.63
N LEU C 201 -18.38 -41.83 -20.94
CA LEU C 201 -19.55 -42.71 -21.03
C LEU C 201 -20.34 -42.83 -19.73
N ASP C 202 -21.65 -42.63 -19.80
CA ASP C 202 -22.51 -42.81 -18.63
C ASP C 202 -22.70 -44.31 -18.32
N LYS C 203 -23.49 -44.65 -17.28
CA LYS C 203 -23.63 -46.06 -16.89
C LYS C 203 -24.17 -46.88 -18.05
N SER C 204 -25.11 -46.31 -18.79
CA SER C 204 -25.75 -47.01 -19.90
C SER C 204 -24.81 -47.17 -21.12
N GLY C 205 -23.64 -46.53 -21.05
CA GLY C 205 -22.63 -46.65 -22.10
C GLY C 205 -22.71 -45.57 -23.17
N HIS C 206 -23.70 -44.68 -23.06
CA HIS C 206 -23.83 -43.57 -23.99
C HIS C 206 -22.82 -42.46 -23.70
N LEU C 207 -22.61 -41.60 -24.71
CA LEU C 207 -21.53 -40.60 -24.72
C LEU C 207 -21.91 -39.17 -24.27
N LYS C 208 -21.08 -38.59 -23.40
CA LYS C 208 -21.19 -37.17 -23.05
C LYS C 208 -19.88 -36.44 -23.36
N LEU C 209 -19.97 -35.15 -23.72
CA LEU C 209 -18.78 -34.30 -23.78
C LEU C 209 -18.49 -33.66 -22.42
N ALA C 210 -17.24 -33.77 -21.96
CA ALA C 210 -16.76 -32.97 -20.82
C ALA C 210 -15.67 -31.93 -21.23
N ASP C 211 -15.08 -31.27 -20.24
CA ASP C 211 -13.94 -30.37 -20.48
C ASP C 211 -14.15 -29.30 -21.58
N PHE C 212 -14.99 -28.33 -21.29
CA PHE C 212 -15.29 -27.20 -22.16
C PHE C 212 -14.39 -25.96 -21.94
N GLY C 213 -13.33 -26.12 -21.15
CA GLY C 213 -12.44 -25.02 -20.83
C GLY C 213 -11.77 -24.35 -22.02
N THR C 214 -11.80 -25.01 -23.18
CA THR C 214 -11.29 -24.39 -24.39
C THR C 214 -12.41 -23.81 -25.28
N CYS C 215 -13.65 -23.88 -24.82
CA CYS C 215 -14.76 -23.39 -25.65
C CYS C 215 -14.71 -21.89 -25.90
N MET C 216 -15.30 -21.47 -27.01
CA MET C 216 -15.30 -20.07 -27.39
C MET C 216 -16.58 -19.74 -28.14
N LYS C 217 -17.08 -18.52 -27.94
CA LYS C 217 -18.37 -18.14 -28.49
C LYS C 217 -18.25 -17.46 -29.87
N MET C 218 -19.07 -17.94 -30.81
CA MET C 218 -19.05 -17.45 -32.20
C MET C 218 -19.60 -16.02 -32.31
N ASN C 219 -19.19 -15.28 -33.34
CA ASN C 219 -19.90 -14.05 -33.65
C ASN C 219 -21.17 -14.37 -34.44
N LYS C 220 -21.83 -13.34 -34.94
CA LYS C 220 -23.10 -13.52 -35.65
C LYS C 220 -22.87 -14.20 -37.01
N GLU C 221 -21.61 -14.18 -37.46
CA GLU C 221 -21.21 -14.89 -38.68
C GLU C 221 -20.86 -16.37 -38.40
N GLY C 222 -20.73 -16.71 -37.13
CA GLY C 222 -20.41 -18.07 -36.75
C GLY C 222 -18.91 -18.31 -36.74
N MET C 223 -18.15 -17.23 -36.62
CA MET C 223 -16.70 -17.38 -36.60
C MET C 223 -16.13 -16.85 -35.31
N VAL C 224 -14.83 -17.07 -35.12
CA VAL C 224 -14.13 -16.52 -33.97
C VAL C 224 -12.77 -16.01 -34.42
N ARG C 225 -12.34 -14.92 -33.81
CA ARG C 225 -10.99 -14.42 -34.04
C ARG C 225 -10.10 -14.86 -32.89
N CYS C 226 -9.07 -15.65 -33.20
CA CYS C 226 -8.13 -16.09 -32.16
C CYS C 226 -6.73 -16.22 -32.72
N ASP C 227 -5.76 -15.68 -31.99
CA ASP C 227 -4.36 -15.78 -32.39
C ASP C 227 -3.54 -16.85 -31.66
N THR C 228 -4.22 -17.64 -30.83
CA THR C 228 -3.57 -18.72 -30.08
C THR C 228 -4.02 -20.14 -30.50
N ALA C 229 -3.05 -21.04 -30.69
CA ALA C 229 -3.30 -22.44 -31.04
C ALA C 229 -3.74 -23.24 -29.81
N VAL C 230 -4.90 -23.90 -29.86
CA VAL C 230 -5.42 -24.60 -28.68
C VAL C 230 -5.50 -26.14 -28.82
N GLY C 231 -5.81 -26.80 -27.72
CA GLY C 231 -5.03 -27.93 -27.22
C GLY C 231 -4.85 -29.22 -27.98
N THR C 232 -4.10 -30.13 -27.36
CA THR C 232 -3.92 -31.50 -27.85
C THR C 232 -3.35 -31.61 -29.26
N PRO C 233 -2.01 -31.48 -29.36
CA PRO C 233 -1.32 -31.41 -30.64
C PRO C 233 -1.72 -32.52 -31.62
N ASP C 234 -1.99 -33.74 -31.14
CA ASP C 234 -2.40 -34.81 -32.06
C ASP C 234 -3.69 -34.47 -32.82
N TYR C 235 -4.58 -33.74 -32.14
CA TYR C 235 -5.94 -33.48 -32.62
C TYR C 235 -6.18 -32.09 -33.26
N ILE C 236 -5.16 -31.23 -33.24
CA ILE C 236 -5.35 -29.82 -33.60
C ILE C 236 -5.49 -29.63 -35.10
N SER C 237 -6.43 -28.76 -35.51
CA SER C 237 -6.65 -28.56 -36.93
C SER C 237 -5.60 -27.62 -37.52
N PRO C 238 -5.42 -27.71 -38.85
CA PRO C 238 -4.51 -26.82 -39.61
C PRO C 238 -4.78 -25.33 -39.36
N GLU C 239 -6.06 -24.93 -39.35
CA GLU C 239 -6.43 -23.51 -39.19
C GLU C 239 -6.02 -22.99 -37.84
N VAL C 240 -6.23 -23.82 -36.82
CA VAL C 240 -5.93 -23.45 -35.46
C VAL C 240 -4.42 -23.42 -35.20
N LEU C 241 -3.69 -24.37 -35.80
CA LEU C 241 -2.23 -24.33 -35.82
C LEU C 241 -1.68 -23.02 -36.42
N LYS C 242 -2.24 -22.62 -37.57
CA LYS C 242 -1.85 -21.38 -38.23
C LYS C 242 -2.23 -20.18 -37.42
N SER C 243 -3.35 -20.27 -36.71
CA SER C 243 -3.86 -19.10 -36.00
C SER C 243 -2.84 -18.49 -35.05
N GLN C 244 -1.96 -19.35 -34.51
CA GLN C 244 -0.77 -18.92 -33.79
C GLN C 244 0.12 -18.19 -34.78
N GLY C 245 0.55 -16.98 -34.46
CA GLY C 245 1.16 -16.14 -35.48
C GLY C 245 0.18 -15.23 -36.19
N GLY C 246 -0.90 -14.94 -35.48
CA GLY C 246 -1.72 -13.74 -35.62
C GLY C 246 -2.86 -13.63 -36.61
N ASP C 247 -2.72 -14.22 -37.77
CA ASP C 247 -3.85 -14.79 -38.47
C ASP C 247 -5.25 -14.17 -38.37
N GLY C 248 -6.17 -15.02 -37.91
CA GLY C 248 -7.52 -14.98 -38.41
C GLY C 248 -8.73 -15.69 -37.80
N TYR C 249 -9.69 -15.87 -38.69
CA TYR C 249 -11.03 -16.37 -38.40
C TYR C 249 -11.18 -17.84 -38.72
N TYR C 250 -11.92 -18.55 -37.88
CA TYR C 250 -12.36 -19.88 -38.24
C TYR C 250 -13.74 -20.13 -37.63
N GLY C 251 -14.50 -21.00 -38.27
CA GLY C 251 -15.81 -21.37 -37.79
C GLY C 251 -15.74 -22.73 -37.11
N ARG C 252 -16.86 -23.42 -37.08
CA ARG C 252 -16.95 -24.64 -36.29
C ARG C 252 -16.47 -25.92 -36.98
N GLU C 253 -15.94 -25.80 -38.20
CA GLU C 253 -15.46 -27.00 -38.89
C GLU C 253 -14.13 -27.56 -38.36
N CYS C 254 -13.42 -26.82 -37.49
CA CYS C 254 -12.18 -27.35 -36.88
C CYS C 254 -12.49 -28.48 -35.86
N ASP C 255 -13.71 -28.44 -35.33
CA ASP C 255 -14.21 -29.52 -34.51
C ASP C 255 -14.40 -30.76 -35.39
N TRP C 256 -14.98 -30.58 -36.58
CA TRP C 256 -15.14 -31.71 -37.49
C TRP C 256 -13.80 -32.37 -37.84
N TRP C 257 -12.74 -31.55 -37.95
CA TRP C 257 -11.40 -32.07 -38.20
C TRP C 257 -10.99 -33.13 -37.17
N SER C 258 -11.28 -32.86 -35.90
CA SER C 258 -10.87 -33.75 -34.82
C SER C 258 -11.75 -35.01 -34.79
N VAL C 259 -13.02 -34.85 -35.15
CA VAL C 259 -13.84 -36.04 -35.35
C VAL C 259 -13.13 -36.98 -36.33
N GLY C 260 -12.58 -36.43 -37.42
CA GLY C 260 -11.76 -37.17 -38.35
C GLY C 260 -10.59 -37.91 -37.69
N VAL C 261 -9.80 -37.16 -36.92
CA VAL C 261 -8.65 -37.75 -36.22
C VAL C 261 -9.10 -38.89 -35.30
N PHE C 262 -10.21 -38.67 -34.61
CA PHE C 262 -10.78 -39.64 -33.70
C PHE C 262 -11.11 -40.95 -34.40
N LEU C 263 -11.74 -40.83 -35.57
CA LEU C 263 -12.20 -41.99 -36.31
C LEU C 263 -11.01 -42.79 -36.82
N TYR C 264 -9.99 -42.08 -37.25
CA TYR C 264 -8.76 -42.73 -37.68
C TYR C 264 -8.18 -43.54 -36.53
N GLU C 265 -8.04 -42.89 -35.38
CA GLU C 265 -7.37 -43.52 -34.26
C GLU C 265 -8.08 -44.80 -33.82
N MET C 266 -9.41 -44.74 -33.74
CA MET C 266 -10.22 -45.90 -33.41
C MET C 266 -9.98 -47.09 -34.33
N LEU C 267 -10.06 -46.86 -35.64
CA LEU C 267 -9.91 -47.95 -36.61
C LEU C 267 -8.45 -48.39 -36.81
N VAL C 268 -7.57 -47.41 -37.03
CA VAL C 268 -6.15 -47.68 -37.29
C VAL C 268 -5.36 -48.02 -36.00
N GLY C 269 -5.71 -47.37 -34.88
CA GLY C 269 -5.07 -47.64 -33.62
C GLY C 269 -3.85 -46.78 -33.34
N ASP C 270 -3.51 -45.91 -34.28
CA ASP C 270 -2.55 -44.84 -34.04
C ASP C 270 -3.17 -43.52 -34.47
N THR C 271 -2.64 -42.39 -33.98
CA THR C 271 -3.04 -41.10 -34.53
C THR C 271 -2.39 -40.92 -35.90
N PRO C 272 -3.10 -40.26 -36.82
CA PRO C 272 -2.65 -40.05 -38.20
C PRO C 272 -1.41 -39.13 -38.32
N PHE C 273 -1.34 -38.11 -37.48
CA PHE C 273 -0.19 -37.21 -37.46
C PHE C 273 0.85 -37.50 -36.35
N TYR C 274 0.73 -38.66 -35.74
CA TYR C 274 1.68 -39.08 -34.72
C TYR C 274 3.15 -38.92 -35.17
N ALA C 275 3.98 -38.40 -34.26
CA ALA C 275 5.42 -38.37 -34.45
C ALA C 275 6.11 -38.47 -33.10
N ASP C 276 7.44 -38.53 -33.10
CA ASP C 276 8.19 -38.69 -31.84
C ASP C 276 8.28 -37.39 -31.02
N SER C 277 7.99 -36.27 -31.67
CA SER C 277 8.10 -34.94 -31.06
C SER C 277 6.82 -34.15 -31.30
N LEU C 278 6.54 -33.19 -30.41
CA LEU C 278 5.44 -32.23 -30.65
C LEU C 278 5.58 -31.62 -32.05
N VAL C 279 6.77 -31.10 -32.33
CA VAL C 279 7.04 -30.40 -33.56
C VAL C 279 6.90 -31.30 -34.80
N GLY C 280 7.34 -32.56 -34.69
CA GLY C 280 7.09 -33.52 -35.75
C GLY C 280 5.62 -33.52 -36.17
N THR C 281 4.73 -33.56 -35.17
CA THR C 281 3.30 -33.64 -35.41
C THR C 281 2.69 -32.37 -36.02
N TYR C 282 3.12 -31.20 -35.55
CA TYR C 282 2.62 -29.96 -36.14
C TYR C 282 2.93 -29.93 -37.62
N SER C 283 4.19 -30.25 -37.91
CA SER C 283 4.66 -30.33 -39.29
C SER C 283 3.85 -31.30 -40.15
N LYS C 284 3.63 -32.52 -39.67
CA LYS C 284 2.77 -33.44 -40.42
C LYS C 284 1.36 -32.87 -40.64
N ILE C 285 0.78 -32.22 -39.63
CA ILE C 285 -0.56 -31.62 -39.76
C ILE C 285 -0.63 -30.58 -40.89
N MET C 286 0.40 -29.72 -40.94
CA MET C 286 0.49 -28.71 -41.97
C MET C 286 0.63 -29.35 -43.36
N ASN C 287 1.36 -30.45 -43.39
CA ASN C 287 1.57 -31.28 -44.58
C ASN C 287 0.50 -32.36 -44.78
N HIS C 288 -0.61 -32.26 -44.08
CA HIS C 288 -1.58 -33.37 -44.09
C HIS C 288 -1.83 -33.94 -45.49
N LYS C 289 -2.00 -33.07 -46.49
CA LYS C 289 -2.32 -33.51 -47.85
C LYS C 289 -1.36 -34.61 -48.32
N ASN C 290 -0.15 -34.58 -47.81
CA ASN C 290 0.84 -35.60 -48.13
C ASN C 290 1.02 -36.61 -47.00
N SER C 291 1.35 -36.12 -45.80
CA SER C 291 1.55 -36.95 -44.61
C SER C 291 0.41 -37.96 -44.27
N LEU C 292 -0.82 -37.69 -44.67
CA LEU C 292 -1.90 -38.61 -44.31
C LEU C 292 -1.85 -39.89 -45.16
N THR C 293 -1.71 -41.03 -44.49
CA THR C 293 -1.74 -42.34 -45.14
C THR C 293 -2.41 -43.39 -44.26
N PHE C 294 -2.84 -44.48 -44.89
CA PHE C 294 -3.31 -45.63 -44.14
C PHE C 294 -2.29 -46.73 -44.33
N PRO C 295 -2.25 -47.69 -43.39
CA PRO C 295 -1.34 -48.84 -43.46
C PRO C 295 -1.50 -49.62 -44.76
N ASP C 296 -0.38 -50.11 -45.27
CA ASP C 296 -0.37 -50.87 -46.53
C ASP C 296 -1.17 -52.19 -46.40
N ASP C 297 -1.20 -52.77 -45.20
CA ASP C 297 -2.06 -53.93 -44.89
C ASP C 297 -3.55 -53.73 -45.22
N ASN C 298 -4.03 -52.52 -44.94
CA ASN C 298 -5.32 -52.40 -44.28
C ASN C 298 -6.54 -53.09 -44.86
N ASP C 299 -7.31 -53.68 -43.94
CA ASP C 299 -8.72 -54.02 -44.15
C ASP C 299 -9.50 -52.92 -43.42
N ILE C 300 -10.03 -51.97 -44.17
CA ILE C 300 -10.88 -50.92 -43.64
C ILE C 300 -11.83 -50.55 -44.77
N SER C 301 -13.12 -50.36 -44.47
CA SER C 301 -14.05 -50.11 -45.54
C SER C 301 -13.68 -48.80 -46.24
N LYS C 302 -14.04 -48.70 -47.51
CA LYS C 302 -13.72 -47.51 -48.23
C LYS C 302 -14.49 -46.36 -47.59
N GLU C 303 -15.77 -46.57 -47.35
CA GLU C 303 -16.61 -45.52 -46.76
C GLU C 303 -15.98 -44.92 -45.46
N ALA C 304 -15.34 -45.77 -44.65
CA ALA C 304 -14.60 -45.32 -43.47
C ALA C 304 -13.43 -44.40 -43.84
N LYS C 305 -12.58 -44.87 -44.74
CA LYS C 305 -11.46 -44.06 -45.16
C LYS C 305 -11.94 -42.78 -45.84
N ASN C 306 -13.02 -42.88 -46.60
CA ASN C 306 -13.59 -41.70 -47.21
C ASN C 306 -14.00 -40.64 -46.19
N LEU C 307 -14.78 -41.05 -45.20
CA LEU C 307 -15.22 -40.12 -44.16
C LEU C 307 -14.05 -39.50 -43.40
N ILE C 308 -13.08 -40.34 -43.03
CA ILE C 308 -11.86 -39.82 -42.42
C ILE C 308 -11.20 -38.77 -43.31
N CYS C 309 -11.14 -39.05 -44.61
CA CYS C 309 -10.55 -38.11 -45.56
C CYS C 309 -11.42 -36.88 -45.78
N ALA C 310 -12.73 -37.04 -45.67
CA ALA C 310 -13.64 -35.92 -45.88
C ALA C 310 -13.50 -34.92 -44.73
N PHE C 311 -13.09 -35.46 -43.57
CA PHE C 311 -12.78 -34.67 -42.37
C PHE C 311 -11.38 -34.08 -42.39
N LEU C 312 -10.41 -34.87 -42.85
CA LEU C 312 -9.01 -34.50 -42.73
C LEU C 312 -8.50 -33.64 -43.92
N THR C 313 -9.43 -33.19 -44.76
CA THR C 313 -9.12 -32.18 -45.76
C THR C 313 -9.06 -30.78 -45.14
N ASP C 314 -8.78 -29.77 -45.97
CA ASP C 314 -8.76 -28.37 -45.53
C ASP C 314 -10.16 -27.84 -45.29
N ARG C 315 -10.25 -26.80 -44.49
CA ARG C 315 -11.54 -26.49 -43.88
C ARG C 315 -12.65 -26.10 -44.85
N GLU C 316 -12.28 -25.46 -45.94
CA GLU C 316 -13.26 -24.92 -46.88
C GLU C 316 -13.89 -25.99 -47.76
N VAL C 317 -13.19 -27.10 -47.97
CA VAL C 317 -13.80 -28.28 -48.62
C VAL C 317 -14.25 -29.33 -47.59
N ARG C 318 -14.02 -29.04 -46.31
CA ARG C 318 -14.28 -29.99 -45.22
C ARG C 318 -15.74 -30.43 -45.10
N LEU C 319 -15.95 -31.73 -44.89
CA LEU C 319 -17.31 -32.23 -44.69
C LEU C 319 -17.88 -31.63 -43.39
N GLY C 320 -19.09 -31.12 -43.48
CA GLY C 320 -19.72 -30.42 -42.37
C GLY C 320 -19.63 -28.92 -42.49
N ARG C 321 -18.98 -28.44 -43.55
CA ARG C 321 -18.91 -27.00 -43.83
C ARG C 321 -20.29 -26.47 -44.26
N ASN C 322 -21.11 -27.32 -44.89
CA ASN C 322 -22.46 -26.91 -45.29
C ASN C 322 -23.49 -26.98 -44.18
N GLY C 323 -23.39 -28.04 -43.39
CA GLY C 323 -24.30 -28.25 -42.28
C GLY C 323 -23.90 -29.58 -41.71
N VAL C 324 -24.35 -29.87 -40.49
CA VAL C 324 -24.13 -31.20 -39.92
C VAL C 324 -24.79 -32.30 -40.78
N GLU C 325 -25.90 -31.94 -41.40
CA GLU C 325 -26.70 -32.88 -42.17
C GLU C 325 -25.89 -33.64 -43.22
N GLU C 326 -24.96 -32.96 -43.88
CA GLU C 326 -24.15 -33.63 -44.88
C GLU C 326 -23.21 -34.67 -44.25
N ILE C 327 -22.87 -34.48 -42.98
CA ILE C 327 -22.14 -35.50 -42.24
C ILE C 327 -23.05 -36.70 -42.03
N LYS C 328 -24.26 -36.43 -41.55
CA LYS C 328 -25.22 -37.50 -41.25
C LYS C 328 -25.56 -38.32 -42.47
N ARG C 329 -25.65 -37.65 -43.62
CA ARG C 329 -25.96 -38.33 -44.88
C ARG C 329 -24.83 -39.26 -45.35
N HIS C 330 -23.64 -39.09 -44.81
CA HIS C 330 -22.51 -39.89 -45.29
C HIS C 330 -22.81 -41.38 -45.25
N LEU C 331 -22.29 -42.08 -46.25
CA LEU C 331 -22.55 -43.51 -46.43
C LEU C 331 -21.96 -44.40 -45.33
N PHE C 332 -20.86 -43.97 -44.74
CA PHE C 332 -20.26 -44.75 -43.66
C PHE C 332 -21.22 -44.93 -42.46
N PHE C 333 -22.23 -44.07 -42.39
CA PHE C 333 -23.21 -44.10 -41.31
C PHE C 333 -24.43 -44.96 -41.60
N LYS C 334 -24.45 -45.60 -42.77
CA LYS C 334 -25.60 -46.44 -43.13
C LYS C 334 -25.66 -47.71 -42.29
N ASN C 335 -26.80 -47.93 -41.65
CA ASN C 335 -27.01 -49.10 -40.84
C ASN C 335 -28.50 -49.38 -40.61
N ASP C 336 -28.81 -50.65 -40.30
CA ASP C 336 -30.19 -51.08 -39.96
C ASP C 336 -30.52 -50.75 -38.51
N GLN C 337 -29.50 -50.85 -37.66
CA GLN C 337 -29.67 -50.88 -36.22
C GLN C 337 -30.30 -49.63 -35.62
N TRP C 338 -29.78 -48.45 -35.97
CA TRP C 338 -30.22 -47.21 -35.32
C TRP C 338 -30.48 -46.07 -36.29
N ALA C 339 -31.21 -45.07 -35.85
CA ALA C 339 -31.45 -43.88 -36.65
C ALA C 339 -30.95 -42.64 -35.89
N TRP C 340 -30.78 -41.54 -36.61
CA TRP C 340 -30.15 -40.37 -36.02
C TRP C 340 -30.89 -39.79 -34.81
N GLU C 341 -32.21 -39.74 -34.86
CA GLU C 341 -33.00 -39.13 -33.78
C GLU C 341 -33.13 -40.04 -32.57
N THR C 342 -33.09 -41.34 -32.80
CA THR C 342 -33.31 -42.35 -31.76
C THR C 342 -32.00 -42.86 -31.15
N LEU C 343 -30.88 -42.43 -31.71
CA LEU C 343 -29.57 -43.02 -31.40
C LEU C 343 -29.26 -43.19 -29.91
N ARG C 344 -29.50 -42.16 -29.12
CA ARG C 344 -29.21 -42.25 -27.69
C ARG C 344 -30.17 -43.20 -26.93
N ASP C 345 -31.32 -43.51 -27.52
CA ASP C 345 -32.24 -44.49 -26.91
C ASP C 345 -31.88 -45.95 -27.24
N THR C 346 -30.80 -46.16 -27.99
CA THR C 346 -30.36 -47.51 -28.36
C THR C 346 -29.43 -48.14 -27.29
N VAL C 347 -28.84 -49.30 -27.58
CA VAL C 347 -28.03 -50.01 -26.59
C VAL C 347 -26.54 -49.89 -26.90
N ALA C 348 -25.81 -49.13 -26.08
CA ALA C 348 -24.39 -48.89 -26.30
C ALA C 348 -23.67 -50.21 -26.55
N PRO C 349 -22.64 -50.17 -27.40
CA PRO C 349 -21.80 -51.34 -27.67
C PRO C 349 -21.14 -51.85 -26.40
N VAL C 350 -20.78 -50.95 -25.48
CA VAL C 350 -20.18 -51.39 -24.23
C VAL C 350 -20.92 -50.81 -23.05
N VAL C 351 -21.58 -51.68 -22.29
CA VAL C 351 -22.21 -51.24 -21.06
C VAL C 351 -21.36 -51.70 -19.87
N PRO C 352 -20.87 -50.73 -19.08
CA PRO C 352 -19.86 -51.03 -18.05
C PRO C 352 -20.45 -51.95 -16.99
N ASP C 353 -19.66 -52.93 -16.56
CA ASP C 353 -20.08 -53.78 -15.44
C ASP C 353 -19.61 -53.14 -14.15
N LEU C 354 -20.56 -52.75 -13.31
CA LEU C 354 -20.25 -51.85 -12.20
C LEU C 354 -20.42 -52.43 -10.80
N SER C 355 -19.34 -52.36 -10.03
CA SER C 355 -19.23 -53.00 -8.71
C SER C 355 -20.12 -52.25 -7.70
N SER C 356 -19.72 -51.04 -7.38
CA SER C 356 -20.55 -50.13 -6.59
C SER C 356 -20.70 -48.81 -7.32
N ASP C 357 -21.47 -47.90 -6.75
CA ASP C 357 -21.57 -46.54 -7.26
C ASP C 357 -20.19 -45.84 -7.23
N ILE C 358 -19.23 -46.44 -6.54
CA ILE C 358 -17.93 -45.84 -6.27
C ILE C 358 -16.84 -46.32 -7.26
N ASP C 359 -17.21 -47.12 -8.25
CA ASP C 359 -16.21 -47.89 -9.00
C ASP C 359 -15.27 -47.04 -9.87
N THR C 360 -13.96 -47.14 -9.61
CA THR C 360 -12.90 -46.40 -10.34
C THR C 360 -12.24 -47.24 -11.45
N SER C 361 -12.78 -48.44 -11.65
CA SER C 361 -12.16 -49.44 -12.51
C SER C 361 -11.84 -48.91 -13.91
N ASN C 362 -12.69 -48.01 -14.42
CA ASN C 362 -12.49 -47.48 -15.77
C ASN C 362 -11.57 -46.26 -15.84
N PHE C 363 -10.97 -45.91 -14.69
CA PHE C 363 -10.10 -44.75 -14.61
C PHE C 363 -8.68 -45.11 -14.24
N ASP C 364 -7.73 -44.51 -14.94
CA ASP C 364 -6.32 -44.80 -14.71
C ASP C 364 -5.91 -44.58 -13.27
N ASP C 365 -4.93 -45.38 -12.82
CA ASP C 365 -4.41 -45.31 -11.47
C ASP C 365 -3.61 -43.99 -11.29
N LEU C 366 -4.02 -43.20 -10.31
CA LEU C 366 -3.31 -41.97 -9.90
C LEU C 366 -3.44 -41.87 -8.38
N GLU C 367 -2.45 -41.28 -7.74
CA GLU C 367 -2.44 -41.27 -6.28
C GLU C 367 -2.46 -39.85 -5.75
N GLU C 368 -1.36 -39.14 -5.95
CA GLU C 368 -1.19 -37.80 -5.38
C GLU C 368 0.12 -37.18 -5.84
N ASP C 369 0.21 -35.87 -5.64
CA ASP C 369 1.45 -35.13 -5.86
C ASP C 369 2.59 -35.68 -4.99
N LYS C 370 2.42 -35.51 -3.67
CA LYS C 370 3.51 -35.58 -2.71
C LYS C 370 4.21 -34.22 -2.71
N GLY C 371 3.76 -33.34 -3.60
CA GLY C 371 4.23 -31.96 -3.66
C GLY C 371 3.52 -31.07 -2.67
N GLU C 372 4.25 -30.10 -2.12
CA GLU C 372 3.72 -29.25 -1.06
C GLU C 372 3.16 -27.94 -1.63
N GLU C 373 2.02 -27.52 -1.09
CA GLU C 373 1.18 -26.48 -1.68
C GLU C 373 1.89 -25.16 -1.98
N GLU C 374 1.74 -24.69 -3.22
CA GLU C 374 2.35 -23.43 -3.62
C GLU C 374 1.34 -22.29 -3.63
N THR C 375 1.56 -21.31 -2.75
CA THR C 375 0.60 -20.25 -2.53
C THR C 375 1.14 -18.93 -3.08
N PHE C 376 0.32 -17.87 -3.02
CA PHE C 376 0.73 -16.59 -3.57
C PHE C 376 1.79 -15.99 -2.69
N PRO C 377 2.37 -14.86 -3.13
CA PRO C 377 3.13 -14.03 -2.19
C PRO C 377 2.16 -13.13 -1.39
N ILE C 378 2.70 -12.37 -0.45
CA ILE C 378 1.88 -11.61 0.49
C ILE C 378 1.92 -10.11 0.17
N PRO C 379 0.80 -9.57 -0.34
CA PRO C 379 0.75 -8.21 -0.91
C PRO C 379 1.14 -7.09 0.07
N LYS C 380 1.90 -6.11 -0.42
CA LYS C 380 2.16 -4.91 0.36
C LYS C 380 1.08 -3.88 0.02
N ALA C 381 0.34 -4.18 -1.04
CA ALA C 381 -0.77 -3.33 -1.50
C ALA C 381 -1.88 -4.21 -2.03
N PHE C 382 -3.09 -3.67 -2.02
CA PHE C 382 -4.23 -4.37 -2.56
C PHE C 382 -3.93 -4.86 -3.98
N VAL C 383 -4.17 -6.16 -4.20
CA VAL C 383 -3.88 -6.87 -5.43
C VAL C 383 -5.12 -6.98 -6.32
N GLY C 384 -6.17 -7.58 -5.76
CA GLY C 384 -7.40 -7.84 -6.48
C GLY C 384 -7.34 -9.26 -7.01
N ASN C 385 -6.45 -10.03 -6.39
CA ASN C 385 -6.19 -11.36 -6.92
C ASN C 385 -7.44 -12.25 -7.09
N GLN C 386 -8.37 -12.18 -6.14
CA GLN C 386 -9.60 -12.99 -6.18
C GLN C 386 -10.69 -12.42 -7.08
N LEU C 387 -10.59 -11.16 -7.46
CA LEU C 387 -11.65 -10.46 -8.21
C LEU C 387 -12.03 -11.11 -9.56
N PRO C 388 -11.03 -11.69 -10.25
CA PRO C 388 -11.48 -12.35 -11.48
C PRO C 388 -12.50 -13.49 -11.22
N PHE C 389 -12.52 -14.02 -10.00
CA PHE C 389 -13.36 -15.18 -9.66
C PHE C 389 -14.76 -14.90 -9.07
N VAL C 390 -15.05 -13.65 -8.77
CA VAL C 390 -16.34 -13.25 -8.23
C VAL C 390 -17.48 -13.61 -9.21
N GLY C 391 -18.45 -14.37 -8.73
CA GLY C 391 -19.59 -14.76 -9.55
C GLY C 391 -19.51 -16.18 -10.08
N PHE C 392 -18.46 -16.90 -9.67
CA PHE C 392 -18.26 -18.25 -10.17
C PHE C 392 -19.12 -19.26 -9.47
N THR C 393 -19.39 -19.00 -8.19
CA THR C 393 -20.18 -19.87 -7.35
C THR C 393 -21.55 -20.17 -7.97
N TYR C 394 -21.91 -21.45 -8.06
CA TYR C 394 -23.23 -21.81 -8.61
C TYR C 394 -23.89 -22.95 -7.84
N TYR C 395 -25.20 -22.83 -7.63
CA TYR C 395 -26.00 -23.91 -7.03
C TYR C 395 -27.19 -24.28 -7.92
N SER C 396 -27.35 -25.57 -8.25
CA SER C 396 -28.61 -26.04 -8.86
C SER C 396 -29.68 -26.24 -7.78
N ASN C 397 -30.88 -25.72 -8.06
CA ASN C 397 -31.79 -25.29 -6.98
C ASN C 397 -32.65 -26.30 -6.23
N SER D 1 -35.92 -28.01 16.32
CA SER D 1 -35.00 -26.87 16.19
C SER D 1 -33.71 -27.16 15.41
N PHE D 2 -33.78 -27.26 14.08
CA PHE D 2 -32.56 -27.62 13.33
C PHE D 2 -32.12 -26.77 12.09
N GLU D 3 -32.97 -26.74 11.08
CA GLU D 3 -32.59 -26.15 9.80
C GLU D 3 -31.26 -26.75 9.23
N THR D 4 -30.56 -26.00 8.39
CA THR D 4 -29.40 -26.55 7.71
C THR D 4 -28.48 -25.41 7.33
N ARG D 5 -27.23 -25.73 7.08
CA ARG D 5 -26.28 -24.71 6.68
C ARG D 5 -26.89 -23.88 5.55
N PHE D 6 -27.59 -24.56 4.65
CA PHE D 6 -28.26 -23.89 3.56
C PHE D 6 -29.45 -23.04 4.04
N GLU D 7 -30.30 -23.58 4.91
CA GLU D 7 -31.43 -22.82 5.45
C GLU D 7 -30.94 -21.57 6.19
N LYS D 8 -30.01 -21.81 7.11
CA LYS D 8 -29.43 -20.75 7.94
C LYS D 8 -28.90 -19.63 7.05
N MET D 9 -28.20 -20.00 6.00
CA MET D 9 -27.63 -19.03 5.08
C MET D 9 -28.76 -18.22 4.44
N ASP D 10 -29.83 -18.91 4.07
CA ASP D 10 -30.97 -18.23 3.46
C ASP D 10 -31.59 -17.23 4.43
N ASN D 11 -31.58 -17.59 5.70
CA ASN D 11 -32.09 -16.68 6.71
C ASN D 11 -31.21 -15.45 6.81
N LEU D 12 -29.92 -15.68 6.96
CA LEU D 12 -28.99 -14.57 6.95
C LEU D 12 -29.29 -13.64 5.76
N LEU D 13 -29.58 -14.18 4.59
CA LEU D 13 -29.82 -13.31 3.44
C LEU D 13 -31.04 -12.42 3.60
N ARG D 14 -32.10 -12.96 4.19
CA ARG D 14 -33.37 -12.25 4.29
C ARG D 14 -33.57 -11.43 5.60
N ASP D 15 -32.72 -11.67 6.59
CA ASP D 15 -32.90 -11.06 7.90
C ASP D 15 -32.42 -9.59 7.92
N PRO D 16 -33.35 -8.66 8.16
CA PRO D 16 -33.02 -7.23 8.14
C PRO D 16 -32.00 -6.87 9.21
N LYS D 17 -31.94 -7.65 10.28
CA LYS D 17 -30.93 -7.47 11.34
C LYS D 17 -29.53 -8.05 10.99
N SER D 18 -29.42 -8.77 9.88
CA SER D 18 -28.14 -9.36 9.44
C SER D 18 -27.31 -8.42 8.55
N GLU D 19 -25.99 -8.43 8.74
CA GLU D 19 -25.10 -7.57 7.95
C GLU D 19 -24.75 -8.19 6.59
N VAL D 20 -25.07 -9.47 6.44
CA VAL D 20 -24.99 -10.13 5.14
C VAL D 20 -26.31 -10.22 4.37
N ASN D 21 -27.37 -9.58 4.87
CA ASN D 21 -28.61 -9.62 4.10
C ASN D 21 -28.41 -8.92 2.75
N SER D 22 -29.27 -9.23 1.77
CA SER D 22 -28.98 -8.89 0.38
C SER D 22 -28.60 -7.44 0.17
N ASP D 23 -29.32 -6.52 0.82
CA ASP D 23 -29.05 -5.11 0.66
C ASP D 23 -27.63 -4.71 1.12
N CYS D 24 -27.20 -5.20 2.28
CA CYS D 24 -25.82 -5.01 2.71
C CYS D 24 -24.78 -5.52 1.71
N LEU D 25 -25.09 -6.60 0.99
CA LEU D 25 -24.13 -7.19 0.02
C LEU D 25 -23.99 -6.33 -1.25
N LEU D 26 -25.09 -5.68 -1.65
CA LEU D 26 -25.00 -4.71 -2.73
C LEU D 26 -24.10 -3.55 -2.30
N ASP D 27 -24.29 -3.10 -1.06
CA ASP D 27 -23.45 -2.05 -0.51
C ASP D 27 -21.99 -2.32 -0.78
N GLY D 28 -21.57 -3.56 -0.48
CA GLY D 28 -20.20 -3.97 -0.63
C GLY D 28 -19.74 -3.87 -2.07
N LEU D 29 -20.57 -4.32 -3.00
CA LEU D 29 -20.22 -4.27 -4.42
C LEU D 29 -20.10 -2.82 -4.87
N ASP D 30 -21.13 -2.04 -4.53
CA ASP D 30 -21.16 -0.63 -4.84
C ASP D 30 -19.88 0.06 -4.34
N ALA D 31 -19.58 -0.15 -3.08
CA ALA D 31 -18.45 0.48 -2.42
C ALA D 31 -17.15 0.05 -3.07
N LEU D 32 -17.04 -1.23 -3.39
CA LEU D 32 -15.83 -1.76 -3.98
C LEU D 32 -15.60 -1.15 -5.34
N VAL D 33 -16.69 -0.92 -6.06
CA VAL D 33 -16.59 -0.30 -7.37
C VAL D 33 -16.15 1.17 -7.27
N TYR D 34 -16.80 1.93 -6.38
CA TYR D 34 -16.43 3.33 -6.13
C TYR D 34 -14.92 3.46 -5.86
N ASP D 35 -14.41 2.59 -5.00
CA ASP D 35 -13.04 2.69 -4.54
C ASP D 35 -12.04 2.21 -5.57
N LEU D 36 -12.45 1.30 -6.45
CA LEU D 36 -11.52 0.82 -7.47
C LEU D 36 -11.46 1.65 -8.74
N ASP D 37 -12.51 2.42 -9.00
CA ASP D 37 -12.66 2.91 -10.36
C ASP D 37 -11.91 4.22 -10.50
N PHE D 38 -10.75 4.13 -11.14
CA PHE D 38 -9.82 5.24 -11.25
C PHE D 38 -8.72 4.77 -12.14
N PRO D 39 -8.31 5.67 -13.04
CA PRO D 39 -7.33 5.35 -14.07
C PRO D 39 -6.11 4.69 -13.45
N ALA D 40 -5.58 5.26 -12.37
CA ALA D 40 -4.42 4.67 -11.70
C ALA D 40 -4.62 3.18 -11.33
N LEU D 41 -5.71 2.87 -10.62
CA LEU D 41 -5.93 1.52 -10.12
C LEU D 41 -6.28 0.59 -11.27
N ARG D 42 -6.97 1.15 -12.27
CA ARG D 42 -7.36 0.42 -13.48
C ARG D 42 -6.15 -0.09 -14.27
N LYS D 43 -4.95 0.37 -13.91
CA LYS D 43 -3.73 -0.19 -14.50
C LYS D 43 -3.48 -1.61 -14.00
N ASN D 44 -4.14 -1.96 -12.90
CA ASN D 44 -4.13 -3.34 -12.42
C ASN D 44 -5.17 -4.15 -13.21
N LYS D 45 -4.73 -5.29 -13.76
CA LYS D 45 -5.56 -6.09 -14.66
C LYS D 45 -6.77 -6.71 -13.91
N ASN D 46 -6.48 -7.32 -12.76
CA ASN D 46 -7.54 -7.88 -11.94
C ASN D 46 -8.63 -6.86 -11.77
N ILE D 47 -8.24 -5.63 -11.48
CA ILE D 47 -9.16 -4.55 -11.18
C ILE D 47 -9.89 -4.07 -12.44
N ASP D 48 -9.12 -3.88 -13.50
CA ASP D 48 -9.67 -3.35 -14.74
C ASP D 48 -10.65 -4.33 -15.36
N ASN D 49 -10.24 -5.60 -15.43
CA ASN D 49 -11.14 -6.63 -15.96
C ASN D 49 -12.43 -6.71 -15.12
N PHE D 50 -12.26 -6.82 -13.80
CA PHE D 50 -13.38 -6.81 -12.88
C PHE D 50 -14.32 -5.62 -13.16
N LEU D 51 -13.79 -4.39 -13.19
CA LEU D 51 -14.65 -3.21 -13.34
C LEU D 51 -15.41 -3.17 -14.65
N SER D 52 -14.82 -3.72 -15.70
CA SER D 52 -15.51 -3.78 -16.99
C SER D 52 -16.51 -4.92 -16.93
N ARG D 53 -16.04 -6.04 -16.40
CA ARG D 53 -16.91 -7.21 -16.23
C ARG D 53 -18.19 -6.88 -15.44
N TYR D 54 -18.15 -5.81 -14.65
CA TYR D 54 -19.27 -5.42 -13.79
C TYR D 54 -19.97 -4.11 -14.08
N LYS D 55 -19.23 -3.01 -14.05
CA LYS D 55 -19.81 -1.67 -13.84
C LYS D 55 -21.06 -1.35 -14.67
N ASP D 56 -21.15 -1.86 -15.89
CA ASP D 56 -22.37 -1.69 -16.68
C ASP D 56 -23.62 -2.12 -15.87
N THR D 57 -23.47 -3.19 -15.08
CA THR D 57 -24.52 -3.67 -14.20
C THR D 57 -24.69 -2.79 -12.95
N ILE D 58 -23.61 -2.17 -12.52
CA ILE D 58 -23.59 -1.34 -11.31
C ILE D 58 -24.40 -0.05 -11.45
N ASN D 59 -24.19 0.70 -12.53
CA ASN D 59 -24.97 1.91 -12.77
C ASN D 59 -26.43 1.58 -13.00
N LYS D 60 -26.69 0.44 -13.63
CA LYS D 60 -28.06 -0.08 -13.76
C LYS D 60 -28.69 -0.11 -12.37
N ILE D 61 -28.10 -0.95 -11.51
CA ILE D 61 -28.46 -1.06 -10.09
C ILE D 61 -28.52 0.28 -9.33
N ARG D 62 -27.59 1.19 -9.62
CA ARG D 62 -27.61 2.47 -8.94
C ARG D 62 -28.84 3.26 -9.35
N ASP D 63 -29.37 2.98 -10.54
CA ASP D 63 -30.58 3.64 -11.00
C ASP D 63 -31.83 2.99 -10.37
N LEU D 64 -31.74 1.69 -10.10
CA LEU D 64 -32.87 0.93 -9.57
C LEU D 64 -33.10 1.10 -8.07
N ARG D 65 -32.00 1.10 -7.30
CA ARG D 65 -32.09 1.24 -5.85
C ARG D 65 -32.57 2.63 -5.49
N MET D 66 -33.09 2.77 -4.27
CA MET D 66 -33.49 4.09 -3.75
C MET D 66 -32.32 5.09 -3.84
N LYS D 67 -32.65 6.36 -4.03
CA LYS D 67 -31.62 7.40 -4.12
C LYS D 67 -32.19 8.80 -3.86
N ALA D 68 -31.30 9.75 -3.56
CA ALA D 68 -31.73 11.11 -3.26
C ALA D 68 -32.62 11.70 -4.36
N GLU D 69 -32.48 11.21 -5.58
CA GLU D 69 -33.22 11.74 -6.74
C GLU D 69 -34.64 11.23 -6.78
N ASP D 70 -34.98 10.39 -5.81
CA ASP D 70 -36.34 9.90 -5.65
C ASP D 70 -37.08 10.76 -4.65
N TYR D 71 -36.37 11.72 -4.07
CA TYR D 71 -36.97 12.59 -3.07
C TYR D 71 -36.81 14.06 -3.43
N GLU D 72 -37.93 14.76 -3.51
CA GLU D 72 -37.89 16.22 -3.59
C GLU D 72 -37.69 16.79 -2.19
N VAL D 73 -36.79 17.77 -2.09
CA VAL D 73 -36.54 18.45 -0.83
C VAL D 73 -37.54 19.58 -0.66
N VAL D 74 -38.37 19.47 0.38
CA VAL D 74 -39.33 20.52 0.69
C VAL D 74 -38.74 21.70 1.47
N LYS D 75 -37.80 21.41 2.37
CA LYS D 75 -37.33 22.42 3.30
C LYS D 75 -36.22 21.85 4.19
N VAL D 76 -35.49 22.72 4.88
CA VAL D 76 -34.44 22.28 5.78
C VAL D 76 -34.86 22.59 7.22
N ILE D 77 -35.04 21.53 8.00
CA ILE D 77 -35.53 21.67 9.37
C ILE D 77 -34.47 21.61 10.46
N GLY D 78 -33.21 21.34 10.09
CA GLY D 78 -32.15 21.28 11.08
C GLY D 78 -30.75 21.08 10.52
N ARG D 79 -29.74 21.46 11.29
CA ARG D 79 -28.35 21.30 10.88
C ARG D 79 -27.53 20.63 12.00
N GLY D 80 -26.83 19.55 11.65
CA GLY D 80 -25.96 18.86 12.60
C GLY D 80 -24.46 18.98 12.36
N ALA D 81 -24.08 19.76 11.36
CA ALA D 81 -22.66 20.01 11.09
C ALA D 81 -21.85 18.76 10.66
N PHE D 82 -22.46 17.58 10.79
CA PHE D 82 -22.05 16.44 9.97
C PHE D 82 -22.99 16.33 8.79
N GLY D 83 -24.01 17.18 8.78
CA GLY D 83 -25.02 17.18 7.74
C GLY D 83 -26.28 17.86 8.25
N GLU D 84 -27.40 17.60 7.59
CA GLU D 84 -28.62 18.32 7.90
C GLU D 84 -29.88 17.45 7.86
N VAL D 85 -30.99 17.99 8.36
CA VAL D 85 -32.28 17.29 8.29
C VAL D 85 -33.28 18.03 7.39
N GLN D 86 -33.84 17.32 6.42
CA GLN D 86 -34.69 17.92 5.41
C GLN D 86 -36.10 17.34 5.37
N LEU D 87 -37.13 18.19 5.35
CA LEU D 87 -38.48 17.72 5.04
C LEU D 87 -38.51 17.32 3.57
N VAL D 88 -38.93 16.10 3.28
CA VAL D 88 -38.89 15.59 1.90
C VAL D 88 -40.21 14.93 1.49
N ARG D 89 -40.47 14.85 0.19
CA ARG D 89 -41.60 14.07 -0.30
C ARG D 89 -41.08 13.07 -1.32
N HIS D 90 -41.65 11.87 -1.30
CA HIS D 90 -41.25 10.87 -2.29
C HIS D 90 -41.99 11.12 -3.61
N LYS D 91 -41.23 11.10 -4.70
CA LYS D 91 -41.72 11.45 -6.04
C LYS D 91 -42.87 10.56 -6.52
N SER D 92 -42.65 9.24 -6.43
CA SER D 92 -43.63 8.24 -6.84
C SER D 92 -44.80 8.07 -5.85
N THR D 93 -44.48 7.99 -4.56
CA THR D 93 -45.51 7.69 -3.56
C THR D 93 -46.12 8.93 -2.92
N ARG D 94 -45.60 10.10 -3.28
CA ARG D 94 -46.16 11.36 -2.79
C ARG D 94 -46.16 11.44 -1.26
N LYS D 95 -45.25 10.70 -0.62
CA LYS D 95 -45.26 10.58 0.84
C LYS D 95 -44.19 11.40 1.54
N VAL D 96 -44.50 11.83 2.76
CA VAL D 96 -43.72 12.86 3.45
C VAL D 96 -42.87 12.35 4.62
N TYR D 97 -41.56 12.55 4.52
CA TYR D 97 -40.62 12.06 5.52
C TYR D 97 -39.64 13.13 6.01
N ALA D 98 -39.01 12.84 7.15
CA ALA D 98 -37.82 13.58 7.60
C ALA D 98 -36.55 12.84 7.16
N MET D 99 -35.60 13.54 6.57
CA MET D 99 -34.43 12.87 6.06
C MET D 99 -33.12 13.47 6.55
N LYS D 100 -32.32 12.65 7.23
CA LYS D 100 -31.06 13.09 7.81
C LYS D 100 -29.94 12.78 6.85
N LEU D 101 -29.04 13.74 6.65
CA LEU D 101 -27.87 13.50 5.79
C LEU D 101 -26.59 13.44 6.58
N LEU D 102 -25.73 12.50 6.22
CA LEU D 102 -24.41 12.42 6.82
C LEU D 102 -23.29 12.48 5.78
N SER D 103 -22.39 13.47 5.94
CA SER D 103 -21.32 13.69 4.95
C SER D 103 -20.21 12.69 5.15
N LYS D 104 -19.99 11.85 4.14
CA LYS D 104 -18.95 10.85 4.24
C LYS D 104 -17.58 11.54 4.20
N PHE D 105 -17.47 12.59 3.39
CA PHE D 105 -16.21 13.30 3.31
C PHE D 105 -15.84 13.85 4.67
N GLU D 106 -16.86 14.34 5.39
CA GLU D 106 -16.64 14.96 6.68
C GLU D 106 -16.34 13.93 7.76
N MET D 107 -16.98 12.77 7.67
CA MET D 107 -16.68 11.70 8.60
C MET D 107 -15.28 11.12 8.41
N ILE D 108 -14.84 10.93 7.17
CA ILE D 108 -13.47 10.49 6.97
C ILE D 108 -12.48 11.55 7.46
N LYS D 109 -12.71 12.81 7.09
CA LYS D 109 -11.80 13.91 7.43
C LYS D 109 -11.66 14.12 8.94
N ARG D 110 -12.77 13.99 9.65
CA ARG D 110 -12.75 14.22 11.07
C ARG D 110 -12.63 12.94 11.85
N SER D 111 -12.47 11.84 11.14
CA SER D 111 -12.78 10.52 11.69
C SER D 111 -14.24 10.53 12.17
N ASP D 112 -14.54 9.93 13.31
CA ASP D 112 -15.95 9.80 13.63
C ASP D 112 -16.70 9.21 12.39
N SER D 113 -16.20 8.08 11.88
CA SER D 113 -16.90 7.28 10.86
C SER D 113 -17.60 5.99 11.36
N ALA D 114 -17.59 5.73 12.66
CA ALA D 114 -18.30 4.60 13.29
C ALA D 114 -19.60 4.88 14.09
N PHE D 115 -20.02 6.13 14.20
CA PHE D 115 -20.95 6.54 15.27
C PHE D 115 -22.46 6.36 15.02
N PHE D 116 -22.83 6.16 13.76
CA PHE D 116 -24.21 6.12 13.35
C PHE D 116 -24.84 4.72 13.46
N TRP D 117 -24.02 3.70 13.72
CA TRP D 117 -24.55 2.33 13.82
C TRP D 117 -25.67 2.16 14.87
N GLU D 118 -25.50 2.72 16.08
CA GLU D 118 -26.54 2.59 17.12
C GLU D 118 -27.84 3.30 16.74
N GLU D 119 -27.73 4.49 16.18
CA GLU D 119 -28.90 5.20 15.67
C GLU D 119 -29.65 4.34 14.63
N ARG D 120 -28.92 3.81 13.66
CA ARG D 120 -29.52 2.93 12.65
C ARG D 120 -30.28 1.79 13.32
N ASP D 121 -29.60 1.08 14.21
CA ASP D 121 -30.22 -0.07 14.88
C ASP D 121 -31.48 0.32 15.65
N ILE D 122 -31.35 1.37 16.46
CA ILE D 122 -32.45 1.79 17.31
C ILE D 122 -33.66 2.20 16.48
N MET D 123 -33.45 3.08 15.52
CA MET D 123 -34.56 3.63 14.75
C MET D 123 -35.18 2.59 13.83
N ALA D 124 -34.37 1.63 13.39
CA ALA D 124 -34.89 0.62 12.49
C ALA D 124 -35.72 -0.40 13.23
N PHE D 125 -35.16 -0.89 14.34
CA PHE D 125 -35.71 -2.02 15.09
C PHE D 125 -36.41 -1.81 16.45
N ALA D 126 -36.49 -0.57 16.94
CA ALA D 126 -37.08 -0.36 18.26
C ALA D 126 -38.55 -0.79 18.29
N ASN D 127 -39.28 -0.45 17.22
CA ASN D 127 -40.68 -0.83 17.12
C ASN D 127 -41.45 -0.35 18.35
N SER D 128 -41.27 0.92 18.68
CA SER D 128 -41.99 1.57 19.77
C SER D 128 -42.75 2.81 19.32
N PRO D 129 -43.88 3.09 19.99
CA PRO D 129 -44.61 4.34 19.80
C PRO D 129 -43.77 5.49 20.36
N TRP D 130 -42.79 5.15 21.19
CA TRP D 130 -41.94 6.13 21.88
C TRP D 130 -40.64 6.48 21.13
N VAL D 131 -40.49 5.93 19.94
CA VAL D 131 -39.24 6.13 19.22
C VAL D 131 -39.46 6.36 17.74
N VAL D 132 -38.91 7.46 17.24
CA VAL D 132 -38.98 7.77 15.82
C VAL D 132 -38.47 6.60 14.97
N GLN D 133 -39.26 6.20 13.98
CA GLN D 133 -38.87 5.08 13.15
C GLN D 133 -38.13 5.50 11.89
N LEU D 134 -37.16 4.68 11.53
CA LEU D 134 -36.42 4.80 10.30
C LEU D 134 -37.03 3.88 9.24
N PHE D 135 -37.55 4.46 8.15
CA PHE D 135 -38.09 3.67 7.06
C PHE D 135 -37.06 3.16 6.05
N TYR D 136 -36.14 4.04 5.66
CA TYR D 136 -35.07 3.66 4.73
C TYR D 136 -33.73 4.31 5.08
N ALA D 137 -32.68 3.50 4.93
CA ALA D 137 -31.31 3.96 5.04
C ALA D 137 -30.64 3.62 3.72
N PHE D 138 -29.98 4.62 3.12
CA PHE D 138 -29.31 4.40 1.85
C PHE D 138 -28.18 5.40 1.66
N GLN D 139 -27.35 5.14 0.66
CA GLN D 139 -26.14 5.93 0.54
C GLN D 139 -25.69 6.04 -0.91
N ASP D 140 -25.08 7.17 -1.23
CA ASP D 140 -24.24 7.24 -2.43
C ASP D 140 -22.82 7.57 -2.00
N ASP D 141 -21.93 7.77 -2.95
CA ASP D 141 -20.54 8.01 -2.58
C ASP D 141 -20.35 9.23 -1.68
N ARG D 142 -21.26 10.21 -1.76
CA ARG D 142 -21.18 11.42 -0.91
C ARG D 142 -21.79 11.36 0.51
N TYR D 143 -22.94 10.72 0.63
CA TYR D 143 -23.76 10.83 1.83
C TYR D 143 -24.42 9.53 2.28
N LEU D 144 -24.70 9.49 3.59
CA LEU D 144 -25.68 8.59 4.16
C LEU D 144 -27.01 9.30 4.20
N TYR D 145 -28.08 8.56 3.96
CA TYR D 145 -29.43 9.09 4.09
C TYR D 145 -30.22 8.23 5.07
N MET D 146 -30.88 8.88 6.02
CA MET D 146 -31.84 8.19 6.88
C MET D 146 -33.22 8.82 6.65
N VAL D 147 -34.12 8.04 6.09
CA VAL D 147 -35.48 8.51 5.80
C VAL D 147 -36.39 8.10 6.95
N MET D 148 -36.84 9.09 7.72
CA MET D 148 -37.54 8.86 8.98
C MET D 148 -38.98 9.42 8.98
N GLU D 149 -39.84 8.89 9.84
CA GLU D 149 -41.15 9.50 10.05
C GLU D 149 -41.00 10.95 10.46
N TYR D 150 -41.71 11.81 9.76
CA TYR D 150 -41.70 13.23 10.05
C TYR D 150 -42.48 13.50 11.35
N MET D 151 -41.92 14.33 12.21
CA MET D 151 -42.52 14.69 13.50
C MET D 151 -42.87 16.18 13.57
N PRO D 152 -43.97 16.57 12.93
CA PRO D 152 -44.39 17.95 12.62
C PRO D 152 -44.76 18.75 13.86
N GLY D 153 -45.00 18.06 14.98
CA GLY D 153 -45.24 18.72 16.24
C GLY D 153 -44.07 19.58 16.72
N GLY D 154 -42.88 19.34 16.17
CA GLY D 154 -41.69 20.06 16.60
C GLY D 154 -41.13 19.55 17.93
N ASP D 155 -40.06 20.17 18.42
CA ASP D 155 -39.44 19.63 19.63
C ASP D 155 -39.85 20.38 20.88
N LEU D 156 -39.37 19.90 22.02
CA LEU D 156 -39.77 20.43 23.32
C LEU D 156 -39.07 21.75 23.64
N VAL D 157 -37.96 22.03 22.96
CA VAL D 157 -37.32 23.32 23.13
C VAL D 157 -38.25 24.41 22.60
N ASN D 158 -38.88 24.12 21.46
CA ASN D 158 -39.83 25.02 20.83
C ASN D 158 -41.06 25.21 21.72
N LEU D 159 -41.47 24.14 22.41
CA LEU D 159 -42.68 24.16 23.22
C LEU D 159 -42.52 24.96 24.50
N MET D 160 -41.34 24.92 25.08
CA MET D 160 -41.05 25.69 26.29
C MET D 160 -40.88 27.18 25.96
N SER D 161 -40.71 27.49 24.67
CA SER D 161 -40.61 28.87 24.21
C SER D 161 -41.98 29.53 24.13
N ASN D 162 -42.94 28.76 23.60
CA ASN D 162 -44.27 29.27 23.30
C ASN D 162 -45.35 29.08 24.39
N TYR D 163 -45.02 28.38 25.49
CA TYR D 163 -45.97 28.10 26.58
C TYR D 163 -45.34 28.17 27.95
N ASP D 164 -46.07 28.76 28.89
CA ASP D 164 -45.70 28.59 30.29
C ASP D 164 -46.29 27.25 30.69
N VAL D 165 -45.45 26.39 31.24
CA VAL D 165 -45.86 25.00 31.42
C VAL D 165 -46.23 24.67 32.87
N PRO D 166 -47.51 24.29 33.07
CA PRO D 166 -48.06 23.89 34.39
C PRO D 166 -47.72 22.44 34.75
N GLU D 167 -47.71 22.13 36.04
CA GLU D 167 -47.37 20.79 36.50
C GLU D 167 -48.14 19.66 35.81
N LYS D 168 -49.35 19.95 35.32
CA LYS D 168 -50.13 18.94 34.62
C LYS D 168 -49.54 18.61 33.24
N TRP D 169 -48.94 19.60 32.58
CA TRP D 169 -48.24 19.35 31.31
C TRP D 169 -46.89 18.71 31.55
N ALA D 170 -46.15 19.26 32.51
CA ALA D 170 -44.82 18.78 32.87
C ALA D 170 -44.85 17.30 33.26
N ARG D 171 -45.77 16.95 34.17
CA ARG D 171 -45.99 15.55 34.54
C ARG D 171 -46.15 14.65 33.31
N PHE D 172 -46.97 15.09 32.39
CA PHE D 172 -47.28 14.28 31.21
C PHE D 172 -46.07 14.05 30.26
N TYR D 173 -45.42 15.12 29.82
CA TYR D 173 -44.21 14.98 29.01
C TYR D 173 -43.17 14.17 29.76
N THR D 174 -42.90 14.53 31.00
CA THR D 174 -42.01 13.72 31.84
C THR D 174 -42.35 12.23 31.72
N ALA D 175 -43.62 11.89 31.90
CA ALA D 175 -44.01 10.49 31.91
C ALA D 175 -43.65 9.83 30.58
N GLU D 176 -44.13 10.40 29.47
CA GLU D 176 -43.77 9.87 28.16
C GLU D 176 -42.23 9.68 28.02
N VAL D 177 -41.45 10.68 28.44
CA VAL D 177 -39.99 10.56 28.41
C VAL D 177 -39.44 9.37 29.22
N VAL D 178 -40.03 9.11 30.39
CA VAL D 178 -39.75 7.91 31.17
C VAL D 178 -39.97 6.63 30.33
N LEU D 179 -41.15 6.52 29.74
CA LEU D 179 -41.50 5.37 28.89
C LEU D 179 -40.59 5.17 27.68
N ALA D 180 -40.23 6.26 27.02
CA ALA D 180 -39.38 6.13 25.85
C ALA D 180 -38.00 5.69 26.35
N LEU D 181 -37.56 6.31 27.43
CA LEU D 181 -36.26 6.03 27.99
C LEU D 181 -36.15 4.57 28.36
N ASP D 182 -37.16 4.11 29.10
CA ASP D 182 -37.17 2.72 29.52
C ASP D 182 -37.17 1.81 28.28
N ALA D 183 -37.88 2.22 27.23
CA ALA D 183 -37.92 1.41 26.02
C ALA D 183 -36.49 1.15 25.52
N ILE D 184 -35.79 2.25 25.25
CA ILE D 184 -34.39 2.26 24.83
C ILE D 184 -33.45 1.46 25.77
N HIS D 185 -33.66 1.58 27.08
CA HIS D 185 -32.86 0.81 28.02
C HIS D 185 -33.10 -0.70 27.86
N SER D 186 -34.35 -1.05 27.56
CA SER D 186 -34.71 -2.46 27.42
C SER D 186 -34.13 -3.09 26.16
N MET D 187 -33.75 -2.27 25.17
CA MET D 187 -33.00 -2.77 24.02
C MET D 187 -31.51 -2.86 24.36
N GLY D 188 -31.14 -2.43 25.57
CA GLY D 188 -29.76 -2.50 25.99
C GLY D 188 -28.89 -1.34 25.52
N PHE D 189 -29.51 -0.18 25.33
CA PHE D 189 -28.76 1.03 25.00
C PHE D 189 -28.88 2.05 26.09
N ILE D 190 -27.78 2.76 26.34
CA ILE D 190 -27.81 3.94 27.18
C ILE D 190 -27.79 5.16 26.26
N HIS D 191 -28.74 6.08 26.44
CA HIS D 191 -28.81 7.25 25.56
C HIS D 191 -27.68 8.26 25.82
N ARG D 192 -27.56 8.64 27.09
CA ARG D 192 -26.42 9.42 27.60
C ARG D 192 -26.48 10.92 27.26
N ASP D 193 -27.27 11.28 26.25
CA ASP D 193 -27.53 12.67 25.94
C ASP D 193 -29.03 12.82 25.80
N VAL D 194 -29.70 13.37 26.81
CA VAL D 194 -31.17 13.41 26.83
C VAL D 194 -31.66 14.85 26.97
N LYS D 195 -32.27 15.39 25.92
CA LYS D 195 -32.60 16.81 25.88
C LYS D 195 -33.95 17.08 25.22
N PRO D 196 -34.54 18.25 25.53
CA PRO D 196 -35.76 18.69 24.83
C PRO D 196 -35.55 18.65 23.32
N ASP D 197 -34.30 18.84 22.89
CA ASP D 197 -33.91 18.76 21.47
C ASP D 197 -34.20 17.37 20.88
N ASN D 198 -33.95 16.33 21.69
CA ASN D 198 -34.14 14.95 21.27
C ASN D 198 -35.57 14.47 21.44
N MET D 199 -36.43 15.32 22.01
CA MET D 199 -37.86 15.00 22.16
C MET D 199 -38.71 15.74 21.13
N LEU D 200 -39.37 14.99 20.25
CA LEU D 200 -40.29 15.53 19.26
C LEU D 200 -41.76 15.14 19.53
N LEU D 201 -42.67 15.95 18.99
CA LEU D 201 -44.09 15.65 19.10
C LEU D 201 -44.61 15.18 17.73
N ASP D 202 -45.47 14.17 17.74
CA ASP D 202 -46.06 13.70 16.49
C ASP D 202 -47.31 14.52 16.15
N LYS D 203 -48.02 14.14 15.09
CA LYS D 203 -49.24 14.84 14.68
C LYS D 203 -50.31 14.90 15.82
N SER D 204 -50.21 14.02 16.81
CA SER D 204 -51.14 14.02 17.95
C SER D 204 -50.67 14.80 19.17
N GLY D 205 -49.46 15.35 19.11
CA GLY D 205 -48.88 16.01 20.28
C GLY D 205 -48.21 15.07 21.28
N HIS D 206 -48.12 13.79 20.91
CA HIS D 206 -47.36 12.82 21.70
C HIS D 206 -45.86 12.83 21.39
N LEU D 207 -45.09 12.36 22.35
CA LEU D 207 -43.65 12.52 22.31
C LEU D 207 -42.90 11.26 21.86
N LYS D 208 -41.90 11.43 21.00
CA LYS D 208 -40.97 10.35 20.64
C LYS D 208 -39.51 10.85 20.80
N LEU D 209 -38.61 9.98 21.21
CA LEU D 209 -37.19 10.34 21.16
C LEU D 209 -36.64 10.19 19.72
N ALA D 210 -35.78 11.12 19.32
CA ALA D 210 -35.00 11.03 18.07
C ALA D 210 -33.53 11.37 18.41
N ASP D 211 -32.67 11.48 17.40
CA ASP D 211 -31.23 11.74 17.63
C ASP D 211 -30.57 10.78 18.65
N PHE D 212 -30.30 9.55 18.20
CA PHE D 212 -29.61 8.55 19.01
C PHE D 212 -28.09 8.48 18.78
N GLY D 213 -27.56 9.45 18.05
CA GLY D 213 -26.16 9.46 17.65
C GLY D 213 -25.21 9.26 18.81
N THR D 214 -25.70 9.55 20.01
CA THR D 214 -24.86 9.46 21.20
C THR D 214 -24.97 8.10 21.95
N CYS D 215 -25.84 7.22 21.46
CA CYS D 215 -26.20 5.98 22.18
C CYS D 215 -25.18 4.86 22.13
N MET D 216 -24.92 4.26 23.28
CA MET D 216 -23.97 3.18 23.44
C MET D 216 -24.68 1.94 24.00
N LYS D 217 -24.29 0.77 23.51
CA LYS D 217 -24.84 -0.48 24.03
C LYS D 217 -24.22 -0.82 25.40
N MET D 218 -25.08 -1.05 26.40
CA MET D 218 -24.65 -1.56 27.70
C MET D 218 -24.09 -2.96 27.59
N ASN D 219 -23.17 -3.32 28.49
CA ASN D 219 -22.55 -4.64 28.38
C ASN D 219 -23.21 -5.84 29.14
N LYS D 220 -22.99 -5.92 30.45
CA LYS D 220 -23.46 -7.03 31.28
C LYS D 220 -24.09 -6.46 32.54
N GLU D 221 -23.27 -5.70 33.24
CA GLU D 221 -23.68 -4.96 34.41
C GLU D 221 -24.45 -3.69 34.01
N GLY D 222 -24.65 -3.51 32.70
CA GLY D 222 -25.39 -2.37 32.17
C GLY D 222 -24.59 -1.08 32.26
N MET D 223 -23.29 -1.17 31.94
CA MET D 223 -22.37 -0.05 32.07
C MET D 223 -21.78 0.27 30.72
N VAL D 224 -21.20 1.47 30.62
CA VAL D 224 -20.61 1.95 29.38
C VAL D 224 -19.48 2.93 29.70
N ARG D 225 -18.43 2.96 28.87
CA ARG D 225 -17.37 3.97 29.01
C ARG D 225 -17.54 4.97 27.90
N CYS D 226 -17.34 6.25 28.22
CA CYS D 226 -18.00 7.32 27.46
C CYS D 226 -17.97 7.13 25.95
N ASP D 227 -16.81 7.33 25.34
CA ASP D 227 -16.67 7.07 23.91
C ASP D 227 -17.54 7.97 23.00
N THR D 228 -17.89 9.16 23.47
CA THR D 228 -18.07 10.35 22.63
C THR D 228 -17.91 11.61 23.49
N ALA D 229 -17.55 12.72 22.86
CA ALA D 229 -17.46 14.00 23.56
C ALA D 229 -18.88 14.56 23.77
N VAL D 230 -19.01 15.70 24.44
CA VAL D 230 -20.34 16.13 24.90
C VAL D 230 -20.81 17.54 24.47
N GLY D 231 -21.83 17.62 23.61
CA GLY D 231 -22.44 18.90 23.31
C GLY D 231 -23.20 19.42 24.54
N THR D 232 -22.64 20.48 25.11
CA THR D 232 -23.18 21.16 26.29
C THR D 232 -23.18 20.25 27.53
N PRO D 233 -22.84 20.83 28.68
CA PRO D 233 -22.95 20.14 29.97
C PRO D 233 -24.38 20.04 30.51
N ASP D 234 -25.28 20.91 30.03
CA ASP D 234 -26.52 21.24 30.75
C ASP D 234 -27.29 20.04 31.34
N TYR D 235 -27.60 19.03 30.54
CA TYR D 235 -28.35 17.89 31.07
C TYR D 235 -27.50 16.70 31.47
N ILE D 236 -26.20 16.83 31.23
CA ILE D 236 -25.26 15.74 31.45
C ILE D 236 -25.00 15.60 32.95
N SER D 237 -24.86 14.35 33.40
CA SER D 237 -24.73 14.01 34.83
C SER D 237 -23.28 14.09 35.28
N PRO D 238 -23.06 14.20 36.60
CA PRO D 238 -21.73 14.37 37.21
C PRO D 238 -20.77 13.22 36.94
N GLU D 239 -21.27 11.99 37.06
CA GLU D 239 -20.43 10.82 36.80
C GLU D 239 -20.01 10.71 35.34
N VAL D 240 -20.83 11.23 34.43
CA VAL D 240 -20.49 11.28 33.00
C VAL D 240 -19.42 12.33 32.72
N LEU D 241 -19.43 13.40 33.50
CA LEU D 241 -18.45 14.47 33.38
C LEU D 241 -17.12 13.99 33.91
N LYS D 242 -17.14 13.26 35.03
CA LYS D 242 -15.95 12.62 35.57
C LYS D 242 -15.39 11.61 34.55
N SER D 243 -16.30 10.93 33.89
CA SER D 243 -15.98 9.87 32.93
C SER D 243 -15.12 10.35 31.76
N GLN D 244 -15.41 11.54 31.24
CA GLN D 244 -14.57 12.07 30.16
C GLN D 244 -13.15 12.25 30.69
N GLY D 245 -13.01 12.34 32.02
CA GLY D 245 -11.72 12.59 32.68
C GLY D 245 -10.80 11.40 32.62
N GLY D 246 -11.20 10.46 31.75
CA GLY D 246 -10.47 9.27 31.30
C GLY D 246 -10.77 8.01 32.11
N ASP D 247 -10.94 8.18 33.40
CA ASP D 247 -11.92 7.44 34.14
C ASP D 247 -12.13 5.95 33.76
N GLY D 248 -13.35 5.73 33.31
CA GLY D 248 -14.11 4.55 33.61
C GLY D 248 -15.56 4.81 33.23
N TYR D 249 -16.43 4.16 33.97
CA TYR D 249 -17.74 3.71 33.52
C TYR D 249 -18.91 4.25 34.32
N TYR D 250 -20.08 4.20 33.68
CA TYR D 250 -21.35 4.54 34.30
C TYR D 250 -22.50 3.73 33.67
N GLY D 251 -23.62 3.65 34.40
CA GLY D 251 -24.78 2.94 33.93
C GLY D 251 -25.91 3.84 33.45
N ARG D 252 -27.09 3.25 33.30
CA ARG D 252 -28.24 3.93 32.72
C ARG D 252 -28.80 5.05 33.61
N GLU D 253 -28.43 5.04 34.89
CA GLU D 253 -28.98 6.03 35.81
C GLU D 253 -28.54 7.43 35.40
N CYS D 254 -27.57 7.50 34.48
CA CYS D 254 -27.08 8.76 33.98
C CYS D 254 -28.20 9.46 33.22
N ASP D 255 -29.02 8.67 32.52
CA ASP D 255 -30.16 9.20 31.79
C ASP D 255 -31.25 9.76 32.71
N TRP D 256 -31.41 9.16 33.87
CA TRP D 256 -32.42 9.62 34.82
C TRP D 256 -32.08 11.03 35.34
N TRP D 257 -30.79 11.29 35.56
CA TRP D 257 -30.33 12.62 35.88
C TRP D 257 -30.91 13.67 34.90
N SER D 258 -30.74 13.40 33.61
CA SER D 258 -31.21 14.31 32.58
C SER D 258 -32.69 14.62 32.79
N VAL D 259 -33.46 13.59 33.09
CA VAL D 259 -34.89 13.74 33.26
C VAL D 259 -35.18 14.68 34.43
N GLY D 260 -34.48 14.49 35.55
CA GLY D 260 -34.51 15.46 36.63
C GLY D 260 -34.27 16.87 36.08
N VAL D 261 -33.24 17.04 35.25
CA VAL D 261 -32.97 18.36 34.67
C VAL D 261 -34.12 18.85 33.77
N PHE D 262 -34.57 18.01 32.86
CA PHE D 262 -35.71 18.31 31.99
C PHE D 262 -36.94 18.81 32.77
N LEU D 263 -37.28 18.10 33.84
CA LEU D 263 -38.43 18.48 34.64
C LEU D 263 -38.25 19.91 35.17
N TYR D 264 -37.11 20.14 35.81
CA TYR D 264 -36.78 21.44 36.39
C TYR D 264 -36.90 22.55 35.35
N GLU D 265 -36.27 22.36 34.21
CA GLU D 265 -36.31 23.40 33.20
C GLU D 265 -37.74 23.65 32.71
N MET D 266 -38.59 22.64 32.84
CA MET D 266 -39.98 22.77 32.41
C MET D 266 -40.86 23.58 33.37
N LEU D 267 -40.68 23.32 34.67
CA LEU D 267 -41.39 24.06 35.70
C LEU D 267 -40.80 25.44 35.91
N VAL D 268 -39.47 25.48 36.07
CA VAL D 268 -38.75 26.70 36.47
C VAL D 268 -38.31 27.57 35.29
N GLY D 269 -38.46 27.07 34.07
CA GLY D 269 -38.07 27.85 32.88
C GLY D 269 -36.58 27.99 32.63
N ASP D 270 -35.77 27.54 33.59
CA ASP D 270 -34.32 27.56 33.44
C ASP D 270 -33.69 26.24 33.85
N THR D 271 -32.58 25.90 33.20
CA THR D 271 -31.78 24.75 33.63
C THR D 271 -31.23 25.04 35.01
N PRO D 272 -31.18 24.03 35.88
CA PRO D 272 -30.72 24.28 37.25
C PRO D 272 -29.27 24.73 37.29
N PHE D 273 -28.47 24.18 36.41
CA PHE D 273 -27.06 24.41 36.49
C PHE D 273 -26.63 25.50 35.53
N TYR D 274 -27.63 26.17 34.94
CA TYR D 274 -27.35 27.24 34.00
C TYR D 274 -26.36 28.30 34.53
N ALA D 275 -25.41 28.65 33.65
CA ALA D 275 -24.44 29.72 33.86
C ALA D 275 -24.07 30.21 32.45
N ASP D 276 -23.73 31.49 32.31
CA ASP D 276 -23.49 32.03 30.97
C ASP D 276 -22.23 31.48 30.29
N SER D 277 -21.38 30.81 31.07
CA SER D 277 -20.24 30.10 30.49
C SER D 277 -20.38 28.58 30.65
N LEU D 278 -19.64 27.84 29.84
CA LEU D 278 -19.62 26.38 29.89
C LEU D 278 -18.91 25.84 31.16
N VAL D 279 -17.76 26.43 31.49
CA VAL D 279 -16.97 26.05 32.66
C VAL D 279 -17.71 26.37 33.96
N GLY D 280 -18.58 27.38 33.90
CA GLY D 280 -19.41 27.75 35.03
C GLY D 280 -20.48 26.69 35.25
N THR D 281 -21.20 26.35 34.18
CA THR D 281 -22.18 25.30 34.22
C THR D 281 -21.54 24.02 34.75
N TYR D 282 -20.34 23.73 34.24
CA TYR D 282 -19.60 22.53 34.60
C TYR D 282 -19.36 22.49 36.11
N SER D 283 -18.76 23.56 36.64
CA SER D 283 -18.51 23.64 38.07
C SER D 283 -19.77 23.47 38.90
N LYS D 284 -20.90 23.96 38.38
CA LYS D 284 -22.17 23.88 39.09
C LYS D 284 -22.70 22.45 39.23
N ILE D 285 -22.70 21.73 38.11
CA ILE D 285 -23.05 20.31 38.10
C ILE D 285 -22.20 19.56 39.09
N MET D 286 -20.89 19.76 39.00
CA MET D 286 -19.96 19.13 39.91
C MET D 286 -20.32 19.51 41.35
N ASN D 287 -20.74 20.75 41.52
CA ASN D 287 -21.11 21.30 42.82
C ASN D 287 -22.56 20.99 43.26
N HIS D 288 -23.29 20.21 42.45
CA HIS D 288 -24.76 20.13 42.52
C HIS D 288 -25.37 19.99 43.92
N LYS D 289 -24.65 19.37 44.84
CA LYS D 289 -25.10 19.26 46.22
C LYS D 289 -25.36 20.66 46.81
N ASN D 290 -24.36 21.54 46.71
CA ASN D 290 -24.47 22.90 47.20
C ASN D 290 -25.11 23.87 46.19
N SER D 291 -25.13 23.48 44.92
CA SER D 291 -25.47 24.42 43.84
C SER D 291 -26.93 24.38 43.38
N LEU D 292 -27.68 23.41 43.89
CA LEU D 292 -29.04 23.22 43.41
C LEU D 292 -30.01 24.04 44.24
N THR D 293 -30.63 25.01 43.58
CA THR D 293 -31.48 26.00 44.25
C THR D 293 -32.90 25.93 43.74
N PHE D 294 -33.85 25.84 44.67
CA PHE D 294 -35.24 26.00 44.34
C PHE D 294 -35.67 27.43 44.61
N PRO D 295 -36.15 28.11 43.55
CA PRO D 295 -35.99 29.56 43.42
C PRO D 295 -37.00 30.39 44.21
N ASP D 296 -36.95 31.71 43.96
CA ASP D 296 -37.98 32.67 44.36
C ASP D 296 -39.32 32.32 43.71
N ASP D 297 -39.23 31.73 42.51
CA ASP D 297 -40.31 31.68 41.52
C ASP D 297 -41.66 31.19 42.06
N ASN D 298 -41.62 30.45 43.16
CA ASN D 298 -42.81 29.74 43.59
C ASN D 298 -42.56 28.94 44.86
N ASP D 299 -43.64 28.35 45.35
CA ASP D 299 -43.58 27.05 45.96
C ASP D 299 -44.34 26.19 44.95
N ILE D 300 -43.61 25.39 44.17
CA ILE D 300 -44.24 24.41 43.27
C ILE D 300 -44.36 23.12 44.08
N SER D 301 -44.90 22.07 43.47
CA SER D 301 -45.28 20.89 44.24
C SER D 301 -44.17 20.40 45.15
N LYS D 302 -44.53 19.98 46.35
CA LYS D 302 -43.63 19.24 47.23
C LYS D 302 -43.28 17.91 46.55
N GLU D 303 -44.25 17.35 45.83
CA GLU D 303 -44.05 16.11 45.06
C GLU D 303 -43.07 16.32 43.91
N ALA D 304 -43.34 17.34 43.08
CA ALA D 304 -42.46 17.65 41.97
C ALA D 304 -41.03 17.94 42.46
N LYS D 305 -40.89 18.85 43.42
CA LYS D 305 -39.60 19.14 43.98
C LYS D 305 -38.90 17.83 44.35
N ASN D 306 -39.64 16.93 45.01
CA ASN D 306 -39.04 15.71 45.57
C ASN D 306 -38.51 14.75 44.53
N LEU D 307 -39.30 14.57 43.46
CA LEU D 307 -38.87 13.79 42.31
C LEU D 307 -37.59 14.39 41.72
N ILE D 308 -37.66 15.65 41.31
CA ILE D 308 -36.49 16.33 40.79
C ILE D 308 -35.28 16.13 41.72
N CYS D 309 -35.49 16.18 43.03
CA CYS D 309 -34.38 16.01 43.95
C CYS D 309 -33.92 14.57 44.06
N ALA D 310 -34.78 13.64 43.66
CA ALA D 310 -34.42 12.22 43.69
C ALA D 310 -33.63 11.86 42.44
N PHE D 311 -33.90 12.58 41.35
CA PHE D 311 -33.17 12.43 40.11
C PHE D 311 -31.83 13.15 40.15
N LEU D 312 -31.82 14.30 40.81
CA LEU D 312 -30.63 15.18 40.79
C LEU D 312 -29.64 14.85 41.91
N THR D 313 -29.83 13.73 42.59
CA THR D 313 -28.82 13.29 43.54
C THR D 313 -27.72 12.47 42.87
N ASP D 314 -26.78 12.00 43.68
CA ASP D 314 -25.71 11.11 43.23
C ASP D 314 -26.23 9.73 42.82
N ARG D 315 -25.51 9.08 41.91
CA ARG D 315 -25.99 7.85 41.27
C ARG D 315 -26.30 6.67 42.21
N GLU D 316 -25.63 6.60 43.36
CA GLU D 316 -25.79 5.45 44.25
C GLU D 316 -27.14 5.50 44.94
N VAL D 317 -27.51 6.70 45.36
CA VAL D 317 -28.82 6.96 45.94
C VAL D 317 -29.86 7.38 44.88
N ARG D 318 -29.47 7.44 43.60
CA ARG D 318 -30.33 8.03 42.59
C ARG D 318 -31.58 7.21 42.24
N LEU D 319 -32.65 7.89 41.85
CA LEU D 319 -33.92 7.24 41.53
C LEU D 319 -33.87 6.51 40.19
N GLY D 320 -34.22 5.23 40.16
CA GLY D 320 -34.21 4.47 38.93
C GLY D 320 -33.04 3.51 38.84
N ARG D 321 -32.16 3.53 39.83
CA ARG D 321 -31.11 2.52 39.90
C ARG D 321 -31.71 1.12 40.21
N ASN D 322 -32.89 1.12 40.84
CA ASN D 322 -33.63 -0.12 41.13
C ASN D 322 -34.63 -0.48 40.05
N GLY D 323 -34.56 0.23 38.94
CA GLY D 323 -35.46 -0.02 37.83
C GLY D 323 -36.50 1.08 37.69
N VAL D 324 -37.28 0.99 36.61
CA VAL D 324 -38.18 2.04 36.20
C VAL D 324 -39.44 2.10 37.07
N GLU D 325 -39.69 1.05 37.84
CA GLU D 325 -40.93 0.97 38.62
C GLU D 325 -40.94 1.97 39.79
N GLU D 326 -39.87 1.99 40.57
CA GLU D 326 -39.81 2.90 41.72
C GLU D 326 -40.03 4.35 41.25
N ILE D 327 -39.69 4.61 40.00
CA ILE D 327 -39.93 5.90 39.40
C ILE D 327 -41.41 6.09 39.12
N LYS D 328 -42.02 5.07 38.50
CA LYS D 328 -43.43 5.11 38.11
C LYS D 328 -44.39 5.26 39.29
N ARG D 329 -43.95 4.78 40.46
CA ARG D 329 -44.75 4.80 41.68
C ARG D 329 -44.69 6.14 42.41
N HIS D 330 -43.78 7.02 41.97
CA HIS D 330 -43.60 8.32 42.63
C HIS D 330 -44.88 9.12 42.70
N LEU D 331 -45.11 9.71 43.88
CA LEU D 331 -46.39 10.38 44.14
C LEU D 331 -46.63 11.52 43.15
N PHE D 332 -45.55 11.98 42.52
CA PHE D 332 -45.64 13.04 41.54
C PHE D 332 -46.58 12.66 40.38
N PHE D 333 -46.60 11.38 40.02
CA PHE D 333 -47.28 10.95 38.79
C PHE D 333 -48.78 10.69 38.90
N LYS D 334 -49.32 10.71 40.12
CA LYS D 334 -50.78 10.48 40.30
C LYS D 334 -51.62 11.55 39.60
N ASN D 335 -52.59 11.10 38.79
CA ASN D 335 -53.48 12.02 38.10
C ASN D 335 -54.80 11.36 37.70
N ASP D 336 -55.73 12.16 37.18
CA ASP D 336 -57.05 11.68 36.74
C ASP D 336 -57.05 11.18 35.31
N GLN D 337 -56.41 11.94 34.43
CA GLN D 337 -56.62 11.80 33.00
C GLN D 337 -56.00 10.54 32.39
N TRP D 338 -54.81 10.16 32.85
CA TRP D 338 -54.13 9.02 32.24
C TRP D 338 -53.53 8.04 33.27
N ALA D 339 -53.40 6.79 32.84
CA ALA D 339 -52.57 5.83 33.55
C ALA D 339 -51.43 5.37 32.64
N TRP D 340 -50.34 4.90 33.25
CA TRP D 340 -49.10 4.57 32.55
C TRP D 340 -49.30 3.73 31.29
N GLU D 341 -50.23 2.79 31.32
CA GLU D 341 -50.45 1.88 30.21
C GLU D 341 -51.27 2.57 29.10
N THR D 342 -52.13 3.48 29.50
CA THR D 342 -53.05 4.12 28.56
C THR D 342 -52.54 5.48 28.09
N LEU D 343 -51.36 5.87 28.60
CA LEU D 343 -50.83 7.21 28.39
C LEU D 343 -50.93 7.74 26.95
N ARG D 344 -50.56 6.92 25.97
CA ARG D 344 -50.51 7.39 24.59
C ARG D 344 -51.86 7.54 23.86
N ASP D 345 -52.92 7.03 24.45
CA ASP D 345 -54.25 7.18 23.85
C ASP D 345 -54.98 8.36 24.48
N THR D 346 -54.35 8.96 25.48
CA THR D 346 -54.81 10.19 26.09
C THR D 346 -54.72 11.33 25.06
N VAL D 347 -55.53 12.36 25.23
CA VAL D 347 -55.40 13.53 24.37
C VAL D 347 -54.27 14.40 24.90
N ALA D 348 -53.49 14.97 23.98
CA ALA D 348 -52.28 15.72 24.33
C ALA D 348 -52.53 17.18 24.73
N PRO D 349 -51.77 17.69 25.74
CA PRO D 349 -51.77 19.08 26.22
C PRO D 349 -51.70 20.12 25.09
N VAL D 350 -50.94 19.80 24.06
CA VAL D 350 -50.90 20.59 22.85
C VAL D 350 -51.04 19.66 21.66
N VAL D 351 -52.08 19.89 20.87
CA VAL D 351 -52.29 19.14 19.64
C VAL D 351 -52.18 20.09 18.46
N PRO D 352 -51.09 19.96 17.68
CA PRO D 352 -50.74 20.90 16.61
C PRO D 352 -51.85 21.10 15.57
N ASP D 353 -52.10 22.36 15.22
CA ASP D 353 -52.93 22.73 14.08
C ASP D 353 -52.00 22.91 12.88
N LEU D 354 -52.14 22.02 11.89
CA LEU D 354 -51.21 22.01 10.77
C LEU D 354 -51.97 22.27 9.47
N SER D 355 -51.53 23.28 8.73
CA SER D 355 -52.16 23.61 7.46
C SER D 355 -52.20 22.38 6.54
N SER D 356 -51.05 21.78 6.31
CA SER D 356 -50.96 20.58 5.47
C SER D 356 -49.83 19.65 5.91
N ASP D 357 -49.55 18.66 5.08
CA ASP D 357 -48.44 17.75 5.30
C ASP D 357 -47.05 18.42 5.21
N ILE D 358 -46.97 19.66 4.73
CA ILE D 358 -45.70 20.39 4.61
C ILE D 358 -45.44 21.38 5.76
N ASP D 359 -46.38 21.46 6.70
CA ASP D 359 -46.31 22.54 7.69
C ASP D 359 -44.96 22.53 8.46
N THR D 360 -44.25 23.66 8.36
CA THR D 360 -42.93 23.84 8.99
C THR D 360 -43.02 24.58 10.32
N SER D 361 -44.25 24.96 10.71
CA SER D 361 -44.47 25.99 11.73
C SER D 361 -43.64 25.86 13.01
N ASN D 362 -43.39 24.63 13.45
CA ASN D 362 -42.75 24.44 14.76
C ASN D 362 -41.22 24.34 14.67
N PHE D 363 -40.69 24.52 13.46
CA PHE D 363 -39.25 24.51 13.20
C PHE D 363 -38.79 25.86 12.68
N ASP D 364 -37.59 26.26 13.10
CA ASP D 364 -36.96 27.44 12.54
C ASP D 364 -36.65 27.22 11.05
N ASP D 365 -36.62 28.32 10.30
CA ASP D 365 -36.17 28.28 8.91
C ASP D 365 -34.69 27.89 8.85
N LEU D 366 -34.29 27.17 7.81
CA LEU D 366 -32.87 27.02 7.53
C LEU D 366 -32.53 27.47 6.11
N GLU D 367 -31.77 28.56 6.04
CA GLU D 367 -31.51 29.25 4.77
C GLU D 367 -30.96 28.31 3.71
N GLU D 368 -29.70 27.91 3.86
CA GLU D 368 -29.08 26.94 2.94
C GLU D 368 -27.58 26.71 3.18
N ASP D 369 -27.06 25.68 2.53
CA ASP D 369 -25.62 25.54 2.34
C ASP D 369 -25.23 26.37 1.13
N LYS D 370 -25.78 26.01 -0.03
CA LYS D 370 -25.42 26.65 -1.28
C LYS D 370 -23.91 26.49 -1.40
N GLY D 371 -23.41 25.43 -0.75
CA GLY D 371 -22.00 25.19 -0.64
C GLY D 371 -21.49 24.22 -1.70
N GLU D 372 -20.18 24.05 -1.74
CA GLU D 372 -19.53 23.26 -2.77
C GLU D 372 -19.01 21.94 -2.19
N GLU D 373 -19.48 20.83 -2.75
CA GLU D 373 -19.11 19.52 -2.25
C GLU D 373 -17.62 19.28 -2.38
N GLU D 374 -17.00 18.92 -1.26
CA GLU D 374 -15.61 18.52 -1.23
C GLU D 374 -15.47 17.05 -1.60
N THR D 375 -14.39 16.73 -2.32
CA THR D 375 -14.12 15.36 -2.76
C THR D 375 -12.73 14.91 -2.23
N PHE D 376 -12.48 13.60 -2.23
CA PHE D 376 -11.16 13.10 -1.81
C PHE D 376 -10.09 13.18 -2.90
N PRO D 377 -8.81 13.26 -2.47
CA PRO D 377 -7.68 13.06 -3.38
C PRO D 377 -7.85 11.73 -4.11
N ILE D 378 -7.58 11.72 -5.41
CA ILE D 378 -7.70 10.49 -6.20
C ILE D 378 -6.76 9.39 -5.68
N PRO D 379 -7.31 8.21 -5.39
CA PRO D 379 -6.43 7.14 -4.85
C PRO D 379 -5.36 6.73 -5.86
N LYS D 380 -4.10 6.68 -5.44
CA LYS D 380 -3.04 6.10 -6.27
C LYS D 380 -3.06 4.57 -6.10
N ALA D 381 -3.33 4.13 -4.87
CA ALA D 381 -3.64 2.73 -4.58
C ALA D 381 -4.95 2.69 -3.83
N PHE D 382 -5.34 1.52 -3.35
CA PHE D 382 -6.66 1.36 -2.77
C PHE D 382 -6.70 1.94 -1.34
N VAL D 383 -7.48 3.01 -1.16
CA VAL D 383 -7.71 3.68 0.13
C VAL D 383 -8.86 3.08 0.99
N GLY D 384 -9.93 2.66 0.31
CA GLY D 384 -11.10 2.12 0.95
C GLY D 384 -11.94 3.11 1.73
N ASN D 385 -12.08 4.31 1.19
CA ASN D 385 -12.87 5.33 1.88
C ASN D 385 -14.36 5.00 1.96
N GLN D 386 -14.78 3.96 1.25
CA GLN D 386 -16.17 3.57 1.29
C GLN D 386 -16.48 2.43 2.28
N LEU D 387 -15.44 1.78 2.79
CA LEU D 387 -15.61 0.60 3.63
C LEU D 387 -16.34 0.87 4.95
N PRO D 388 -16.08 2.02 5.58
CA PRO D 388 -16.78 2.23 6.87
C PRO D 388 -18.31 2.26 6.72
N PHE D 389 -18.81 2.54 5.53
CA PHE D 389 -20.25 2.69 5.32
C PHE D 389 -20.96 1.46 4.75
N VAL D 390 -20.18 0.42 4.47
CA VAL D 390 -20.75 -0.80 3.95
C VAL D 390 -21.63 -1.49 5.00
N GLY D 391 -22.84 -1.83 4.58
CA GLY D 391 -23.81 -2.52 5.41
C GLY D 391 -24.80 -1.53 6.02
N PHE D 392 -24.73 -0.28 5.60
CA PHE D 392 -25.58 0.73 6.17
C PHE D 392 -26.99 0.72 5.58
N THR D 393 -27.11 0.13 4.39
CA THR D 393 -28.40 0.15 3.69
C THR D 393 -29.44 -0.69 4.42
N TYR D 394 -30.64 -0.11 4.53
CA TYR D 394 -31.77 -0.77 5.14
C TYR D 394 -33.09 -0.35 4.47
N TYR D 395 -33.97 -1.32 4.20
CA TYR D 395 -35.33 -1.02 3.74
C TYR D 395 -36.34 -1.70 4.65
N SER D 396 -37.16 -0.95 5.37
CA SER D 396 -38.23 -1.59 6.13
C SER D 396 -39.28 -1.97 5.09
N ASN D 397 -39.53 -3.26 4.94
CA ASN D 397 -40.19 -3.74 3.71
C ASN D 397 -40.41 -5.25 3.67
O01 07Q E . 39.71 1.19 23.60
C02 07Q E . 40.19 1.19 24.74
N03 07Q E . 41.55 1.70 24.95
C04 07Q E . 41.84 3.09 25.36
C05 07Q E . 41.20 3.43 26.69
C06 07Q E . 41.49 4.16 24.31
C07 07Q E . 40.60 5.21 24.61
C08 07Q E . 40.28 6.18 23.65
C09 07Q E . 40.86 6.12 22.37
C10 07Q E . 41.77 5.09 22.06
O11 07Q E . 42.35 5.00 20.80
C12 07Q E . 42.41 3.75 20.18
C13 07Q E . 42.07 4.10 23.04
N14 07Q E . 39.41 0.66 25.89
C15 07Q E . 38.07 0.06 25.79
N16 07Q E . 37.22 -0.11 26.91
C17 07Q E . 35.91 -0.74 26.55
C18 07Q E . 34.79 -1.06 27.53
C19 07Q E . 34.80 -0.52 28.86
C20 07Q E . 33.76 -0.83 29.75
N21 07Q E . 32.76 -1.63 29.36
C22 07Q E . 32.71 -2.17 28.10
C23 07Q E . 33.73 -1.89 27.17
C24 07Q E . 35.89 -1.03 25.14
S25 07Q E . 37.30 -0.54 24.45
C1 EDO F . 46.48 1.97 16.08
O1 EDO F . 45.34 2.58 16.72
C2 EDO F . 46.05 1.28 14.79
O2 EDO F . 47.14 1.09 13.89
O01 07Q G . 8.12 21.41 -21.92
C02 07Q G . 8.00 21.69 -23.12
N03 07Q G . 8.55 22.95 -23.62
C04 07Q G . 9.73 23.04 -24.52
C05 07Q G . 9.37 22.66 -25.96
C06 07Q G . 10.98 22.30 -24.05
C07 07Q G . 11.30 20.99 -24.48
C08 07Q G . 12.47 20.35 -24.02
C09 07Q G . 13.34 21.02 -23.13
C10 07Q G . 13.03 22.32 -22.70
O11 07Q G . 13.87 23.00 -21.82
C12 07Q G . 13.70 24.37 -21.61
C13 07Q G . 11.86 22.96 -23.16
N14 07Q G . 7.31 20.75 -24.03
C15 07Q G . 6.88 19.43 -23.57
N16 07Q G . 6.17 18.51 -24.37
C17 07Q G . 5.87 17.24 -23.62
C18 07Q G . 5.14 16.04 -24.17
C19 07Q G . 4.70 16.02 -25.51
C20 07Q G . 4.03 14.90 -26.02
N21 07Q G . 3.79 13.85 -25.24
C22 07Q G . 4.19 13.82 -23.95
C23 07Q G . 4.87 14.92 -23.39
C24 07Q G . 6.41 17.34 -22.29
S25 07Q G . 7.14 18.78 -22.09
O01 07Q H . -11.02 -31.25 -17.24
C02 07Q H . -10.49 -32.29 -17.64
N03 07Q H . -9.17 -32.24 -18.28
C04 07Q H . -7.89 -32.30 -17.54
C05 07Q H . -7.66 -33.66 -16.90
C06 07Q H . -7.74 -31.19 -16.49
C07 07Q H . -8.00 -31.44 -15.13
C08 07Q H . -7.86 -30.41 -14.19
C09 07Q H . -7.44 -29.14 -14.60
C10 07Q H . -7.17 -28.88 -15.95
O11 07Q H . -6.77 -27.62 -16.36
C12 07Q H . -7.65 -26.78 -17.03
C13 07Q H . -7.32 -29.91 -16.91
N14 07Q H . -11.19 -33.58 -17.50
C15 07Q H . -12.60 -33.73 -17.11
N16 07Q H . -13.14 -34.93 -16.57
C17 07Q H . -14.61 -34.81 -16.26
C18 07Q H . -15.50 -35.90 -15.68
C19 07Q H . -14.97 -37.14 -15.22
C20 07Q H . -15.82 -38.14 -14.70
N21 07Q H . -17.15 -37.91 -14.63
C22 07Q H . -17.71 -36.73 -15.06
C23 07Q H . -16.89 -35.72 -15.58
C24 07Q H . -15.03 -33.50 -16.62
S25 07Q H . -13.80 -32.60 -17.22
C1 EDO I . -7.40 -22.29 -22.82
O1 EDO I . -8.11 -21.07 -23.15
C2 EDO I . -8.00 -22.96 -21.59
O2 EDO I . -7.03 -23.73 -20.86
O01 07Q J . -30.06 13.96 14.84
C02 07Q J . -30.32 15.16 15.07
N03 07Q J . -29.24 16.13 15.24
C04 07Q J . -28.85 17.09 14.17
C05 07Q J . -30.04 17.85 13.58
C06 07Q J . -28.01 16.47 13.06
C07 07Q J . -28.42 16.54 11.72
C08 07Q J . -27.65 15.97 10.70
C09 07Q J . -26.44 15.32 11.03
C10 07Q J . -26.00 15.23 12.34
O11 07Q J . -24.81 14.58 12.64
C12 07Q J . -24.08 14.86 13.80
C13 07Q J . -26.80 15.80 13.37
N14 07Q J . -31.72 15.61 15.15
C15 07Q J . -32.75 14.95 14.36
N16 07Q J . -34.06 15.44 14.20
C17 07Q J . -34.87 14.53 13.33
C18 07Q J . -36.31 14.76 12.92
C19 07Q J . -36.80 16.09 12.85
C20 07Q J . -38.12 16.32 12.47
N21 07Q J . -38.91 15.29 12.18
C22 07Q J . -38.48 14.01 12.24
C23 07Q J . -37.17 13.71 12.61
C24 07Q J . -34.05 13.43 12.90
S25 07Q J . -32.55 13.56 13.52
C1 EDO K . -19.53 -32.22 6.34
O1 EDO K . -18.84 -31.01 6.71
C2 EDO K . -21.03 -31.96 6.16
O2 EDO K . -21.51 -32.44 4.89
#